data_4PJC
#
_entry.id   4PJC
#
_cell.length_a   213.950
_cell.length_b   70.190
_cell.length_c   143.890
_cell.angle_alpha   90.00
_cell.angle_beta   103.75
_cell.angle_gamma   90.00
#
_symmetry.space_group_name_H-M   'C 1 2 1'
#
loop_
_entity.id
_entity.type
_entity.pdbx_description
1 polymer 'Major histocompatibility complex class I-related gene protein'
2 polymer Beta-2-microglobulin
3 polymer TCR-alpha
4 polymer TCR-beta
5 non-polymer 1-deoxy-1-({2,6-dioxo-5-[(E)-propylideneamino]-1,2,3,6-tetrahydropyrimidin-4-yl}amino)-D-ribitol
6 non-polymer 2-[3-(2-HYDROXY-1,1-DIHYDROXYMETHYL-ETHYLAMINO)-PROPYLAMINO]-2-HYDROXYMETHYL-PROPANE-1,3-DIOL
7 water water
#
loop_
_entity_poly.entity_id
_entity_poly.type
_entity_poly.pdbx_seq_one_letter_code
_entity_poly.pdbx_strand_id
1 'polypeptide(L)'
;MRTHSLRYFRLGVSDPIHGVPEFISVGYVDSHPITTYDSVTRQKEPRAPWMAENLAPDHWERYTQLLRGWQQMFKVELKR
LQRHYNHSGSHTYQRMIGCELLEDGSTTGFLQYAYDGQDFLIFNKDTLSWLAVDNVAHTIKQAWEANQHELLYQKNWLEE
ECIAWLKRFLEYGKDTLQRTEPPLVRVNRKETFPGVTALFCKAHGFYPPEIYMTWMKNGEEIVQEIDYGDILPSGDGTYQ
AWASIELDPQSSNLYSCHVEHSGVHMVLQVP
;
A,C
2 'polypeptide(L)'
;MIQRTPKIQVYSRHPAENGKSNFLNCYVSGFHPSDIEVDLLKNGERIEKVEHSDLSFSKDWSFYLLYYTEFTPTEKDEYA
CRVNHVTLSQPKIVKWDRDM
;
B,D
3 'polypeptide(L)'
;HMGQNIDQPTEMTATEGAIVQINCTYQTSGFNGLFWYQQHAGEAPTFLSYNVLDGLEEKGRFSSFLSRSKGYSYLLLKEL
QMKDSASYLCAVRDSNYQLIWGAGTKLIIKPDIQNPDPAVYQLRDSKSSDKSVCLFTDFDSQTNVSQSKDSDVYITDKCV
LDMRSMDFKSNSAVAWSNKSDFACANAFNNSIIPEDTFFPSPESS
;
E,G
4 'polypeptide(L)'
;HMNAGVTQTPKFQVLKTGQSMTLQCAQDMNHNSMYWYRQDPGMGLRLIYYSASEGTTDKGEVPNGYNVSRLNKREFSLRL
ESAAPSQTSVYFCASSAAVEGGNTIYFGEGSRLTVLEDLKNVFPPEVAVFEPSEAEISHTQKATLVCLATGFYPDHVELS
WWVNGKEVHSGVCTDPQPLKEQPALNDSRYALSSRLRVSATFWQNPRNHFRCQVQFYGLSENDEWTQDRAKPVTQIVSAE
AWGRAD
;
F,H
#
# COMPACT_ATOMS: atom_id res chain seq x y z
N MET A 1 8.03 11.80 -30.93
CA MET A 1 8.77 10.71 -30.28
C MET A 1 7.90 9.77 -29.42
N ARG A 2 8.52 8.79 -28.76
CA ARG A 2 7.84 7.86 -27.86
C ARG A 2 7.51 8.61 -26.57
N THR A 3 6.86 7.96 -25.60
CA THR A 3 6.56 8.59 -24.33
C THR A 3 7.84 8.61 -23.52
N HIS A 4 8.12 9.74 -22.88
CA HIS A 4 9.29 9.97 -22.03
C HIS A 4 8.84 10.60 -20.75
N SER A 5 9.60 10.38 -19.69
CA SER A 5 9.25 10.91 -18.36
C SER A 5 10.44 11.44 -17.63
N LEU A 6 10.19 12.45 -16.78
CA LEU A 6 11.18 13.00 -15.87
C LEU A 6 10.63 12.78 -14.43
N ARG A 7 11.46 12.24 -13.51
CA ARG A 7 11.07 12.02 -12.10
C ARG A 7 12.23 12.24 -11.20
N TYR A 8 11.96 12.70 -9.97
CA TYR A 8 12.91 12.87 -8.89
C TYR A 8 12.31 12.23 -7.66
N PHE A 9 13.13 11.43 -7.00
CA PHE A 9 12.73 10.74 -5.79
C PHE A 9 13.50 11.32 -4.64
N ARG A 10 12.94 11.26 -3.42
CA ARG A 10 13.61 11.63 -2.16
C ARG A 10 13.32 10.54 -1.20
N LEU A 11 14.29 10.16 -0.40
CA LEU A 11 14.17 9.15 0.65
C LEU A 11 14.81 9.70 1.92
N GLY A 12 14.04 9.69 3.00
CA GLY A 12 14.43 10.08 4.34
C GLY A 12 14.29 8.90 5.25
N VAL A 13 15.33 8.60 6.05
CA VAL A 13 15.37 7.49 7.02
C VAL A 13 15.67 8.04 8.36
N SER A 14 14.72 7.87 9.28
CA SER A 14 14.98 8.32 10.63
C SER A 14 15.84 7.19 11.26
N ASP A 15 16.64 7.51 12.21
CA ASP A 15 17.51 6.58 12.91
C ASP A 15 18.24 5.56 12.03
N PRO A 16 18.97 5.98 10.97
CA PRO A 16 19.63 5.01 10.11
C PRO A 16 20.69 4.15 10.79
N ILE A 17 20.84 2.91 10.26
CA ILE A 17 21.86 1.94 10.66
C ILE A 17 23.19 2.52 10.17
N HIS A 18 24.31 1.96 10.64
CA HIS A 18 25.62 2.43 10.17
C HIS A 18 25.74 2.22 8.64
N GLY A 19 26.27 3.23 7.94
CA GLY A 19 26.49 3.16 6.49
C GLY A 19 25.28 3.36 5.59
N VAL A 20 24.15 3.81 6.14
CA VAL A 20 22.98 4.07 5.31
C VAL A 20 22.70 5.60 5.40
N PRO A 21 22.67 6.37 4.26
CA PRO A 21 22.39 7.82 4.34
C PRO A 21 21.06 8.14 4.99
N GLU A 22 20.98 9.30 5.60
CA GLU A 22 19.75 9.78 6.22
C GLU A 22 18.81 10.33 5.11
N PHE A 23 19.39 10.76 4.01
CA PHE A 23 18.69 11.37 2.89
C PHE A 23 19.38 11.06 1.55
N ILE A 24 18.58 10.63 0.59
CA ILE A 24 18.99 10.36 -0.78
C ILE A 24 17.94 11.03 -1.65
N SER A 25 18.39 11.67 -2.74
CA SER A 25 17.53 12.22 -3.79
C SER A 25 18.18 11.91 -5.15
N VAL A 26 17.42 11.20 -5.99
CA VAL A 26 17.84 10.72 -7.32
C VAL A 26 16.84 11.11 -8.40
N GLY A 27 17.36 11.61 -9.51
CA GLY A 27 16.60 11.97 -10.70
C GLY A 27 16.71 10.92 -11.78
N TYR A 28 15.65 10.75 -12.60
CA TYR A 28 15.58 9.79 -13.72
C TYR A 28 14.95 10.39 -14.93
N VAL A 29 15.48 10.07 -16.10
CA VAL A 29 14.84 10.38 -17.38
C VAL A 29 14.57 8.98 -17.88
N ASP A 30 13.27 8.62 -17.99
CA ASP A 30 12.84 7.26 -18.32
C ASP A 30 13.43 6.30 -17.28
N SER A 31 14.20 5.32 -17.71
CA SER A 31 14.85 4.31 -16.88
C SER A 31 16.28 4.71 -16.49
N HIS A 32 16.74 5.86 -16.96
CA HIS A 32 18.10 6.34 -16.74
C HIS A 32 18.26 7.27 -15.56
N PRO A 33 19.05 6.87 -14.53
CA PRO A 33 19.36 7.84 -13.44
C PRO A 33 20.18 8.96 -14.06
N ILE A 34 19.86 10.22 -13.72
CA ILE A 34 20.48 11.42 -14.31
C ILE A 34 21.27 12.28 -13.30
N THR A 35 20.79 12.32 -12.06
CA THR A 35 21.34 13.11 -10.96
C THR A 35 21.26 12.32 -9.67
N THR A 36 22.19 12.59 -8.70
CA THR A 36 22.22 11.96 -7.38
C THR A 36 22.68 12.92 -6.29
N TYR A 37 22.11 12.77 -5.09
CA TYR A 37 22.47 13.56 -3.91
C TYR A 37 22.19 12.70 -2.69
N ASP A 38 23.09 12.78 -1.69
CA ASP A 38 22.84 12.12 -0.40
C ASP A 38 23.40 12.96 0.76
N SER A 39 22.97 12.65 1.99
CA SER A 39 23.40 13.33 3.19
C SER A 39 24.86 13.08 3.55
N VAL A 40 25.55 12.15 2.81
CA VAL A 40 26.98 11.81 3.03
C VAL A 40 27.86 12.67 2.11
N THR A 41 27.64 12.62 0.79
CA THR A 41 28.39 13.41 -0.20
C THR A 41 28.10 14.90 -0.04
N ARG A 42 26.82 15.23 0.23
CA ARG A 42 26.28 16.58 0.40
C ARG A 42 26.42 17.41 -0.89
N GLN A 43 26.52 16.72 -2.04
CA GLN A 43 26.69 17.32 -3.38
C GLN A 43 25.76 16.66 -4.36
N LYS A 44 25.24 17.47 -5.30
CA LYS A 44 24.46 16.97 -6.42
C LYS A 44 25.50 16.60 -7.49
N GLU A 45 25.42 15.34 -8.00
CA GLU A 45 26.36 14.82 -9.01
C GLU A 45 25.62 14.23 -10.21
N PRO A 46 26.23 14.27 -11.43
CA PRO A 46 25.58 13.62 -12.59
C PRO A 46 25.69 12.11 -12.52
N ARG A 47 24.67 11.41 -13.05
CA ARG A 47 24.62 9.96 -13.12
C ARG A 47 24.63 9.48 -14.59
N ALA A 48 24.73 10.43 -15.55
CA ALA A 48 24.80 10.16 -16.99
C ALA A 48 25.88 11.08 -17.59
N PRO A 49 26.76 10.58 -18.51
CA PRO A 49 27.82 11.45 -19.07
C PRO A 49 27.24 12.64 -19.83
N TRP A 50 26.07 12.45 -20.46
CA TRP A 50 25.34 13.48 -21.20
C TRP A 50 24.77 14.59 -20.33
N MET A 51 24.60 14.35 -19.03
CA MET A 51 24.15 15.32 -18.04
C MET A 51 25.35 16.14 -17.63
N ALA A 52 26.51 15.44 -17.40
CA ALA A 52 27.79 16.04 -17.01
C ALA A 52 28.32 16.97 -18.10
N GLU A 53 28.20 16.53 -19.39
CA GLU A 53 28.67 17.24 -20.58
C GLU A 53 27.88 18.53 -20.92
N ASN A 54 26.58 18.58 -20.55
CA ASN A 54 25.63 19.63 -20.91
C ASN A 54 25.20 20.66 -19.88
N LEU A 55 25.46 20.39 -18.59
CA LEU A 55 25.09 21.30 -17.51
C LEU A 55 26.34 21.81 -16.83
N ALA A 56 26.55 23.13 -16.88
CA ALA A 56 27.72 23.82 -16.36
C ALA A 56 27.85 23.66 -14.85
N PRO A 57 29.05 23.87 -14.24
CA PRO A 57 29.17 23.72 -12.77
C PRO A 57 28.17 24.52 -11.93
N ASP A 58 27.72 25.69 -12.41
CA ASP A 58 26.79 26.52 -11.67
C ASP A 58 25.45 25.84 -11.43
N HIS A 59 25.03 24.91 -12.33
CA HIS A 59 23.79 24.14 -12.20
C HIS A 59 23.91 23.23 -10.99
N TRP A 60 25.01 22.41 -10.95
CA TRP A 60 25.32 21.44 -9.89
C TRP A 60 25.53 22.17 -8.55
N GLU A 61 26.24 23.31 -8.56
CA GLU A 61 26.51 24.14 -7.39
C GLU A 61 25.25 24.75 -6.79
N ARG A 62 24.30 25.18 -7.65
CA ARG A 62 23.07 25.80 -7.20
C ARG A 62 22.16 24.77 -6.57
N TYR A 63 21.93 23.66 -7.26
CA TYR A 63 21.11 22.57 -6.81
C TYR A 63 21.63 21.83 -5.59
N THR A 64 22.96 21.81 -5.38
CA THR A 64 23.59 21.25 -4.18
C THR A 64 23.11 22.07 -3.00
N GLN A 65 23.04 23.41 -3.16
CA GLN A 65 22.55 24.31 -2.11
C GLN A 65 21.09 24.04 -1.79
N LEU A 66 20.25 23.97 -2.83
CA LEU A 66 18.82 23.68 -2.67
C LEU A 66 18.56 22.35 -2.01
N LEU A 67 19.33 21.31 -2.38
CA LEU A 67 19.24 19.93 -1.82
C LEU A 67 19.64 19.84 -0.38
N ARG A 68 20.59 20.67 0.06
CA ARG A 68 20.99 20.79 1.46
C ARG A 68 19.83 21.36 2.28
N GLY A 69 19.05 22.27 1.68
CA GLY A 69 17.83 22.80 2.27
C GLY A 69 16.72 21.75 2.29
N TRP A 70 16.50 21.06 1.14
CA TRP A 70 15.47 20.03 0.99
C TRP A 70 15.72 18.88 1.94
N GLN A 71 17.02 18.53 2.17
CA GLN A 71 17.49 17.49 3.07
C GLN A 71 16.98 17.77 4.47
N GLN A 72 17.26 18.98 5.02
CA GLN A 72 16.82 19.44 6.33
C GLN A 72 15.32 19.44 6.51
N MET A 73 14.59 19.85 5.46
CA MET A 73 13.14 19.91 5.43
C MET A 73 12.53 18.53 5.49
N PHE A 74 13.15 17.56 4.81
CA PHE A 74 12.67 16.18 4.76
C PHE A 74 12.73 15.54 6.15
N LYS A 75 13.85 15.74 6.86
CA LYS A 75 14.11 15.26 8.22
C LYS A 75 13.06 15.79 9.17
N VAL A 76 12.81 17.11 9.14
CA VAL A 76 11.80 17.77 9.97
C VAL A 76 10.39 17.17 9.67
N GLU A 77 10.04 16.98 8.40
CA GLU A 77 8.76 16.40 8.03
C GLU A 77 8.59 14.93 8.49
N LEU A 78 9.65 14.11 8.47
CA LEU A 78 9.58 12.73 8.94
C LEU A 78 9.37 12.71 10.46
N LYS A 79 10.00 13.66 11.21
CA LYS A 79 9.92 13.77 12.67
C LYS A 79 8.51 14.12 13.10
N ARG A 80 7.88 15.03 12.38
CA ARG A 80 6.47 15.44 12.54
C ARG A 80 5.50 14.27 12.28
N LEU A 81 5.74 13.44 11.22
CA LEU A 81 4.94 12.24 10.87
C LEU A 81 5.06 11.19 11.97
N GLN A 82 6.28 10.95 12.46
CA GLN A 82 6.54 10.00 13.54
C GLN A 82 5.85 10.40 14.82
N ARG A 83 5.82 11.70 15.15
CA ARG A 83 5.12 12.23 16.33
C ARG A 83 3.58 12.04 16.17
N HIS A 84 3.03 12.37 15.01
CA HIS A 84 1.62 12.19 14.68
C HIS A 84 1.19 10.72 14.83
N TYR A 85 2.01 9.77 14.33
CA TYR A 85 1.77 8.32 14.36
C TYR A 85 2.15 7.72 15.71
N ASN A 86 2.95 8.46 16.52
CA ASN A 86 3.46 8.05 17.82
C ASN A 86 4.39 6.84 17.62
N HIS A 87 5.28 6.95 16.62
CA HIS A 87 6.22 5.90 16.23
C HIS A 87 7.63 6.19 16.71
N SER A 88 8.29 5.16 17.21
CA SER A 88 9.68 5.26 17.63
C SER A 88 10.53 4.45 16.61
N GLY A 89 11.84 4.61 16.70
CA GLY A 89 12.76 3.91 15.84
C GLY A 89 12.88 4.47 14.45
N SER A 90 13.37 3.62 13.55
CA SER A 90 13.62 3.94 12.16
C SER A 90 12.39 3.78 11.27
N HIS A 91 12.01 4.84 10.60
CA HIS A 91 10.85 4.91 9.70
C HIS A 91 11.34 5.62 8.48
N THR A 92 10.69 5.37 7.34
CA THR A 92 11.07 6.00 6.08
C THR A 92 9.99 6.97 5.65
N TYR A 93 10.42 7.96 4.87
CA TYR A 93 9.60 9.00 4.28
C TYR A 93 10.10 9.08 2.84
N GLN A 94 9.16 9.16 1.90
CA GLN A 94 9.49 9.19 0.47
C GLN A 94 8.66 10.17 -0.28
N ARG A 95 9.18 10.63 -1.42
CA ARG A 95 8.57 11.59 -2.33
C ARG A 95 8.97 11.24 -3.72
N MET A 96 8.01 11.32 -4.63
CA MET A 96 8.20 11.16 -6.05
C MET A 96 7.44 12.28 -6.75
N ILE A 97 8.18 13.09 -7.49
CA ILE A 97 7.62 14.16 -8.31
C ILE A 97 8.06 13.89 -9.77
N GLY A 98 7.20 14.20 -10.71
CA GLY A 98 7.55 14.03 -12.10
C GLY A 98 6.44 14.36 -13.07
N CYS A 99 6.73 14.10 -14.34
CA CYS A 99 5.87 14.41 -15.46
C CYS A 99 6.19 13.49 -16.62
N GLU A 100 5.25 13.36 -17.56
CA GLU A 100 5.46 12.60 -18.78
C GLU A 100 5.07 13.45 -19.99
N LEU A 101 5.80 13.31 -21.10
CA LEU A 101 5.52 13.92 -22.39
C LEU A 101 5.13 12.72 -23.25
N LEU A 102 3.83 12.59 -23.53
CA LEU A 102 3.28 11.49 -24.30
C LEU A 102 3.59 11.65 -25.78
N GLU A 103 3.52 10.54 -26.56
CA GLU A 103 3.80 10.56 -28.01
C GLU A 103 2.98 11.60 -28.76
N ASP A 104 1.69 11.76 -28.37
CA ASP A 104 0.70 12.69 -28.92
C ASP A 104 0.87 14.17 -28.57
N GLY A 105 1.79 14.47 -27.67
CA GLY A 105 2.07 15.84 -27.27
C GLY A 105 1.44 16.24 -25.95
N SER A 106 0.50 15.41 -25.48
CA SER A 106 -0.17 15.60 -24.20
C SER A 106 0.78 15.26 -23.05
N THR A 107 0.43 15.73 -21.84
CA THR A 107 1.31 15.62 -20.69
C THR A 107 0.60 15.12 -19.45
N THR A 108 1.35 14.51 -18.52
CA THR A 108 0.87 14.07 -17.22
C THR A 108 1.84 14.58 -16.18
N GLY A 109 1.37 14.72 -14.97
CA GLY A 109 2.16 15.21 -13.84
C GLY A 109 1.74 14.46 -12.60
N PHE A 110 2.69 14.25 -11.70
CA PHE A 110 2.44 13.55 -10.44
C PHE A 110 3.34 14.07 -9.35
N LEU A 111 2.81 14.07 -8.14
CA LEU A 111 3.50 14.42 -6.92
C LEU A 111 2.90 13.61 -5.78
N GLN A 112 3.76 12.77 -5.14
CA GLN A 112 3.28 11.90 -4.08
C GLN A 112 4.30 11.56 -3.08
N TYR A 113 3.79 11.17 -1.88
CA TYR A 113 4.54 10.79 -0.69
C TYR A 113 4.14 9.44 -0.20
N ALA A 114 5.06 8.82 0.53
CA ALA A 114 4.88 7.55 1.20
C ALA A 114 5.46 7.61 2.61
N TYR A 115 4.89 6.84 3.54
CA TYR A 115 5.41 6.66 4.91
C TYR A 115 5.56 5.17 5.07
N ASP A 116 6.77 4.71 5.44
CA ASP A 116 7.13 3.29 5.55
C ASP A 116 6.81 2.51 4.23
N GLY A 117 7.03 3.17 3.10
CA GLY A 117 6.87 2.63 1.74
C GLY A 117 5.46 2.46 1.26
N GLN A 118 4.50 3.03 1.99
CA GLN A 118 3.07 2.96 1.65
C GLN A 118 2.57 4.34 1.30
N ASP A 119 1.69 4.46 0.29
CA ASP A 119 1.06 5.74 -0.12
C ASP A 119 0.62 6.54 1.10
N PHE A 120 0.87 7.86 1.07
CA PHE A 120 0.57 8.73 2.20
C PHE A 120 -0.28 9.92 1.75
N LEU A 121 0.26 10.70 0.80
CA LEU A 121 -0.41 11.86 0.20
C LEU A 121 -0.26 11.81 -1.29
N ILE A 122 -1.37 12.02 -2.04
CA ILE A 122 -1.32 12.07 -3.50
C ILE A 122 -1.83 13.43 -3.93
N PHE A 123 -1.02 14.21 -4.63
CA PHE A 123 -1.44 15.50 -5.14
C PHE A 123 -2.22 15.33 -6.41
N ASN A 124 -3.38 16.03 -6.47
CA ASN A 124 -4.29 16.13 -7.60
C ASN A 124 -4.13 17.53 -8.12
N LYS A 125 -3.37 17.69 -9.23
CA LYS A 125 -3.11 19.01 -9.82
C LYS A 125 -4.34 19.59 -10.56
N ASP A 126 -5.32 18.73 -10.84
CA ASP A 126 -6.54 19.15 -11.52
C ASP A 126 -7.59 19.78 -10.60
N THR A 127 -7.61 19.37 -9.33
CA THR A 127 -8.55 19.94 -8.36
C THR A 127 -7.81 20.81 -7.36
N LEU A 128 -6.46 20.80 -7.42
CA LEU A 128 -5.54 21.50 -6.52
C LEU A 128 -5.78 21.06 -5.09
N SER A 129 -5.57 19.76 -4.87
CA SER A 129 -5.81 19.17 -3.56
C SER A 129 -4.92 17.98 -3.32
N TRP A 130 -4.90 17.54 -2.07
CA TRP A 130 -4.12 16.42 -1.59
C TRP A 130 -5.06 15.33 -1.14
N LEU A 131 -4.79 14.11 -1.56
CA LEU A 131 -5.55 12.94 -1.19
C LEU A 131 -4.77 12.24 -0.09
N ALA A 132 -5.42 12.13 1.07
CA ALA A 132 -4.96 11.58 2.32
C ALA A 132 -5.45 10.15 2.48
N VAL A 133 -4.52 9.20 2.75
CA VAL A 133 -4.84 7.79 2.93
C VAL A 133 -5.34 7.41 4.31
N ASP A 134 -5.11 8.26 5.32
CA ASP A 134 -5.51 8.00 6.72
C ASP A 134 -5.66 9.31 7.44
N ASN A 135 -5.87 9.28 8.74
CA ASN A 135 -6.09 10.43 9.63
C ASN A 135 -4.91 11.30 9.87
N VAL A 136 -3.68 10.74 9.81
CA VAL A 136 -2.46 11.53 9.98
C VAL A 136 -2.24 12.30 8.70
N ALA A 137 -2.36 11.63 7.53
CA ALA A 137 -2.23 12.23 6.19
C ALA A 137 -3.23 13.36 6.02
N HIS A 138 -4.43 13.20 6.63
CA HIS A 138 -5.49 14.20 6.66
C HIS A 138 -5.06 15.49 7.39
N THR A 139 -4.31 15.36 8.49
CA THR A 139 -3.82 16.51 9.25
C THR A 139 -2.87 17.30 8.36
N ILE A 140 -1.96 16.61 7.62
CA ILE A 140 -0.99 17.22 6.69
C ILE A 140 -1.71 17.91 5.55
N LYS A 141 -2.62 17.19 4.89
CA LYS A 141 -3.52 17.65 3.83
C LYS A 141 -4.19 18.99 4.21
N GLN A 142 -4.78 19.10 5.41
CA GLN A 142 -5.45 20.33 5.90
C GLN A 142 -4.46 21.50 5.96
N ALA A 143 -3.24 21.25 6.47
CA ALA A 143 -2.19 22.27 6.58
C ALA A 143 -1.71 22.74 5.21
N TRP A 144 -1.34 21.77 4.33
CA TRP A 144 -0.83 22.03 2.99
C TRP A 144 -1.80 22.69 2.02
N GLU A 145 -3.09 22.35 2.11
CA GLU A 145 -4.16 22.91 1.28
C GLU A 145 -4.50 24.36 1.62
N ALA A 146 -4.14 24.82 2.85
CA ALA A 146 -4.35 26.20 3.29
C ALA A 146 -3.32 27.12 2.58
N ASN A 147 -2.23 26.55 2.00
CA ASN A 147 -1.26 27.31 1.23
C ASN A 147 -1.64 27.27 -0.25
N GLN A 148 -2.48 28.22 -0.66
CA GLN A 148 -2.98 28.35 -2.03
C GLN A 148 -1.88 28.61 -3.04
N HIS A 149 -0.93 29.51 -2.71
CA HIS A 149 0.25 29.83 -3.47
C HIS A 149 1.05 28.58 -3.80
N GLU A 150 1.26 27.67 -2.81
CA GLU A 150 1.98 26.42 -3.01
C GLU A 150 1.25 25.47 -3.94
N LEU A 151 -0.09 25.37 -3.83
CA LEU A 151 -0.89 24.47 -4.69
C LEU A 151 -0.74 24.87 -6.16
N LEU A 152 -0.90 26.16 -6.42
CA LEU A 152 -0.79 26.80 -7.75
C LEU A 152 0.64 26.68 -8.33
N TYR A 153 1.66 26.94 -7.47
CA TYR A 153 3.05 26.86 -7.83
C TYR A 153 3.34 25.45 -8.34
N GLN A 154 2.82 24.47 -7.60
CA GLN A 154 3.03 23.06 -7.87
C GLN A 154 2.49 22.63 -9.20
N LYS A 155 1.27 23.10 -9.53
CA LYS A 155 0.60 22.80 -10.77
C LYS A 155 1.43 23.35 -11.93
N ASN A 156 1.95 24.58 -11.79
CA ASN A 156 2.80 25.19 -12.82
C ASN A 156 4.12 24.38 -12.97
N TRP A 157 4.71 23.91 -11.88
CA TRP A 157 5.95 23.15 -11.97
C TRP A 157 5.73 21.83 -12.68
N LEU A 158 4.68 21.12 -12.27
CA LEU A 158 4.27 19.86 -12.88
C LEU A 158 3.97 19.96 -14.34
N GLU A 159 3.16 20.95 -14.71
CA GLU A 159 2.67 21.15 -16.09
C GLU A 159 3.63 21.87 -17.02
N GLU A 160 4.36 22.89 -16.51
CA GLU A 160 5.21 23.71 -17.35
C GLU A 160 6.71 23.46 -17.21
N GLU A 161 7.23 23.65 -16.00
CA GLU A 161 8.64 23.54 -15.68
C GLU A 161 9.21 22.20 -15.87
N CYS A 162 8.50 21.19 -15.44
CA CYS A 162 8.94 19.80 -15.53
C CYS A 162 9.08 19.37 -17.00
N ILE A 163 8.06 19.73 -17.84
CA ILE A 163 8.00 19.38 -19.26
C ILE A 163 9.15 20.01 -19.98
N ALA A 164 9.47 21.29 -19.65
CA ALA A 164 10.59 22.05 -20.23
C ALA A 164 11.94 21.42 -19.83
N TRP A 165 12.07 20.95 -18.57
CA TRP A 165 13.27 20.26 -18.09
C TRP A 165 13.41 18.92 -18.85
N LEU A 166 12.32 18.16 -18.96
CA LEU A 166 12.28 16.89 -19.68
C LEU A 166 12.76 17.05 -21.13
N LYS A 167 12.23 18.06 -21.84
CA LYS A 167 12.58 18.36 -23.22
C LYS A 167 14.05 18.69 -23.37
N ARG A 168 14.60 19.44 -22.41
CA ARG A 168 16.00 19.85 -22.36
C ARG A 168 16.89 18.62 -22.20
N PHE A 169 16.59 17.75 -21.20
CA PHE A 169 17.34 16.53 -20.91
C PHE A 169 17.27 15.54 -22.05
N LEU A 170 16.11 15.47 -22.77
CA LEU A 170 15.90 14.56 -23.91
C LEU A 170 16.82 14.91 -25.06
N GLU A 171 17.06 16.21 -25.24
CA GLU A 171 17.96 16.72 -26.27
C GLU A 171 19.40 16.33 -25.93
N TYR A 172 19.80 16.55 -24.66
CA TYR A 172 21.12 16.22 -24.14
C TYR A 172 21.44 14.73 -24.34
N GLY A 173 20.52 13.87 -24.01
CA GLY A 173 20.72 12.44 -24.09
C GLY A 173 20.10 11.72 -25.27
N LYS A 174 19.67 12.46 -26.32
CA LYS A 174 19.06 11.90 -27.55
C LYS A 174 19.71 10.65 -28.13
N ASP A 175 21.05 10.59 -28.13
CA ASP A 175 21.83 9.45 -28.64
C ASP A 175 21.59 8.17 -27.81
N THR A 176 21.21 8.34 -26.54
CA THR A 176 20.88 7.24 -25.60
C THR A 176 19.37 6.99 -25.56
N LEU A 177 18.58 8.03 -25.27
CA LEU A 177 17.12 8.01 -25.06
C LEU A 177 16.23 7.84 -26.27
N GLN A 178 16.64 8.40 -27.39
CA GLN A 178 15.84 8.38 -28.59
C GLN A 178 16.27 7.32 -29.59
N ARG A 179 17.23 6.47 -29.22
CA ARG A 179 17.70 5.36 -30.07
C ARG A 179 16.78 4.14 -30.02
N THR A 180 16.98 3.25 -31.00
CA THR A 180 16.28 1.98 -31.06
C THR A 180 17.27 0.88 -31.28
N GLU A 181 17.28 -0.10 -30.38
CA GLU A 181 18.07 -1.30 -30.53
C GLU A 181 17.04 -2.44 -30.64
N PRO A 182 16.75 -2.94 -31.85
CA PRO A 182 15.71 -3.98 -31.98
C PRO A 182 15.99 -5.29 -31.21
N PRO A 183 14.94 -6.02 -30.77
CA PRO A 183 15.19 -7.29 -30.05
C PRO A 183 15.67 -8.42 -30.96
N LEU A 184 16.45 -9.35 -30.39
CA LEU A 184 16.86 -10.60 -31.03
C LEU A 184 15.92 -11.59 -30.36
N VAL A 185 15.02 -12.22 -31.11
CA VAL A 185 14.00 -13.10 -30.52
C VAL A 185 14.19 -14.54 -30.97
N ARG A 186 13.98 -15.49 -30.05
CA ARG A 186 14.03 -16.91 -30.34
C ARG A 186 12.91 -17.64 -29.64
N VAL A 187 12.59 -18.84 -30.13
CA VAL A 187 11.61 -19.72 -29.53
C VAL A 187 12.30 -21.03 -29.17
N ASN A 188 12.16 -21.49 -27.92
CA ASN A 188 12.72 -22.75 -27.43
C ASN A 188 11.56 -23.69 -27.12
N ARG A 189 11.56 -24.88 -27.76
CA ARG A 189 10.57 -25.95 -27.60
C ARG A 189 11.20 -27.09 -26.75
N LYS A 190 10.49 -27.56 -25.71
CA LYS A 190 11.01 -28.65 -24.87
C LYS A 190 9.89 -29.46 -24.23
N GLU A 191 10.05 -30.80 -24.14
CA GLU A 191 9.11 -31.67 -23.43
C GLU A 191 9.58 -31.64 -21.99
N THR A 192 8.75 -31.15 -21.07
CA THR A 192 9.15 -31.01 -19.67
C THR A 192 8.80 -32.25 -18.83
N PHE A 193 7.72 -32.16 -18.02
CA PHE A 193 7.18 -33.30 -17.28
C PHE A 193 6.61 -34.17 -18.41
N PRO A 194 6.69 -35.52 -18.38
CA PRO A 194 6.20 -36.31 -19.55
C PRO A 194 4.85 -35.84 -20.12
N GLY A 195 4.82 -35.62 -21.43
CA GLY A 195 3.63 -35.19 -22.15
C GLY A 195 3.40 -33.69 -22.24
N VAL A 196 3.98 -32.90 -21.33
CA VAL A 196 3.81 -31.44 -21.26
C VAL A 196 4.97 -30.74 -21.96
N THR A 197 4.70 -30.07 -23.10
CA THR A 197 5.71 -29.30 -23.87
C THR A 197 5.66 -27.79 -23.51
N ALA A 198 6.79 -27.21 -23.08
CA ALA A 198 6.83 -25.77 -22.82
C ALA A 198 7.50 -25.08 -23.99
N LEU A 199 6.88 -24.00 -24.49
CA LEU A 199 7.41 -23.15 -25.58
C LEU A 199 7.78 -21.81 -24.96
N PHE A 200 9.05 -21.41 -25.04
CA PHE A 200 9.50 -20.12 -24.51
C PHE A 200 9.83 -19.17 -25.61
N CYS A 201 9.34 -17.94 -25.53
CA CYS A 201 9.67 -16.94 -26.50
C CYS A 201 10.57 -15.93 -25.82
N LYS A 202 11.87 -15.93 -26.16
CA LYS A 202 12.91 -15.14 -25.50
C LYS A 202 13.44 -14.01 -26.36
N ALA A 203 13.44 -12.78 -25.81
CA ALA A 203 13.95 -11.61 -26.52
C ALA A 203 15.09 -10.97 -25.72
N HIS A 204 16.12 -10.45 -26.42
CA HIS A 204 17.23 -9.75 -25.78
C HIS A 204 17.87 -8.72 -26.72
N GLY A 205 18.75 -7.91 -26.15
CA GLY A 205 19.52 -6.89 -26.86
C GLY A 205 18.71 -5.67 -27.31
N PHE A 206 17.55 -5.42 -26.68
CA PHE A 206 16.69 -4.34 -27.09
C PHE A 206 16.68 -3.09 -26.23
N TYR A 207 16.39 -1.96 -26.88
CA TYR A 207 16.25 -0.67 -26.26
C TYR A 207 15.24 0.11 -27.11
N PRO A 208 14.23 0.81 -26.54
CA PRO A 208 13.91 0.97 -25.09
C PRO A 208 13.44 -0.31 -24.39
N PRO A 209 13.39 -0.36 -23.03
CA PRO A 209 12.88 -1.59 -22.37
C PRO A 209 11.43 -2.01 -22.73
N GLU A 210 10.56 -1.08 -23.12
CA GLU A 210 9.18 -1.41 -23.44
C GLU A 210 9.06 -2.32 -24.63
N ILE A 211 8.52 -3.52 -24.37
CA ILE A 211 8.32 -4.55 -25.38
C ILE A 211 7.03 -5.31 -25.07
N TYR A 212 6.27 -5.64 -26.13
CA TYR A 212 5.05 -6.44 -25.98
C TYR A 212 5.38 -7.78 -26.61
N MET A 213 5.13 -8.86 -25.84
CA MET A 213 5.26 -10.25 -26.29
C MET A 213 4.00 -10.96 -25.85
N THR A 214 3.46 -11.81 -26.71
CA THR A 214 2.31 -12.66 -26.48
C THR A 214 2.45 -13.93 -27.33
N TRP A 215 1.59 -14.92 -27.07
CA TRP A 215 1.48 -16.18 -27.80
C TRP A 215 0.09 -16.32 -28.40
N MET A 216 0.03 -16.75 -29.65
CA MET A 216 -1.24 -16.93 -30.35
C MET A 216 -1.39 -18.34 -30.87
N LYS A 217 -2.61 -18.90 -30.79
CA LYS A 217 -2.96 -20.22 -31.30
C LYS A 217 -3.85 -19.95 -32.51
N ASN A 218 -3.34 -20.20 -33.73
CA ASN A 218 -4.02 -19.97 -35.02
C ASN A 218 -4.54 -18.53 -35.23
N GLY A 219 -3.65 -17.54 -35.19
CA GLY A 219 -4.01 -16.13 -35.42
C GLY A 219 -4.85 -15.44 -34.35
N GLU A 220 -5.48 -16.21 -33.45
CA GLU A 220 -6.32 -15.74 -32.33
C GLU A 220 -5.50 -15.80 -31.03
N GLU A 221 -5.75 -14.83 -30.14
CA GLU A 221 -5.09 -14.76 -28.85
C GLU A 221 -5.35 -16.05 -28.10
N ILE A 222 -4.39 -16.44 -27.24
CA ILE A 222 -4.47 -17.66 -26.45
C ILE A 222 -5.69 -17.56 -25.49
N VAL A 223 -6.28 -18.70 -25.08
CA VAL A 223 -7.35 -18.68 -24.06
C VAL A 223 -6.76 -19.31 -22.74
N GLN A 224 -5.54 -19.87 -22.84
CA GLN A 224 -4.78 -20.49 -21.76
C GLN A 224 -3.80 -19.49 -21.13
N GLU A 225 -3.04 -19.94 -20.14
CA GLU A 225 -2.13 -19.08 -19.41
C GLU A 225 -0.78 -18.96 -20.10
N ILE A 226 -0.26 -17.71 -20.11
CA ILE A 226 1.07 -17.32 -20.60
C ILE A 226 1.86 -16.86 -19.38
N ASP A 227 3.07 -17.38 -19.21
CA ASP A 227 3.92 -16.91 -18.12
C ASP A 227 4.80 -15.81 -18.67
N TYR A 228 4.81 -14.67 -18.01
CA TYR A 228 5.61 -13.55 -18.48
C TYR A 228 6.84 -13.38 -17.63
N GLY A 229 7.96 -13.18 -18.31
CA GLY A 229 9.22 -12.88 -17.67
C GLY A 229 9.34 -11.37 -17.61
N ASP A 230 9.94 -10.85 -16.54
CA ASP A 230 10.14 -9.41 -16.35
C ASP A 230 11.13 -8.88 -17.38
N ILE A 231 11.03 -7.59 -17.69
CA ILE A 231 11.95 -6.91 -18.60
C ILE A 231 13.15 -6.56 -17.70
N LEU A 232 14.25 -7.29 -17.88
CA LEU A 232 15.44 -7.18 -17.04
C LEU A 232 16.61 -6.48 -17.73
N PRO A 233 17.38 -5.62 -17.00
CA PRO A 233 18.53 -4.96 -17.64
C PRO A 233 19.67 -5.97 -17.86
N SER A 234 20.14 -6.10 -19.13
CA SER A 234 21.26 -7.02 -19.45
C SER A 234 22.62 -6.50 -18.91
N GLY A 235 22.74 -5.17 -18.73
CA GLY A 235 23.92 -4.53 -18.14
C GLY A 235 24.76 -3.74 -19.14
N ASP A 236 24.34 -3.69 -20.41
CA ASP A 236 25.05 -3.01 -21.49
C ASP A 236 24.18 -1.89 -22.10
N GLY A 237 23.14 -1.47 -21.37
CA GLY A 237 22.18 -0.48 -21.83
C GLY A 237 21.00 -1.12 -22.53
N THR A 238 21.01 -2.46 -22.68
CA THR A 238 19.91 -3.18 -23.33
C THR A 238 19.17 -4.07 -22.36
N TYR A 239 18.01 -4.57 -22.79
CA TYR A 239 17.09 -5.36 -21.99
C TYR A 239 16.74 -6.71 -22.59
N GLN A 240 16.27 -7.62 -21.74
CA GLN A 240 15.82 -8.97 -22.04
C GLN A 240 14.51 -9.28 -21.36
N ALA A 241 13.67 -10.13 -21.99
CA ALA A 241 12.37 -10.58 -21.48
C ALA A 241 11.97 -11.88 -22.20
N TRP A 242 10.90 -12.51 -21.73
CA TRP A 242 10.35 -13.73 -22.29
C TRP A 242 8.88 -13.90 -21.95
N ALA A 243 8.25 -14.84 -22.65
CA ALA A 243 6.85 -15.22 -22.51
C ALA A 243 6.78 -16.72 -22.88
N SER A 244 6.11 -17.53 -22.05
CA SER A 244 6.04 -18.97 -22.30
C SER A 244 4.67 -19.50 -22.09
N ILE A 245 4.42 -20.65 -22.74
CA ILE A 245 3.16 -21.40 -22.70
C ILE A 245 3.46 -22.92 -22.68
N GLU A 246 2.45 -23.76 -22.36
CA GLU A 246 2.52 -25.23 -22.44
C GLU A 246 1.41 -25.76 -23.36
N LEU A 247 1.60 -26.97 -23.91
CA LEU A 247 0.68 -27.66 -24.84
C LEU A 247 0.91 -29.20 -24.88
N LEU A 254 -1.40 -24.99 -33.73
CA LEU A 254 -0.40 -24.09 -34.35
C LEU A 254 -0.12 -22.82 -33.51
N TYR A 255 1.08 -22.76 -32.91
CA TYR A 255 1.48 -21.65 -32.03
C TYR A 255 2.47 -20.65 -32.61
N SER A 256 2.28 -19.37 -32.29
CA SER A 256 3.17 -18.34 -32.77
C SER A 256 3.46 -17.29 -31.73
N CYS A 257 4.70 -16.82 -31.69
CA CYS A 257 5.08 -15.76 -30.76
C CYS A 257 4.97 -14.43 -31.47
N HIS A 258 4.36 -13.45 -30.83
CA HIS A 258 4.22 -12.13 -31.42
C HIS A 258 4.98 -11.13 -30.60
N VAL A 259 5.88 -10.39 -31.24
CA VAL A 259 6.67 -9.37 -30.56
C VAL A 259 6.46 -7.99 -31.17
N GLU A 260 6.16 -6.99 -30.34
CA GLU A 260 6.05 -5.60 -30.80
C GLU A 260 7.06 -4.76 -30.04
N HIS A 261 7.88 -4.02 -30.76
CA HIS A 261 8.90 -3.16 -30.18
C HIS A 261 9.11 -1.95 -31.10
N SER A 262 8.94 -0.74 -30.56
CA SER A 262 9.15 0.51 -31.27
C SER A 262 8.55 0.61 -32.70
N GLY A 263 7.29 0.25 -32.87
CA GLY A 263 6.60 0.32 -34.16
C GLY A 263 6.87 -0.80 -35.13
N VAL A 264 7.65 -1.82 -34.70
CA VAL A 264 8.02 -2.99 -35.51
C VAL A 264 7.42 -4.23 -34.88
N HIS A 265 6.67 -5.00 -35.68
CA HIS A 265 5.98 -6.19 -35.25
C HIS A 265 6.66 -7.42 -35.84
N MET A 266 6.81 -8.46 -35.04
CA MET A 266 7.53 -9.68 -35.39
C MET A 266 6.69 -10.92 -35.04
N VAL A 267 6.72 -11.92 -35.92
CA VAL A 267 6.00 -13.18 -35.71
C VAL A 267 7.03 -14.34 -35.83
N LEU A 268 7.04 -15.26 -34.85
CA LEU A 268 7.86 -16.47 -34.86
C LEU A 268 6.90 -17.66 -34.77
N GLN A 269 6.59 -18.25 -35.91
CA GLN A 269 5.69 -19.38 -36.07
C GLN A 269 6.45 -20.66 -35.66
N VAL A 270 5.82 -21.46 -34.77
CA VAL A 270 6.33 -22.73 -34.29
C VAL A 270 5.70 -23.84 -35.13
N ILE B 2 4.97 -2.48 7.10
CA ILE B 2 5.05 -3.45 5.99
C ILE B 2 6.43 -3.43 5.32
N GLN B 3 7.17 -4.52 5.45
CA GLN B 3 8.51 -4.72 4.88
C GLN B 3 8.37 -5.71 3.74
N ARG B 4 9.04 -5.43 2.64
CA ARG B 4 8.94 -6.27 1.45
C ARG B 4 10.27 -6.89 1.15
N THR B 5 10.27 -8.22 1.04
CA THR B 5 11.44 -9.02 0.78
C THR B 5 11.92 -8.88 -0.68
N PRO B 6 13.25 -8.92 -0.95
CA PRO B 6 13.68 -8.77 -2.33
C PRO B 6 13.40 -9.95 -3.24
N LYS B 7 13.09 -9.64 -4.52
CA LYS B 7 13.03 -10.59 -5.60
C LYS B 7 14.51 -10.58 -6.07
N ILE B 8 15.06 -11.78 -6.37
CA ILE B 8 16.46 -12.00 -6.76
C ILE B 8 16.41 -12.79 -8.05
N GLN B 9 16.93 -12.16 -9.11
CA GLN B 9 16.98 -12.78 -10.43
C GLN B 9 18.43 -12.79 -10.93
N VAL B 10 18.93 -14.01 -11.16
CA VAL B 10 20.31 -14.31 -11.60
C VAL B 10 20.19 -14.78 -13.04
N TYR B 11 20.86 -14.07 -13.95
CA TYR B 11 20.79 -14.33 -15.40
C TYR B 11 22.01 -13.81 -16.10
N SER B 12 22.36 -14.37 -17.24
CA SER B 12 23.50 -13.92 -18.03
C SER B 12 23.07 -12.77 -18.97
N ARG B 13 24.04 -11.92 -19.37
CA ARG B 13 23.79 -10.79 -20.28
C ARG B 13 23.32 -11.25 -21.67
N HIS B 14 24.02 -12.28 -22.21
CA HIS B 14 23.78 -12.93 -23.50
C HIS B 14 23.37 -14.38 -23.27
N PRO B 15 22.68 -15.04 -24.23
CA PRO B 15 22.38 -16.48 -24.08
C PRO B 15 23.69 -17.24 -23.82
N ALA B 16 23.77 -17.93 -22.68
CA ALA B 16 24.96 -18.61 -22.19
C ALA B 16 25.38 -19.87 -22.89
N GLU B 17 26.68 -19.97 -23.13
CA GLU B 17 27.31 -21.14 -23.71
C GLU B 17 28.60 -21.35 -22.94
N ASN B 18 28.79 -22.58 -22.42
CA ASN B 18 30.00 -22.96 -21.67
C ASN B 18 31.24 -22.68 -22.48
N GLY B 19 32.21 -21.99 -21.87
CA GLY B 19 33.47 -21.66 -22.51
C GLY B 19 33.51 -20.37 -23.28
N LYS B 20 32.39 -19.66 -23.33
CA LYS B 20 32.31 -18.38 -24.04
C LYS B 20 32.08 -17.22 -23.07
N SER B 21 32.96 -16.19 -23.09
CA SER B 21 32.91 -15.02 -22.22
C SER B 21 31.54 -14.35 -22.24
N ASN B 22 31.07 -13.99 -21.03
CA ASN B 22 29.76 -13.41 -20.78
C ASN B 22 29.80 -12.53 -19.51
N PHE B 23 28.62 -12.07 -19.05
CA PHE B 23 28.41 -11.31 -17.83
C PHE B 23 27.27 -11.95 -17.07
N LEU B 24 27.45 -12.16 -15.77
CA LEU B 24 26.38 -12.71 -14.94
C LEU B 24 25.77 -11.55 -14.19
N ASN B 25 24.46 -11.45 -14.25
CA ASN B 25 23.73 -10.39 -13.58
C ASN B 25 22.92 -10.94 -12.43
N CYS B 26 22.77 -10.12 -11.39
CA CYS B 26 21.89 -10.36 -10.27
C CYS B 26 21.08 -9.10 -10.05
N TYR B 27 19.81 -9.17 -10.42
CA TYR B 27 18.84 -8.08 -10.29
C TYR B 27 18.03 -8.32 -9.04
N VAL B 28 18.22 -7.42 -8.08
CA VAL B 28 17.59 -7.47 -6.77
C VAL B 28 16.58 -6.35 -6.75
N SER B 29 15.28 -6.66 -6.58
CA SER B 29 14.21 -5.68 -6.68
C SER B 29 13.00 -5.91 -5.76
N GLY B 30 12.10 -4.92 -5.70
CA GLY B 30 10.86 -5.02 -4.92
C GLY B 30 11.01 -5.01 -3.41
N PHE B 31 12.18 -4.61 -2.92
CA PHE B 31 12.47 -4.56 -1.50
C PHE B 31 12.22 -3.22 -0.83
N HIS B 32 11.86 -3.29 0.45
CA HIS B 32 11.64 -2.18 1.33
C HIS B 32 11.82 -2.69 2.75
N PRO B 33 12.59 -2.04 3.65
CA PRO B 33 13.42 -0.84 3.49
C PRO B 33 14.69 -1.03 2.63
N SER B 34 15.49 0.03 2.47
CA SER B 34 16.63 0.14 1.56
C SER B 34 17.91 -0.61 1.87
N ASP B 35 18.19 -0.88 3.17
CA ASP B 35 19.42 -1.58 3.57
C ASP B 35 19.43 -2.99 3.05
N ILE B 36 20.41 -3.28 2.17
CA ILE B 36 20.63 -4.57 1.53
C ILE B 36 22.11 -4.86 1.34
N GLU B 37 22.46 -6.16 1.38
CA GLU B 37 23.80 -6.69 1.16
C GLU B 37 23.67 -7.74 0.05
N VAL B 38 24.39 -7.51 -1.06
CA VAL B 38 24.43 -8.39 -2.24
C VAL B 38 25.89 -8.81 -2.54
N ASP B 39 26.08 -10.10 -2.76
CA ASP B 39 27.36 -10.69 -3.13
C ASP B 39 27.13 -11.70 -4.26
N LEU B 40 28.11 -11.74 -5.18
CA LEU B 40 28.12 -12.72 -6.26
C LEU B 40 29.12 -13.78 -5.85
N LEU B 41 28.70 -15.03 -5.93
CA LEU B 41 29.53 -16.17 -5.54
C LEU B 41 29.88 -17.12 -6.70
N LYS B 42 31.10 -17.64 -6.71
CA LYS B 42 31.54 -18.66 -7.65
C LYS B 42 32.00 -19.83 -6.75
N ASN B 43 31.28 -20.97 -6.79
CA ASN B 43 31.50 -22.16 -5.96
C ASN B 43 31.50 -21.81 -4.47
N GLY B 44 30.48 -21.07 -4.06
CA GLY B 44 30.25 -20.63 -2.69
C GLY B 44 31.22 -19.59 -2.17
N GLU B 45 32.17 -19.16 -3.01
CA GLU B 45 33.19 -18.18 -2.64
C GLU B 45 32.86 -16.85 -3.32
N ARG B 46 32.90 -15.76 -2.54
CA ARG B 46 32.62 -14.38 -2.95
C ARG B 46 33.54 -13.94 -4.09
N ILE B 47 32.95 -13.34 -5.13
CA ILE B 47 33.69 -12.78 -6.27
C ILE B 47 34.12 -11.36 -5.87
N GLU B 48 35.41 -11.04 -5.95
CA GLU B 48 35.91 -9.71 -5.57
C GLU B 48 35.59 -8.64 -6.63
N LYS B 49 35.81 -8.96 -7.93
CA LYS B 49 35.59 -8.05 -9.08
C LYS B 49 34.11 -7.93 -9.45
N VAL B 50 33.33 -7.24 -8.61
CA VAL B 50 31.90 -7.10 -8.85
C VAL B 50 31.44 -5.64 -8.97
N GLU B 51 30.96 -5.26 -10.16
CA GLU B 51 30.43 -3.95 -10.50
C GLU B 51 28.93 -3.86 -10.12
N HIS B 52 28.46 -2.70 -9.65
CA HIS B 52 27.05 -2.53 -9.27
C HIS B 52 26.45 -1.16 -9.49
N SER B 53 25.12 -1.10 -9.60
CA SER B 53 24.43 0.18 -9.77
C SER B 53 24.17 0.76 -8.40
N ASP B 54 23.85 2.03 -8.35
CA ASP B 54 23.47 2.72 -7.13
C ASP B 54 22.06 2.24 -6.80
N LEU B 55 21.62 2.48 -5.56
CA LEU B 55 20.26 2.13 -5.17
C LEU B 55 19.32 2.90 -6.11
N SER B 56 18.31 2.18 -6.61
CA SER B 56 17.34 2.71 -7.55
C SER B 56 15.95 2.71 -6.95
N PHE B 57 15.10 3.64 -7.39
CA PHE B 57 13.77 3.86 -6.86
C PHE B 57 12.65 3.51 -7.80
N SER B 58 11.69 2.68 -7.33
CA SER B 58 10.49 2.31 -8.07
C SER B 58 9.29 3.16 -7.62
N LYS B 59 8.36 3.37 -8.55
CA LYS B 59 7.12 4.11 -8.35
C LYS B 59 6.24 3.48 -7.25
N ASP B 60 6.44 2.19 -6.89
CA ASP B 60 5.66 1.53 -5.82
C ASP B 60 6.34 1.66 -4.44
N TRP B 61 7.37 2.49 -4.38
CA TRP B 61 8.16 2.87 -3.21
C TRP B 61 9.22 1.87 -2.82
N SER B 62 9.35 0.76 -3.56
CA SER B 62 10.36 -0.24 -3.30
C SER B 62 11.65 0.17 -4.01
N PHE B 63 12.73 -0.61 -3.80
CA PHE B 63 14.05 -0.34 -4.36
C PHE B 63 14.54 -1.48 -5.23
N TYR B 64 15.55 -1.21 -6.06
CA TYR B 64 16.18 -2.20 -6.93
C TYR B 64 17.67 -1.88 -7.19
N LEU B 65 18.47 -2.92 -7.53
CA LEU B 65 19.91 -2.82 -7.80
C LEU B 65 20.29 -3.85 -8.85
N LEU B 66 21.37 -3.59 -9.60
CA LEU B 66 21.94 -4.56 -10.54
C LEU B 66 23.41 -4.76 -10.16
N TYR B 67 23.76 -6.01 -9.84
CA TYR B 67 25.10 -6.45 -9.51
C TYR B 67 25.54 -7.35 -10.65
N TYR B 68 26.71 -7.08 -11.22
CA TYR B 68 27.24 -7.88 -12.32
C TYR B 68 28.76 -8.13 -12.24
N THR B 69 29.22 -9.13 -12.99
CA THR B 69 30.62 -9.52 -13.10
C THR B 69 30.84 -10.26 -14.41
N GLU B 70 32.03 -10.08 -15.02
CA GLU B 70 32.42 -10.79 -16.24
C GLU B 70 32.74 -12.22 -15.85
N PHE B 71 32.23 -13.19 -16.62
CA PHE B 71 32.47 -14.62 -16.33
C PHE B 71 32.40 -15.51 -17.58
N THR B 72 33.09 -16.64 -17.53
CA THR B 72 33.07 -17.64 -18.59
C THR B 72 32.40 -18.89 -18.00
N PRO B 73 31.11 -19.15 -18.32
CA PRO B 73 30.44 -20.33 -17.75
C PRO B 73 31.12 -21.64 -18.14
N THR B 74 31.12 -22.63 -17.23
CA THR B 74 31.66 -23.98 -17.42
C THR B 74 30.72 -24.97 -16.71
N GLU B 75 30.73 -26.26 -17.12
CA GLU B 75 29.91 -27.32 -16.52
C GLU B 75 30.17 -27.48 -15.00
N LYS B 76 31.43 -27.42 -14.59
CA LYS B 76 31.88 -27.57 -13.19
C LYS B 76 31.50 -26.41 -12.23
N ASP B 77 31.52 -25.15 -12.73
CA ASP B 77 31.28 -23.95 -11.92
C ASP B 77 29.82 -23.62 -11.61
N GLU B 78 29.55 -23.41 -10.31
CA GLU B 78 28.24 -23.05 -9.79
C GLU B 78 28.31 -21.57 -9.37
N TYR B 79 27.54 -20.72 -10.09
CA TYR B 79 27.48 -19.30 -9.82
C TYR B 79 26.20 -18.99 -9.05
N ALA B 80 26.27 -18.05 -8.11
CA ALA B 80 25.14 -17.72 -7.24
C ALA B 80 25.14 -16.25 -6.81
N CYS B 81 24.00 -15.80 -6.29
CA CYS B 81 23.81 -14.46 -5.76
C CYS B 81 23.33 -14.57 -4.31
N ARG B 82 24.13 -14.05 -3.37
CA ARG B 82 23.82 -14.08 -1.95
C ARG B 82 23.30 -12.72 -1.52
N VAL B 83 22.07 -12.68 -1.03
CA VAL B 83 21.44 -11.44 -0.62
C VAL B 83 21.04 -11.50 0.87
N ASN B 84 21.22 -10.37 1.60
CA ASN B 84 20.71 -10.27 2.98
C ASN B 84 19.91 -8.98 3.12
N HIS B 85 18.79 -9.08 3.82
CA HIS B 85 17.87 -7.97 4.02
C HIS B 85 17.20 -8.20 5.39
N VAL B 86 16.57 -7.19 6.01
CA VAL B 86 15.88 -7.31 7.32
C VAL B 86 14.79 -8.42 7.39
N THR B 87 14.13 -8.62 6.26
CA THR B 87 13.09 -9.61 6.03
C THR B 87 13.65 -11.03 6.02
N LEU B 88 15.00 -11.17 5.96
CA LEU B 88 15.69 -12.46 5.94
C LEU B 88 16.45 -12.70 7.23
N SER B 89 16.18 -13.89 7.85
CA SER B 89 16.80 -14.42 9.08
C SER B 89 18.28 -14.66 8.87
N GLN B 90 18.60 -15.26 7.70
CA GLN B 90 19.96 -15.57 7.27
C GLN B 90 20.08 -15.17 5.80
N PRO B 91 21.31 -14.97 5.25
CA PRO B 91 21.41 -14.61 3.82
C PRO B 91 20.79 -15.66 2.92
N LYS B 92 20.15 -15.21 1.84
CA LYS B 92 19.48 -16.06 0.85
C LYS B 92 20.42 -16.26 -0.31
N ILE B 93 20.80 -17.51 -0.60
CA ILE B 93 21.68 -17.83 -1.73
C ILE B 93 20.80 -18.28 -2.93
N VAL B 94 20.77 -17.45 -3.99
CA VAL B 94 20.03 -17.77 -5.22
C VAL B 94 20.97 -18.20 -6.32
N LYS B 95 20.85 -19.48 -6.73
CA LYS B 95 21.68 -20.13 -7.75
C LYS B 95 21.25 -19.75 -9.16
N TRP B 96 22.24 -19.62 -10.05
CA TRP B 96 22.03 -19.35 -11.46
C TRP B 96 21.59 -20.67 -12.16
N ASP B 97 20.50 -20.60 -12.95
CA ASP B 97 19.87 -21.73 -13.65
C ASP B 97 20.59 -22.28 -14.90
N MET C 1 10.97 -36.08 29.68
CA MET C 1 11.68 -36.96 28.74
C MET C 1 12.67 -36.22 27.85
N ARG C 2 13.39 -36.98 26.97
CA ARG C 2 14.32 -36.42 25.99
C ARG C 2 13.52 -35.72 24.88
N THR C 3 14.20 -35.13 23.92
CA THR C 3 13.54 -34.49 22.78
C THR C 3 13.07 -35.60 21.87
N HIS C 4 11.83 -35.49 21.36
CA HIS C 4 11.21 -36.42 20.43
C HIS C 4 10.60 -35.62 19.30
N SER C 5 10.52 -36.23 18.12
CA SER C 5 9.96 -35.58 16.95
C SER C 5 9.06 -36.49 16.15
N LEU C 6 8.09 -35.89 15.50
CA LEU C 6 7.19 -36.56 14.56
C LEU C 6 7.42 -35.90 13.19
N ARG C 7 7.65 -36.74 12.13
CA ARG C 7 7.80 -36.29 10.75
C ARG C 7 7.23 -37.20 9.69
N TYR C 8 6.73 -36.57 8.62
CA TYR C 8 6.21 -37.26 7.46
C TYR C 8 6.88 -36.69 6.25
N PHE C 9 7.37 -37.59 5.40
CA PHE C 9 8.01 -37.20 4.17
C PHE C 9 7.15 -37.63 3.03
N ARG C 10 7.28 -36.91 1.89
CA ARG C 10 6.64 -37.23 0.63
C ARG C 10 7.67 -37.11 -0.46
N LEU C 11 7.64 -38.09 -1.37
CA LEU C 11 8.52 -38.09 -2.51
C LEU C 11 7.70 -38.36 -3.76
N GLY C 12 7.84 -37.45 -4.72
CA GLY C 12 7.24 -37.54 -6.05
C GLY C 12 8.36 -37.59 -7.08
N VAL C 13 8.30 -38.53 -8.03
CA VAL C 13 9.30 -38.73 -9.11
C VAL C 13 8.56 -38.69 -10.47
N SER C 14 8.95 -37.79 -11.41
CA SER C 14 8.27 -37.51 -12.70
C SER C 14 8.18 -38.51 -13.85
N ASP C 15 9.26 -39.18 -14.14
CA ASP C 15 9.39 -40.17 -15.20
C ASP C 15 10.16 -41.35 -14.53
N PRO C 16 9.55 -42.06 -13.52
CA PRO C 16 10.31 -43.14 -12.84
C PRO C 16 10.72 -44.28 -13.73
N ILE C 17 11.80 -44.99 -13.36
CA ILE C 17 12.28 -46.20 -14.05
C ILE C 17 11.20 -47.28 -13.83
N HIS C 18 11.26 -48.40 -14.58
CA HIS C 18 10.27 -49.47 -14.42
C HIS C 18 10.35 -50.05 -12.99
N GLY C 19 9.18 -50.20 -12.36
CA GLY C 19 9.01 -50.76 -11.02
C GLY C 19 9.41 -49.91 -9.82
N VAL C 20 9.64 -48.60 -10.03
CA VAL C 20 10.02 -47.69 -8.96
C VAL C 20 8.86 -46.72 -8.72
N PRO C 21 8.39 -46.57 -7.46
CA PRO C 21 7.18 -45.76 -7.24
C PRO C 21 7.26 -44.32 -7.68
N GLU C 22 6.14 -43.80 -8.11
CA GLU C 22 5.98 -42.42 -8.56
C GLU C 22 5.80 -41.56 -7.30
N PHE C 23 5.29 -42.16 -6.23
CA PHE C 23 4.98 -41.50 -4.97
C PHE C 23 5.20 -42.42 -3.78
N ILE C 24 5.92 -41.91 -2.79
CA ILE C 24 6.19 -42.58 -1.53
C ILE C 24 5.93 -41.54 -0.45
N SER C 25 5.29 -41.95 0.64
CA SER C 25 5.09 -41.13 1.84
C SER C 25 5.36 -42.02 3.06
N VAL C 26 6.33 -41.62 3.88
CA VAL C 26 6.78 -42.33 5.08
C VAL C 26 6.77 -41.42 6.29
N GLY C 27 6.26 -41.95 7.39
CA GLY C 27 6.21 -41.28 8.69
C GLY C 27 7.30 -41.80 9.61
N TYR C 28 7.81 -40.94 10.50
CA TYR C 28 8.84 -41.27 11.48
C TYR C 28 8.56 -40.70 12.83
N VAL C 29 8.82 -41.47 13.90
CA VAL C 29 8.84 -40.94 15.26
C VAL C 29 10.30 -41.11 15.60
N ASP C 30 11.01 -39.98 15.79
CA ASP C 30 12.46 -39.96 15.98
C ASP C 30 13.12 -40.60 14.75
N SER C 31 13.90 -41.66 14.95
CA SER C 31 14.61 -42.40 13.91
C SER C 31 13.80 -43.62 13.43
N HIS C 32 12.63 -43.83 14.01
CA HIS C 32 11.78 -44.98 13.70
C HIS C 32 10.72 -44.74 12.65
N PRO C 33 10.81 -45.43 11.50
CA PRO C 33 9.70 -45.35 10.53
C PRO C 33 8.45 -45.94 11.19
N ILE C 34 7.29 -45.27 11.08
CA ILE C 34 6.04 -45.64 11.75
C ILE C 34 4.89 -46.03 10.78
N THR C 35 4.86 -45.37 9.61
CA THR C 35 3.85 -45.54 8.57
C THR C 35 4.51 -45.50 7.21
N THR C 36 3.91 -46.19 6.20
CA THR C 36 4.39 -46.18 4.81
C THR C 36 3.25 -46.23 3.80
N TYR C 37 3.43 -45.53 2.68
CA TYR C 37 2.48 -45.51 1.58
C TYR C 37 3.26 -45.30 0.29
N ASP C 38 2.86 -45.99 -0.78
CA ASP C 38 3.43 -45.74 -2.11
C ASP C 38 2.37 -45.90 -3.21
N SER C 39 2.69 -45.42 -4.40
CA SER C 39 1.79 -45.45 -5.56
C SER C 39 1.60 -46.89 -6.10
N VAL C 40 2.37 -47.88 -5.59
CA VAL C 40 2.28 -49.30 -5.98
C VAL C 40 1.30 -50.06 -5.06
N THR C 41 1.55 -50.03 -3.73
CA THR C 41 0.67 -50.70 -2.75
C THR C 41 -0.69 -50.03 -2.70
N ARG C 42 -0.69 -48.68 -2.78
CA ARG C 42 -1.86 -47.81 -2.71
C ARG C 42 -2.56 -47.92 -1.35
N GLN C 43 -1.81 -48.34 -0.31
CA GLN C 43 -2.32 -48.54 1.04
C GLN C 43 -1.36 -47.92 2.05
N LYS C 44 -1.91 -47.36 3.14
CA LYS C 44 -1.11 -46.90 4.26
C LYS C 44 -0.94 -48.14 5.17
N GLU C 45 0.33 -48.46 5.51
CA GLU C 45 0.68 -49.62 6.32
C GLU C 45 1.55 -49.24 7.52
N PRO C 46 1.45 -49.98 8.67
CA PRO C 46 2.36 -49.70 9.80
C PRO C 46 3.78 -50.19 9.51
N ARG C 47 4.77 -49.47 10.06
CA ARG C 47 6.18 -49.79 9.93
C ARG C 47 6.78 -50.14 11.31
N ALA C 48 5.96 -50.14 12.35
CA ALA C 48 6.33 -50.46 13.73
C ALA C 48 5.20 -51.34 14.32
N PRO C 49 5.54 -52.44 15.05
CA PRO C 49 4.48 -53.31 15.60
C PRO C 49 3.58 -52.57 16.59
N TRP C 50 4.16 -51.58 17.30
CA TRP C 50 3.44 -50.73 18.25
C TRP C 50 2.42 -49.78 17.62
N MET C 51 2.57 -49.50 16.31
CA MET C 51 1.66 -48.68 15.52
C MET C 51 0.50 -49.57 15.10
N ALA C 52 0.84 -50.81 14.67
CA ALA C 52 -0.11 -51.84 14.21
C ALA C 52 -1.05 -52.25 15.33
N GLU C 53 -0.54 -52.39 16.56
CA GLU C 53 -1.35 -52.79 17.70
C GLU C 53 -2.33 -51.75 18.18
N ASN C 54 -1.88 -50.49 18.17
CA ASN C 54 -2.59 -49.36 18.74
C ASN C 54 -3.54 -48.54 17.91
N LEU C 55 -3.47 -48.68 16.59
CA LEU C 55 -4.35 -47.95 15.68
C LEU C 55 -5.26 -48.90 14.95
N ALA C 56 -6.57 -48.75 15.18
CA ALA C 56 -7.63 -49.60 14.63
C ALA C 56 -7.67 -49.55 13.11
N PRO C 57 -8.28 -50.56 12.41
CA PRO C 57 -8.34 -50.53 10.93
C PRO C 57 -8.88 -49.24 10.31
N ASP C 58 -9.82 -48.56 10.99
CA ASP C 58 -10.43 -47.34 10.45
C ASP C 58 -9.43 -46.21 10.27
N HIS C 59 -8.32 -46.22 11.06
CA HIS C 59 -7.25 -45.23 10.95
C HIS C 59 -6.55 -45.41 9.63
N TRP C 60 -6.06 -46.64 9.39
CA TRP C 60 -5.35 -47.07 8.18
C TRP C 60 -6.22 -46.89 6.93
N GLU C 61 -7.50 -47.29 7.01
CA GLU C 61 -8.51 -47.15 5.94
C GLU C 61 -8.78 -45.69 5.56
N ARG C 62 -8.85 -44.80 6.55
CA ARG C 62 -9.12 -43.39 6.31
C ARG C 62 -7.95 -42.70 5.66
N TYR C 63 -6.77 -42.89 6.24
CA TYR C 63 -5.53 -42.31 5.73
C TYR C 63 -5.08 -42.85 4.37
N THR C 64 -5.43 -44.10 4.04
CA THR C 64 -5.19 -44.70 2.71
C THR C 64 -5.96 -43.86 1.68
N GLN C 65 -7.20 -43.48 2.02
CA GLN C 65 -8.02 -42.64 1.15
C GLN C 65 -7.39 -41.27 0.95
N LEU C 66 -6.99 -40.62 2.07
CA LEU C 66 -6.36 -39.30 2.02
C LEU C 66 -5.07 -39.32 1.23
N LEU C 67 -4.21 -40.35 1.43
CA LEU C 67 -2.95 -40.54 0.73
C LEU C 67 -3.10 -40.72 -0.76
N ARG C 68 -4.18 -41.40 -1.23
CA ARG C 68 -4.55 -41.55 -2.64
C ARG C 68 -4.85 -40.19 -3.26
N GLY C 69 -5.47 -39.29 -2.48
CA GLY C 69 -5.71 -37.89 -2.85
C GLY C 69 -4.40 -37.10 -2.86
N TRP C 70 -3.59 -37.22 -1.78
CA TRP C 70 -2.32 -36.51 -1.65
C TRP C 70 -1.34 -36.90 -2.74
N GLN C 71 -1.38 -38.22 -3.15
CA GLN C 71 -0.57 -38.79 -4.23
C GLN C 71 -0.81 -38.03 -5.51
N GLN C 72 -2.09 -37.92 -5.95
CA GLN C 72 -2.51 -37.20 -7.15
C GLN C 72 -2.11 -35.74 -7.13
N MET C 73 -2.24 -35.09 -5.95
CA MET C 73 -1.92 -33.69 -5.72
C MET C 73 -0.43 -33.43 -5.86
N PHE C 74 0.39 -34.37 -5.39
CA PHE C 74 1.83 -34.25 -5.44
C PHE C 74 2.32 -34.26 -6.89
N LYS C 75 1.80 -35.19 -7.70
CA LYS C 75 2.10 -35.35 -9.12
C LYS C 75 1.79 -34.06 -9.87
N VAL C 76 0.58 -33.48 -9.66
CA VAL C 76 0.15 -32.22 -10.26
C VAL C 76 1.12 -31.09 -9.85
N GLU C 77 1.54 -31.05 -8.57
CA GLU C 77 2.46 -30.05 -8.07
C GLU C 77 3.90 -30.17 -8.66
N LEU C 78 4.39 -31.38 -8.98
CA LEU C 78 5.71 -31.61 -9.59
C LEU C 78 5.65 -31.20 -11.05
N LYS C 79 4.52 -31.55 -11.69
CA LYS C 79 4.17 -31.25 -13.06
C LYS C 79 4.30 -29.73 -13.29
N ARG C 80 3.79 -28.89 -12.37
CA ARG C 80 3.92 -27.42 -12.56
C ARG C 80 5.32 -26.86 -12.30
N LEU C 81 6.06 -27.48 -11.38
CA LEU C 81 7.44 -27.09 -11.08
C LEU C 81 8.37 -27.38 -12.26
N GLN C 82 8.33 -28.64 -12.75
CA GLN C 82 9.14 -29.09 -13.88
C GLN C 82 8.86 -28.28 -15.15
N ARG C 83 7.59 -27.91 -15.40
CA ARG C 83 7.25 -27.04 -16.52
C ARG C 83 7.85 -25.63 -16.34
N HIS C 84 7.82 -25.06 -15.12
CA HIS C 84 8.37 -23.72 -14.85
C HIS C 84 9.85 -23.61 -14.86
N TYR C 85 10.53 -24.70 -14.53
CA TYR C 85 11.99 -24.77 -14.57
C TYR C 85 12.46 -25.09 -15.99
N ASN C 86 11.53 -25.57 -16.85
CA ASN C 86 11.77 -25.94 -18.25
C ASN C 86 12.77 -27.10 -18.27
N HIS C 87 12.50 -28.12 -17.44
CA HIS C 87 13.33 -29.31 -17.25
C HIS C 87 12.75 -30.52 -17.95
N SER C 88 13.60 -31.32 -18.56
CA SER C 88 13.20 -32.57 -19.17
C SER C 88 13.66 -33.76 -18.29
N GLY C 89 13.10 -34.93 -18.56
CA GLY C 89 13.42 -36.16 -17.85
C GLY C 89 12.83 -36.25 -16.47
N SER C 90 13.45 -37.09 -15.63
CA SER C 90 13.04 -37.39 -14.28
C SER C 90 13.57 -36.42 -13.27
N HIS C 91 12.63 -35.82 -12.52
CA HIS C 91 12.90 -34.85 -11.45
C HIS C 91 12.13 -35.25 -10.24
N THR C 92 12.63 -34.88 -9.05
CA THR C 92 12.00 -35.22 -7.79
C THR C 92 11.39 -34.01 -7.14
N TYR C 93 10.39 -34.24 -6.29
CA TYR C 93 9.65 -33.27 -5.48
C TYR C 93 9.55 -33.92 -4.12
N GLN C 94 9.79 -33.14 -3.07
CA GLN C 94 9.78 -33.65 -1.69
C GLN C 94 9.12 -32.73 -0.75
N ARG C 95 8.61 -33.27 0.33
CA ARG C 95 8.00 -32.53 1.41
C ARG C 95 8.39 -33.20 2.68
N MET C 96 8.62 -32.38 3.70
CA MET C 96 8.86 -32.80 5.07
C MET C 96 8.03 -31.89 5.97
N ILE C 97 7.13 -32.49 6.72
CA ILE C 97 6.32 -31.80 7.72
C ILE C 97 6.57 -32.49 9.05
N GLY C 98 6.53 -31.73 10.13
CA GLY C 98 6.72 -32.30 11.45
C GLY C 98 6.78 -31.30 12.58
N CYS C 99 7.08 -31.83 13.76
CA CYS C 99 7.14 -31.07 15.01
C CYS C 99 8.08 -31.77 15.98
N GLU C 100 8.54 -31.05 17.00
CA GLU C 100 9.37 -31.62 18.06
C GLU C 100 8.81 -31.21 19.41
N LEU C 101 8.87 -32.10 20.39
CA LEU C 101 8.50 -31.88 21.78
C LEU C 101 9.86 -31.94 22.48
N LEU C 102 10.37 -30.77 22.87
CA LEU C 102 11.69 -30.65 23.51
C LEU C 102 11.61 -31.09 24.96
N GLU C 103 12.76 -31.43 25.57
CA GLU C 103 12.84 -31.89 26.97
C GLU C 103 12.15 -30.94 27.95
N ASP C 104 12.34 -29.62 27.72
CA ASP C 104 11.79 -28.49 28.51
C ASP C 104 10.28 -28.23 28.36
N GLY C 105 9.63 -28.91 27.42
CA GLY C 105 8.19 -28.76 27.21
C GLY C 105 7.85 -27.88 26.04
N SER C 106 8.85 -27.14 25.53
CA SER C 106 8.68 -26.27 24.38
C SER C 106 8.59 -27.09 23.11
N THR C 107 8.07 -26.48 22.04
CA THR C 107 7.79 -27.18 20.81
C THR C 107 8.30 -26.43 19.60
N THR C 108 8.57 -27.16 18.53
CA THR C 108 8.98 -26.62 17.24
C THR C 108 8.09 -27.29 16.19
N GLY C 109 7.92 -26.62 15.08
CA GLY C 109 7.13 -27.10 13.95
C GLY C 109 7.82 -26.70 12.66
N PHE C 110 7.70 -27.56 11.63
CA PHE C 110 8.35 -27.30 10.35
C PHE C 110 7.57 -27.87 9.23
N LEU C 111 7.66 -27.19 8.08
CA LEU C 111 7.04 -27.59 6.84
C LEU C 111 7.89 -27.08 5.70
N GLN C 112 8.41 -28.00 4.91
CA GLN C 112 9.29 -27.63 3.80
C GLN C 112 9.26 -28.56 2.64
N TYR C 113 9.64 -28.02 1.48
CA TYR C 113 9.70 -28.68 0.18
C TYR C 113 11.06 -28.58 -0.43
N ALA C 114 11.35 -29.54 -1.31
CA ALA C 114 12.58 -29.60 -2.09
C ALA C 114 12.26 -29.96 -3.53
N TYR C 115 13.07 -29.47 -4.47
CA TYR C 115 13.00 -29.85 -5.87
C TYR C 115 14.40 -30.36 -6.21
N ASP C 116 14.50 -31.60 -6.74
CA ASP C 116 15.76 -32.30 -7.02
C ASP C 116 16.69 -32.34 -5.77
N GLY C 117 16.08 -32.55 -4.59
CA GLY C 117 16.75 -32.68 -3.29
C GLY C 117 17.34 -31.41 -2.72
N GLN C 118 17.00 -30.25 -3.30
CA GLN C 118 17.46 -28.94 -2.86
C GLN C 118 16.29 -28.15 -2.32
N ASP C 119 16.47 -27.40 -1.21
CA ASP C 119 15.46 -26.55 -0.59
C ASP C 119 14.67 -25.77 -1.66
N PHE C 120 13.33 -25.69 -1.52
CA PHE C 120 12.47 -25.03 -2.49
C PHE C 120 11.61 -23.97 -1.82
N LEU C 121 10.78 -24.40 -0.85
CA LEU C 121 9.91 -23.55 -0.04
C LEU C 121 10.06 -23.89 1.40
N ILE C 122 10.22 -22.89 2.28
CA ILE C 122 10.31 -23.11 3.72
C ILE C 122 9.19 -22.33 4.38
N PHE C 123 8.28 -23.03 5.07
CA PHE C 123 7.21 -22.39 5.81
C PHE C 123 7.78 -21.76 7.08
N ASN C 124 7.26 -20.58 7.42
CA ASN C 124 7.56 -19.86 8.66
C ASN C 124 6.23 -19.69 9.35
N LYS C 125 5.94 -20.51 10.37
CA LYS C 125 4.68 -20.49 11.09
C LYS C 125 4.55 -19.28 12.03
N ASP C 126 5.66 -18.61 12.33
CA ASP C 126 5.65 -17.43 13.19
C ASP C 126 5.31 -16.14 12.47
N THR C 127 5.64 -16.04 11.18
CA THR C 127 5.31 -14.85 10.38
C THR C 127 4.20 -15.15 9.41
N LEU C 128 3.81 -16.44 9.30
CA LEU C 128 2.79 -16.97 8.40
C LEU C 128 3.16 -16.67 6.96
N SER C 129 4.32 -17.18 6.55
CA SER C 129 4.85 -16.93 5.21
C SER C 129 5.68 -18.08 4.73
N TRP C 130 5.98 -18.04 3.42
CA TRP C 130 6.77 -19.01 2.70
C TRP C 130 8.04 -18.34 2.22
N LEU C 131 9.16 -18.99 2.43
CA LEU C 131 10.44 -18.53 1.98
C LEU C 131 10.75 -19.31 0.72
N ALA C 132 10.94 -18.56 -0.38
CA ALA C 132 11.24 -18.99 -1.73
C ALA C 132 12.73 -18.87 -2.02
N VAL C 133 13.39 -19.96 -2.41
CA VAL C 133 14.84 -19.98 -2.72
C VAL C 133 15.17 -19.51 -4.17
N ASP C 134 14.17 -19.50 -5.07
CA ASP C 134 14.31 -19.11 -6.46
C ASP C 134 13.01 -18.59 -7.06
N ASN C 135 13.01 -18.26 -8.37
CA ASN C 135 11.86 -17.66 -9.05
C ASN C 135 10.67 -18.56 -9.34
N VAL C 136 10.92 -19.89 -9.36
CA VAL C 136 9.84 -20.88 -9.47
C VAL C 136 9.10 -20.92 -8.13
N ALA C 137 9.86 -21.05 -7.04
CA ALA C 137 9.40 -21.07 -5.65
C ALA C 137 8.62 -19.78 -5.37
N HIS C 138 9.11 -18.63 -5.87
CA HIS C 138 8.49 -17.33 -5.71
C HIS C 138 7.07 -17.25 -6.27
N THR C 139 6.84 -17.87 -7.44
CA THR C 139 5.51 -17.89 -8.05
C THR C 139 4.58 -18.69 -7.15
N ILE C 140 5.05 -19.84 -6.62
CA ILE C 140 4.31 -20.70 -5.71
C ILE C 140 3.99 -19.95 -4.42
N LYS C 141 5.02 -19.37 -3.77
CA LYS C 141 4.94 -18.54 -2.56
C LYS C 141 3.83 -17.47 -2.68
N GLN C 142 3.77 -16.72 -3.81
CA GLN C 142 2.76 -15.69 -4.07
C GLN C 142 1.35 -16.28 -4.06
N ALA C 143 1.15 -17.44 -4.70
CA ALA C 143 -0.13 -18.14 -4.79
C ALA C 143 -0.56 -18.67 -3.42
N TRP C 144 0.33 -19.41 -2.74
CA TRP C 144 0.09 -20.01 -1.43
C TRP C 144 -0.16 -19.02 -0.29
N GLU C 145 0.53 -17.88 -0.29
CA GLU C 145 0.35 -16.82 0.72
C GLU C 145 -0.95 -16.05 0.59
N ALA C 146 -1.59 -16.08 -0.59
CA ALA C 146 -2.90 -15.43 -0.83
C ALA C 146 -4.02 -16.28 -0.16
N ASN C 147 -3.69 -17.52 0.21
CA ASN C 147 -4.59 -18.42 0.92
C ASN C 147 -4.32 -18.31 2.43
N GLN C 148 -4.91 -17.27 3.07
CA GLN C 148 -4.78 -16.96 4.49
C GLN C 148 -5.28 -18.10 5.35
N HIS C 149 -6.43 -18.71 4.96
CA HIS C 149 -7.03 -19.90 5.61
C HIS C 149 -6.03 -21.05 5.71
N GLU C 150 -5.29 -21.32 4.63
CA GLU C 150 -4.26 -22.36 4.61
C GLU C 150 -3.06 -22.05 5.49
N LEU C 151 -2.62 -20.78 5.54
CA LEU C 151 -1.49 -20.36 6.39
C LEU C 151 -1.82 -20.62 7.85
N LEU C 152 -3.00 -20.18 8.25
CA LEU C 152 -3.55 -20.31 9.60
C LEU C 152 -3.79 -21.78 9.99
N TYR C 153 -4.36 -22.59 9.07
CA TYR C 153 -4.63 -24.00 9.26
C TYR C 153 -3.30 -24.73 9.53
N GLN C 154 -2.29 -24.41 8.72
CA GLN C 154 -0.96 -25.02 8.79
C GLN C 154 -0.25 -24.77 10.12
N LYS C 155 -0.40 -23.55 10.67
CA LYS C 155 0.15 -23.16 11.95
C LYS C 155 -0.49 -23.99 13.05
N ASN C 156 -1.83 -24.16 12.98
CA ASN C 156 -2.56 -24.95 13.98
C ASN C 156 -2.14 -26.41 13.91
N TRP C 157 -1.94 -26.96 12.70
CA TRP C 157 -1.58 -28.36 12.56
C TRP C 157 -0.21 -28.62 13.15
N LEU C 158 0.77 -27.78 12.79
CA LEU C 158 2.14 -27.84 13.30
C LEU C 158 2.24 -27.69 14.80
N GLU C 159 1.54 -26.66 15.34
CA GLU C 159 1.60 -26.35 16.77
C GLU C 159 0.73 -27.21 17.67
N GLU C 160 -0.48 -27.57 17.20
CA GLU C 160 -1.45 -28.29 18.04
C GLU C 160 -1.65 -29.75 17.70
N GLU C 161 -2.07 -30.02 16.48
CA GLU C 161 -2.38 -31.36 15.98
C GLU C 161 -1.20 -32.28 15.93
N CYS C 162 -0.05 -31.81 15.43
CA CYS C 162 1.18 -32.61 15.30
C CYS C 162 1.71 -33.01 16.67
N ILE C 163 1.71 -32.05 17.65
CA ILE C 163 2.19 -32.28 18.99
C ILE C 163 1.33 -33.36 19.65
N ALA C 164 -0.01 -33.31 19.47
CA ALA C 164 -0.96 -34.28 20.00
C ALA C 164 -0.72 -35.67 19.39
N TRP C 165 -0.44 -35.74 18.07
CA TRP C 165 -0.12 -36.99 17.38
C TRP C 165 1.17 -37.58 17.95
N LEU C 166 2.22 -36.75 18.09
CA LEU C 166 3.51 -37.13 18.65
C LEU C 166 3.37 -37.75 20.04
N LYS C 167 2.60 -37.08 20.91
CA LYS C 167 2.34 -37.52 22.29
C LYS C 167 1.66 -38.91 22.33
N ARG C 168 0.71 -39.10 21.42
CA ARG C 168 -0.04 -40.33 21.26
C ARG C 168 0.88 -41.48 20.84
N PHE C 169 1.69 -41.26 19.78
CA PHE C 169 2.62 -42.25 19.23
C PHE C 169 3.70 -42.61 20.22
N LEU C 170 4.13 -41.60 20.98
CA LEU C 170 5.13 -41.67 22.02
C LEU C 170 4.74 -42.64 23.14
N GLU C 171 3.45 -42.70 23.48
CA GLU C 171 2.87 -43.57 24.46
C GLU C 171 2.82 -45.00 23.90
N TYR C 172 2.36 -45.14 22.64
CA TYR C 172 2.26 -46.43 21.94
C TYR C 172 3.62 -47.13 21.90
N GLY C 173 4.67 -46.39 21.55
CA GLY C 173 6.02 -46.96 21.44
C GLY C 173 6.99 -46.72 22.57
N LYS C 174 6.53 -46.24 23.74
CA LYS C 174 7.35 -45.97 24.94
C LYS C 174 8.43 -47.00 25.28
N ASP C 175 8.14 -48.29 25.14
CA ASP C 175 9.10 -49.39 25.39
C ASP C 175 10.31 -49.35 24.45
N THR C 176 10.11 -48.79 23.23
CA THR C 176 11.13 -48.64 22.19
C THR C 176 11.78 -47.25 22.27
N LEU C 177 10.95 -46.18 22.24
CA LEU C 177 11.32 -44.76 22.17
C LEU C 177 11.87 -44.13 23.42
N GLN C 178 11.35 -44.54 24.58
CA GLN C 178 11.73 -43.97 25.86
C GLN C 178 12.76 -44.76 26.61
N ARG C 179 13.30 -45.82 26.01
CA ARG C 179 14.34 -46.64 26.63
C ARG C 179 15.75 -46.06 26.46
N THR C 180 16.68 -46.59 27.25
CA THR C 180 18.07 -46.21 27.18
C THR C 180 18.86 -47.46 27.17
N GLU C 181 19.68 -47.62 26.15
CA GLU C 181 20.64 -48.74 26.08
C GLU C 181 22.00 -48.06 26.10
N PRO C 182 22.70 -48.01 27.26
CA PRO C 182 24.00 -47.32 27.31
C PRO C 182 25.06 -47.88 26.34
N PRO C 183 26.00 -47.02 25.88
CA PRO C 183 27.06 -47.53 25.00
C PRO C 183 28.09 -48.37 25.73
N LEU C 184 28.70 -49.34 25.01
CA LEU C 184 29.84 -50.14 25.46
C LEU C 184 30.97 -49.46 24.73
N VAL C 185 31.89 -48.84 25.47
CA VAL C 185 32.98 -48.07 24.87
C VAL C 185 34.34 -48.72 25.10
N ARG C 186 35.18 -48.72 24.06
CA ARG C 186 36.53 -49.24 24.14
C ARG C 186 37.49 -48.32 23.43
N VAL C 187 38.78 -48.46 23.75
CA VAL C 187 39.83 -47.69 23.12
C VAL C 187 40.82 -48.68 22.50
N ASN C 188 41.15 -48.51 21.20
CA ASN C 188 42.10 -49.35 20.49
C ASN C 188 43.28 -48.53 19.97
N ARG C 189 44.39 -49.22 19.70
CA ARG C 189 45.58 -48.63 19.11
C ARG C 189 45.73 -49.29 17.72
N LYS C 190 45.63 -48.50 16.63
CA LYS C 190 45.73 -49.00 15.26
C LYS C 190 46.90 -48.38 14.51
N THR C 197 50.87 -43.55 14.55
CA THR C 197 49.94 -44.34 15.37
C THR C 197 48.67 -43.56 15.78
N ALA C 198 47.52 -44.25 15.78
CA ALA C 198 46.23 -43.70 16.11
C ALA C 198 45.54 -44.44 17.28
N LEU C 199 44.76 -43.71 18.05
CA LEU C 199 43.95 -44.20 19.16
C LEU C 199 42.49 -44.06 18.69
N PHE C 200 41.73 -45.16 18.70
CA PHE C 200 40.32 -45.14 18.29
C PHE C 200 39.44 -45.34 19.49
N CYS C 201 38.43 -44.50 19.62
CA CYS C 201 37.48 -44.64 20.69
C CYS C 201 36.18 -45.13 20.07
N LYS C 202 35.84 -46.40 20.29
CA LYS C 202 34.70 -47.07 19.68
C LYS C 202 33.57 -47.35 20.65
N ALA C 203 32.34 -46.93 20.28
CA ALA C 203 31.16 -47.18 21.09
C ALA C 203 30.14 -48.00 20.29
N HIS C 204 29.42 -48.91 20.95
CA HIS C 204 28.36 -49.69 20.33
C HIS C 204 27.30 -50.12 21.34
N GLY C 205 26.19 -50.65 20.80
CA GLY C 205 25.09 -51.19 21.57
C GLY C 205 24.21 -50.16 22.23
N PHE C 206 24.27 -48.89 21.75
CA PHE C 206 23.54 -47.80 22.37
C PHE C 206 22.27 -47.33 21.67
N TYR C 207 21.33 -46.87 22.50
CA TYR C 207 20.07 -46.32 22.08
C TYR C 207 19.72 -45.25 23.12
N PRO C 208 19.26 -44.03 22.73
CA PRO C 208 19.02 -43.51 21.36
C PRO C 208 20.30 -43.29 20.53
N PRO C 209 20.23 -43.09 19.19
CA PRO C 209 21.48 -42.84 18.42
C PRO C 209 22.30 -41.61 18.81
N GLU C 210 21.68 -40.58 19.42
CA GLU C 210 22.42 -39.36 19.81
C GLU C 210 23.48 -39.65 20.85
N ILE C 211 24.73 -39.39 20.48
CA ILE C 211 25.91 -39.61 21.30
C ILE C 211 26.95 -38.53 20.99
N TYR C 212 27.64 -38.02 22.00
CA TYR C 212 28.73 -37.08 21.84
C TYR C 212 30.02 -37.83 22.27
N MET C 213 31.01 -37.87 21.38
CA MET C 213 32.29 -38.48 21.66
C MET C 213 33.47 -37.68 21.17
N THR C 214 34.43 -37.42 22.08
CA THR C 214 35.59 -36.61 21.81
C THR C 214 36.86 -37.16 22.48
N TRP C 215 38.00 -36.53 22.18
CA TRP C 215 39.29 -36.84 22.72
C TRP C 215 39.86 -35.62 23.39
N MET C 216 40.49 -35.81 24.53
CA MET C 216 41.14 -34.74 25.27
C MET C 216 42.58 -35.09 25.54
N LYS C 217 43.49 -34.12 25.34
CA LYS C 217 44.92 -34.23 25.63
C LYS C 217 45.13 -33.36 26.84
N ASN C 218 45.38 -33.95 28.02
CA ASN C 218 45.59 -33.26 29.30
C ASN C 218 44.45 -32.26 29.71
N GLY C 219 43.22 -32.76 29.85
CA GLY C 219 42.09 -31.95 30.26
C GLY C 219 41.55 -30.92 29.28
N GLU C 220 42.33 -30.57 28.24
CA GLU C 220 41.98 -29.63 27.16
C GLU C 220 41.55 -30.40 25.90
N GLU C 221 40.56 -29.90 25.12
CA GLU C 221 40.06 -30.60 23.93
C GLU C 221 40.83 -30.39 22.62
N ILE C 222 41.32 -31.52 22.04
CA ILE C 222 42.04 -31.60 20.78
C ILE C 222 41.00 -31.67 19.65
N GLU C 225 43.31 -32.25 15.62
CA GLU C 225 42.06 -32.64 14.97
C GLU C 225 41.70 -34.11 15.23
N ILE C 226 40.38 -34.37 15.37
CA ILE C 226 39.75 -35.66 15.67
C ILE C 226 39.00 -36.14 14.45
N ASP C 227 39.14 -37.44 14.12
CA ASP C 227 38.39 -38.02 13.04
C ASP C 227 37.12 -38.64 13.62
N TYR C 228 35.96 -38.25 13.08
CA TYR C 228 34.72 -38.78 13.61
C TYR C 228 34.11 -39.79 12.69
N GLY C 229 33.66 -40.87 13.28
CA GLY C 229 32.93 -41.91 12.59
C GLY C 229 31.44 -41.59 12.75
N ASP C 230 30.66 -41.86 11.70
CA ASP C 230 29.22 -41.60 11.72
C ASP C 230 28.53 -42.52 12.73
N ILE C 231 27.35 -42.13 13.20
CA ILE C 231 26.50 -42.94 14.09
C ILE C 231 25.76 -43.86 13.12
N LEU C 232 26.15 -45.14 13.11
CA LEU C 232 25.63 -46.13 12.18
C LEU C 232 24.68 -47.12 12.85
N PRO C 233 23.56 -47.51 12.16
CA PRO C 233 22.66 -48.51 12.76
C PRO C 233 23.29 -49.91 12.72
N SER C 234 23.39 -50.58 13.89
CA SER C 234 23.97 -51.93 13.98
C SER C 234 23.01 -52.99 13.37
N GLY C 235 21.70 -52.69 13.35
CA GLY C 235 20.68 -53.56 12.75
C GLY C 235 19.77 -54.26 13.73
N ASP C 236 20.01 -54.07 15.04
CA ASP C 236 19.25 -54.68 16.13
C ASP C 236 18.50 -53.63 16.99
N GLY C 237 18.35 -52.42 16.44
CA GLY C 237 17.73 -51.33 17.17
C GLY C 237 18.75 -50.48 17.90
N THR C 238 20.02 -50.87 17.85
CA THR C 238 21.10 -50.12 18.49
C THR C 238 22.07 -49.52 17.47
N TYR C 239 22.91 -48.61 17.95
CA TYR C 239 23.85 -47.84 17.15
C TYR C 239 25.30 -47.98 17.60
N GLN C 240 26.21 -47.67 16.67
CA GLN C 240 27.66 -47.66 16.87
C GLN C 240 28.27 -46.40 16.26
N ALA C 241 29.39 -45.93 16.84
CA ALA C 241 30.15 -44.75 16.39
C ALA C 241 31.59 -44.84 16.94
N TRP C 242 32.47 -43.95 16.46
CA TRP C 242 33.84 -43.84 16.89
C TRP C 242 34.40 -42.45 16.68
N ALA C 243 35.53 -42.20 17.31
CA ALA C 243 36.31 -40.96 17.25
C ALA C 243 37.78 -41.36 17.40
N SER C 244 38.65 -40.85 16.51
CA SER C 244 40.09 -41.17 16.58
C SER C 244 40.99 -39.96 16.52
N ILE C 245 42.24 -40.13 16.98
CA ILE C 245 43.28 -39.09 16.97
C ILE C 245 44.63 -39.73 16.69
N GLU C 246 45.47 -39.05 15.88
CA GLU C 246 46.83 -39.47 15.55
C GLU C 246 47.67 -39.11 16.77
N LEU C 247 48.28 -40.15 17.42
CA LEU C 247 49.09 -40.09 18.63
C LEU C 247 50.53 -39.69 18.33
N LEU C 254 49.22 -37.40 27.45
CA LEU C 254 48.10 -38.05 28.16
C LEU C 254 46.72 -37.85 27.47
N TYR C 255 46.19 -38.93 26.87
CA TYR C 255 44.93 -38.90 26.12
C TYR C 255 43.75 -39.58 26.78
N SER C 256 42.56 -39.00 26.63
CA SER C 256 41.35 -39.58 27.20
C SER C 256 40.15 -39.45 26.29
N CYS C 257 39.34 -40.50 26.22
CA CYS C 257 38.14 -40.45 25.41
C CYS C 257 36.95 -40.04 26.28
N HIS C 258 36.15 -39.10 25.81
CA HIS C 258 34.99 -38.62 26.54
C HIS C 258 33.75 -38.95 25.79
N VAL C 259 32.81 -39.63 26.45
CA VAL C 259 31.55 -40.03 25.84
C VAL C 259 30.36 -39.50 26.65
N GLU C 260 29.42 -38.81 25.98
CA GLU C 260 28.19 -38.36 26.62
C GLU C 260 26.98 -39.00 25.91
N HIS C 261 26.13 -39.68 26.67
CA HIS C 261 24.97 -40.36 26.14
C HIS C 261 23.86 -40.33 27.16
N SER C 262 22.68 -39.77 26.78
CA SER C 262 21.46 -39.69 27.62
C SER C 262 21.69 -39.25 29.07
N GLY C 263 22.43 -38.15 29.26
CA GLY C 263 22.66 -37.57 30.58
C GLY C 263 23.72 -38.25 31.44
N VAL C 264 24.47 -39.22 30.83
CA VAL C 264 25.56 -39.92 31.49
C VAL C 264 26.87 -39.61 30.76
N HIS C 265 27.89 -39.20 31.49
CA HIS C 265 29.20 -38.88 30.93
C HIS C 265 30.23 -39.95 31.33
N MET C 266 31.08 -40.34 30.39
CA MET C 266 32.05 -41.41 30.53
C MET C 266 33.45 -40.96 30.09
N VAL C 267 34.47 -41.38 30.82
CA VAL C 267 35.86 -41.06 30.54
C VAL C 267 36.68 -42.35 30.47
N LEU C 268 37.47 -42.55 29.39
CA LEU C 268 38.39 -43.68 29.21
C LEU C 268 39.79 -43.11 29.04
N GLN C 269 40.56 -43.08 30.14
CA GLN C 269 41.92 -42.56 30.20
C GLN C 269 42.87 -43.61 29.61
N VAL C 270 43.73 -43.20 28.66
CA VAL C 270 44.71 -44.04 27.99
C VAL C 270 46.05 -43.79 28.68
N ILE D 2 21.38 -30.93 -8.80
CA ILE D 2 22.52 -31.42 -8.02
C ILE D 2 22.24 -32.87 -7.60
N GLN D 3 23.12 -33.80 -7.99
CA GLN D 3 23.02 -35.23 -7.65
C GLN D 3 24.09 -35.53 -6.63
N ARG D 4 23.74 -36.28 -5.61
CA ARG D 4 24.68 -36.56 -4.55
C ARG D 4 25.00 -38.04 -4.52
N THR D 5 26.30 -38.34 -4.54
CA THR D 5 26.83 -39.68 -4.57
C THR D 5 26.67 -40.37 -3.21
N PRO D 6 26.39 -41.69 -3.16
CA PRO D 6 26.27 -42.33 -1.85
C PRO D 6 27.58 -42.52 -1.08
N LYS D 7 27.50 -42.36 0.24
CA LYS D 7 28.54 -42.72 1.16
C LYS D 7 28.22 -44.20 1.43
N ILE D 8 29.26 -45.06 1.46
CA ILE D 8 29.16 -46.52 1.63
C ILE D 8 30.02 -46.93 2.80
N GLN D 9 29.40 -47.48 3.83
CA GLN D 9 30.08 -47.91 5.05
C GLN D 9 29.76 -49.37 5.33
N VAL D 10 30.81 -50.21 5.36
CA VAL D 10 30.75 -51.66 5.56
C VAL D 10 31.31 -51.94 6.94
N TYR D 11 30.49 -52.57 7.80
CA TYR D 11 30.87 -52.82 9.20
C TYR D 11 30.06 -53.99 9.77
N SER D 12 30.56 -54.65 10.80
CA SER D 12 29.84 -55.75 11.45
C SER D 12 28.92 -55.19 12.52
N ARG D 13 27.84 -55.94 12.87
CA ARG D 13 26.87 -55.52 13.89
C ARG D 13 27.52 -55.40 15.28
N HIS D 14 28.32 -56.43 15.63
CA HIS D 14 29.07 -56.59 16.88
C HIS D 14 30.57 -56.60 16.57
N PRO D 15 31.45 -56.24 17.55
CA PRO D 15 32.90 -56.35 17.31
C PRO D 15 33.22 -57.79 16.84
N ALA D 16 33.81 -57.91 15.64
CA ALA D 16 34.10 -59.17 14.97
C ALA D 16 35.21 -60.04 15.59
N GLU D 17 34.90 -61.33 15.75
CA GLU D 17 35.80 -62.37 16.21
C GLU D 17 35.63 -63.53 15.26
N ASN D 18 36.73 -63.96 14.61
CA ASN D 18 36.73 -65.04 13.64
C ASN D 18 36.12 -66.29 14.23
N GLY D 19 35.19 -66.90 13.50
CA GLY D 19 34.51 -68.12 13.94
C GLY D 19 33.26 -67.92 14.77
N LYS D 20 32.89 -66.65 15.07
CA LYS D 20 31.70 -66.35 15.86
C LYS D 20 30.65 -65.61 14.98
N SER D 21 29.41 -66.15 14.95
CA SER D 21 28.28 -65.63 14.17
C SER D 21 28.06 -64.16 14.43
N ASN D 22 27.83 -63.40 13.34
CA ASN D 22 27.65 -61.96 13.34
C ASN D 22 26.76 -61.56 12.15
N PHE D 23 26.64 -60.25 11.91
CA PHE D 23 25.91 -59.64 10.79
C PHE D 23 26.82 -58.62 10.15
N LEU D 24 26.92 -58.65 8.82
CA LEU D 24 27.72 -57.66 8.10
C LEU D 24 26.75 -56.65 7.56
N ASN D 25 27.02 -55.38 7.82
CA ASN D 25 26.17 -54.28 7.39
C ASN D 25 26.86 -53.45 6.32
N CYS D 26 26.06 -52.92 5.41
CA CYS D 26 26.45 -51.94 4.42
C CYS D 26 25.45 -50.80 4.50
N TYR D 27 25.87 -49.67 5.08
CA TYR D 27 25.07 -48.47 5.24
C TYR D 27 25.39 -47.55 4.09
N VAL D 28 24.39 -47.34 3.24
CA VAL D 28 24.49 -46.52 2.04
C VAL D 28 23.64 -45.28 2.35
N SER D 29 24.27 -44.08 2.35
CA SER D 29 23.59 -42.86 2.74
C SER D 29 24.03 -41.58 1.97
N GLY D 30 23.29 -40.49 2.16
CA GLY D 30 23.60 -39.19 1.60
C GLY D 30 23.42 -39.07 0.11
N PHE D 31 22.70 -40.04 -0.49
CA PHE D 31 22.45 -40.06 -1.92
C PHE D 31 21.16 -39.41 -2.37
N HIS D 32 21.21 -38.89 -3.58
CA HIS D 32 20.10 -38.27 -4.27
C HIS D 32 20.41 -38.31 -5.76
N PRO D 33 19.51 -38.77 -6.66
CA PRO D 33 18.16 -39.32 -6.43
C PRO D 33 18.10 -40.71 -5.78
N SER D 34 16.89 -41.26 -5.57
CA SER D 34 16.59 -42.49 -4.81
C SER D 34 16.96 -43.84 -5.39
N ASP D 35 16.98 -43.96 -6.74
CA ASP D 35 17.30 -45.21 -7.39
C ASP D 35 18.76 -45.60 -7.15
N ILE D 36 18.95 -46.75 -6.47
CA ILE D 36 20.25 -47.32 -6.08
C ILE D 36 20.26 -48.84 -6.22
N GLU D 37 21.45 -49.42 -6.52
CA GLU D 37 21.70 -50.86 -6.60
C GLU D 37 22.82 -51.20 -5.64
N VAL D 38 22.52 -52.07 -4.66
CA VAL D 38 23.43 -52.52 -3.61
C VAL D 38 23.50 -54.04 -3.54
N ASP D 39 24.72 -54.57 -3.50
CA ASP D 39 25.03 -56.00 -3.41
C ASP D 39 26.12 -56.22 -2.39
N LEU D 40 25.99 -57.30 -1.62
CA LEU D 40 26.99 -57.72 -0.65
C LEU D 40 27.76 -58.88 -1.31
N LEU D 41 29.11 -58.81 -1.34
CA LEU D 41 29.97 -59.85 -1.97
C LEU D 41 30.88 -60.53 -0.96
N LYS D 42 31.00 -61.87 -1.05
CA LYS D 42 31.89 -62.76 -0.28
C LYS D 42 32.87 -63.32 -1.31
N ASN D 43 34.16 -62.95 -1.20
CA ASN D 43 35.24 -63.32 -2.14
C ASN D 43 34.86 -62.95 -3.60
N GLY D 44 34.42 -61.71 -3.77
CA GLY D 44 34.04 -61.15 -5.06
C GLY D 44 32.76 -61.70 -5.67
N GLU D 45 32.11 -62.64 -4.98
CA GLU D 45 30.88 -63.28 -5.43
C GLU D 45 29.70 -62.76 -4.63
N ARG D 46 28.61 -62.39 -5.31
CA ARG D 46 27.37 -61.87 -4.73
C ARG D 46 26.73 -62.82 -3.73
N ILE D 47 26.34 -62.29 -2.55
CA ILE D 47 25.65 -63.05 -1.51
C ILE D 47 24.14 -63.05 -1.87
N GLU D 48 23.52 -64.23 -1.99
CA GLU D 48 22.11 -64.34 -2.33
C GLU D 48 21.17 -63.92 -1.16
N LYS D 49 21.42 -64.44 0.06
CA LYS D 49 20.63 -64.21 1.26
C LYS D 49 20.93 -62.83 1.88
N VAL D 50 20.43 -61.75 1.23
CA VAL D 50 20.67 -60.39 1.72
C VAL D 50 19.40 -59.60 1.98
N GLU D 51 19.27 -59.10 3.22
CA GLU D 51 18.15 -58.27 3.66
C GLU D 51 18.50 -56.77 3.53
N HIS D 52 17.47 -55.93 3.54
CA HIS D 52 17.60 -54.48 3.47
C HIS D 52 16.44 -53.78 4.11
N SER D 53 16.68 -52.58 4.61
CA SER D 53 15.64 -51.76 5.17
C SER D 53 14.92 -51.09 3.99
N ASP D 54 13.77 -50.51 4.23
CA ASP D 54 13.06 -49.77 3.20
C ASP D 54 13.83 -48.48 3.00
N LEU D 55 13.63 -47.82 1.86
CA LEU D 55 14.29 -46.55 1.58
C LEU D 55 13.91 -45.60 2.74
N SER D 56 14.91 -44.89 3.23
CA SER D 56 14.73 -43.98 4.35
C SER D 56 15.03 -42.56 3.91
N PHE D 57 14.40 -41.59 4.59
CA PHE D 57 14.47 -40.19 4.25
C PHE D 57 15.18 -39.36 5.29
N SER D 58 16.18 -38.58 4.84
CA SER D 58 16.92 -37.65 5.70
C SER D 58 16.36 -36.23 5.56
N LYS D 59 16.55 -35.45 6.63
CA LYS D 59 16.14 -34.06 6.75
C LYS D 59 16.76 -33.16 5.66
N ASP D 60 17.92 -33.57 5.09
CA ASP D 60 18.65 -32.83 4.06
C ASP D 60 18.22 -33.21 2.63
N TRP D 61 17.15 -34.00 2.55
CA TRP D 61 16.50 -34.48 1.33
C TRP D 61 17.18 -35.68 0.68
N SER D 62 18.28 -36.16 1.25
CA SER D 62 18.98 -37.32 0.72
C SER D 62 18.33 -38.59 1.29
N PHE D 63 18.80 -39.75 0.82
CA PHE D 63 18.26 -41.06 1.22
C PHE D 63 19.31 -41.94 1.85
N TYR D 64 18.87 -42.98 2.56
CA TYR D 64 19.74 -43.97 3.18
C TYR D 64 19.06 -45.31 3.28
N LEU D 65 19.89 -46.38 3.31
CA LEU D 65 19.46 -47.78 3.37
C LEU D 65 20.45 -48.58 4.13
N LEU D 66 19.98 -49.63 4.75
CA LEU D 66 20.88 -50.54 5.41
C LEU D 66 20.67 -51.91 4.73
N TYR D 67 21.76 -52.49 4.22
CA TYR D 67 21.80 -53.82 3.60
C TYR D 67 22.60 -54.69 4.55
N TYR D 68 22.06 -55.84 4.93
CA TYR D 68 22.73 -56.74 5.85
C TYR D 68 22.54 -58.23 5.51
N THR D 69 23.40 -59.06 6.10
CA THR D 69 23.42 -60.52 5.95
C THR D 69 24.10 -61.14 7.14
N GLU D 70 23.61 -62.28 7.60
CA GLU D 70 24.23 -63.03 8.70
C GLU D 70 25.51 -63.70 8.15
N PHE D 71 26.61 -63.59 8.89
CA PHE D 71 27.89 -64.15 8.47
C PHE D 71 28.80 -64.53 9.64
N THR D 72 29.71 -65.50 9.40
CA THR D 72 30.68 -65.92 10.40
C THR D 72 32.07 -65.51 9.84
N PRO D 73 32.68 -64.41 10.37
CA PRO D 73 33.97 -63.96 9.81
C PRO D 73 35.11 -64.93 10.06
N THR D 74 35.98 -65.13 9.05
CA THR D 74 37.15 -66.00 9.06
C THR D 74 38.32 -65.22 8.43
N GLU D 75 39.57 -65.63 8.75
CA GLU D 75 40.79 -65.01 8.22
C GLU D 75 40.85 -65.04 6.68
N LYS D 76 40.44 -66.17 6.06
CA LYS D 76 40.45 -66.38 4.61
C LYS D 76 39.42 -65.56 3.81
N ASP D 77 38.20 -65.34 4.35
CA ASP D 77 37.11 -64.66 3.67
C ASP D 77 37.17 -63.14 3.61
N GLU D 78 37.06 -62.61 2.39
CA GLU D 78 37.07 -61.17 2.08
C GLU D 78 35.64 -60.72 1.75
N TYR D 79 35.13 -59.71 2.47
CA TYR D 79 33.78 -59.20 2.22
C TYR D 79 33.74 -57.77 1.69
N ALA D 80 32.79 -57.48 0.82
CA ALA D 80 32.65 -56.14 0.23
C ALA D 80 31.20 -55.80 -0.03
N CYS D 81 30.98 -54.54 -0.38
CA CYS D 81 29.69 -53.96 -0.71
C CYS D 81 29.83 -53.27 -2.08
N ARG D 82 29.09 -53.76 -3.09
CA ARG D 82 29.09 -53.21 -4.44
C ARG D 82 27.85 -52.32 -4.63
N VAL D 83 28.06 -51.06 -5.00
CA VAL D 83 26.99 -50.06 -5.14
C VAL D 83 27.05 -49.34 -6.51
N ASN D 84 25.89 -49.12 -7.13
CA ASN D 84 25.74 -48.31 -8.34
C ASN D 84 24.56 -47.36 -8.10
N HIS D 85 24.62 -46.20 -8.73
CA HIS D 85 23.73 -45.06 -8.62
C HIS D 85 24.08 -44.17 -9.82
N VAL D 86 23.13 -43.35 -10.31
CA VAL D 86 23.33 -42.46 -11.47
C VAL D 86 24.69 -41.68 -11.46
N THR D 87 25.14 -41.24 -10.26
CA THR D 87 26.39 -40.51 -10.02
C THR D 87 27.63 -41.42 -10.28
N LEU D 88 27.46 -42.75 -10.28
CA LEU D 88 28.59 -43.64 -10.51
C LEU D 88 28.69 -44.07 -11.94
N SER D 89 29.91 -43.88 -12.49
CA SER D 89 30.38 -44.22 -13.84
C SER D 89 30.45 -45.74 -14.01
N GLN D 90 30.90 -46.43 -12.96
CA GLN D 90 31.00 -47.87 -12.87
C GLN D 90 30.64 -48.24 -11.43
N PRO D 91 30.18 -49.47 -11.12
CA PRO D 91 29.86 -49.80 -9.71
C PRO D 91 31.04 -49.59 -8.78
N LYS D 92 30.78 -49.09 -7.56
CA LYS D 92 31.82 -48.86 -6.57
C LYS D 92 31.87 -50.06 -5.62
N ILE D 93 33.03 -50.73 -5.54
CA ILE D 93 33.21 -51.87 -4.64
C ILE D 93 33.93 -51.39 -3.37
N VAL D 94 33.23 -51.41 -2.23
CA VAL D 94 33.81 -51.01 -0.94
C VAL D 94 34.06 -52.24 -0.05
N LYS D 95 35.35 -52.53 0.22
CA LYS D 95 35.78 -53.68 1.01
C LYS D 95 35.62 -53.50 2.53
N TRP D 96 35.29 -54.58 3.24
CA TRP D 96 35.15 -54.58 4.69
C TRP D 96 36.54 -54.65 5.36
N ASP D 97 36.76 -53.83 6.42
CA ASP D 97 37.95 -53.81 7.28
C ASP D 97 37.53 -54.12 8.73
N GLN E 4 17.44 36.33 -16.74
CA GLN E 4 18.17 37.33 -17.49
C GLN E 4 17.64 38.76 -17.29
N ASN E 5 16.35 39.01 -17.65
CA ASN E 5 15.82 40.35 -17.58
C ASN E 5 14.44 40.48 -16.99
N ILE E 6 14.27 41.51 -16.14
CA ILE E 6 13.03 41.96 -15.51
C ILE E 6 12.93 43.46 -15.85
N ASP E 7 11.85 43.86 -16.52
CA ASP E 7 11.66 45.24 -16.92
C ASP E 7 10.38 45.78 -16.39
N GLN E 8 10.48 46.92 -15.72
CA GLN E 8 9.36 47.65 -15.14
C GLN E 8 9.66 49.14 -15.27
N PRO E 9 8.66 50.04 -15.49
CA PRO E 9 8.99 51.48 -15.66
C PRO E 9 9.72 52.08 -14.46
N THR E 10 10.59 53.07 -14.68
CA THR E 10 11.35 53.70 -13.60
C THR E 10 10.44 54.47 -12.66
N GLU E 11 9.48 55.20 -13.25
CA GLU E 11 8.59 56.04 -12.49
C GLU E 11 7.23 56.11 -13.16
N MET E 12 6.19 56.31 -12.34
CA MET E 12 4.80 56.52 -12.79
C MET E 12 4.14 57.53 -11.88
N THR E 13 3.40 58.44 -12.48
CA THR E 13 2.69 59.51 -11.78
C THR E 13 1.22 59.41 -12.17
N ALA E 14 0.36 59.33 -11.15
CA ALA E 14 -1.08 59.29 -11.33
C ALA E 14 -1.76 60.22 -10.31
N THR E 15 -3.05 60.51 -10.50
CA THR E 15 -3.80 61.40 -9.63
C THR E 15 -4.53 60.62 -8.54
N GLU E 16 -4.63 61.19 -7.33
CA GLU E 16 -5.40 60.54 -6.25
C GLU E 16 -6.87 60.39 -6.67
N GLY E 17 -7.44 59.22 -6.37
CA GLY E 17 -8.81 58.84 -6.72
C GLY E 17 -8.88 58.08 -8.04
N ALA E 18 -7.77 58.11 -8.79
CA ALA E 18 -7.66 57.44 -10.07
C ALA E 18 -7.08 56.02 -9.91
N ILE E 19 -6.79 55.37 -11.02
CA ILE E 19 -6.26 54.02 -11.14
C ILE E 19 -4.87 54.08 -11.80
N VAL E 20 -3.99 53.15 -11.44
CA VAL E 20 -2.66 53.04 -12.02
C VAL E 20 -2.33 51.55 -12.21
N GLN E 21 -1.71 51.21 -13.34
CA GLN E 21 -1.29 49.85 -13.66
C GLN E 21 0.22 49.83 -13.85
N ILE E 22 0.92 49.15 -12.94
CA ILE E 22 2.37 49.06 -12.97
C ILE E 22 2.72 47.77 -13.65
N ASN E 23 3.29 47.88 -14.84
CA ASN E 23 3.68 46.75 -15.67
C ASN E 23 5.03 46.15 -15.30
N CYS E 24 5.15 44.85 -15.53
CA CYS E 24 6.37 44.12 -15.33
C CYS E 24 6.47 43.00 -16.32
N THR E 25 7.47 43.08 -17.21
CA THR E 25 7.73 42.02 -18.18
C THR E 25 9.02 41.32 -17.82
N TYR E 26 9.00 40.01 -17.84
CA TYR E 26 10.19 39.21 -17.50
C TYR E 26 10.61 38.31 -18.69
N GLN E 27 11.91 38.14 -18.88
CA GLN E 27 12.51 37.30 -19.88
C GLN E 27 13.55 36.48 -19.11
N THR E 28 13.08 35.37 -18.54
CA THR E 28 13.85 34.47 -17.69
C THR E 28 13.97 33.07 -18.28
N SER E 29 14.96 32.30 -17.80
CA SER E 29 15.14 30.91 -18.20
C SER E 29 14.30 30.13 -17.17
N GLY E 30 13.05 29.81 -17.57
CA GLY E 30 12.12 29.13 -16.70
C GLY E 30 11.34 30.09 -15.84
N PHE E 31 10.23 29.60 -15.27
CA PHE E 31 9.36 30.43 -14.44
C PHE E 31 8.76 29.69 -13.25
N ASN E 32 8.98 30.21 -12.05
CA ASN E 32 8.44 29.58 -10.83
C ASN E 32 7.60 30.53 -9.98
N GLY E 33 7.09 31.59 -10.60
CA GLY E 33 6.27 32.59 -9.93
C GLY E 33 6.83 33.98 -9.92
N LEU E 34 5.92 34.94 -9.83
CA LEU E 34 6.20 36.37 -9.84
C LEU E 34 5.64 37.01 -8.55
N PHE E 35 6.48 37.85 -7.90
CA PHE E 35 6.14 38.59 -6.70
C PHE E 35 6.06 40.09 -6.97
N TRP E 36 5.18 40.74 -6.23
CA TRP E 36 5.04 42.18 -6.15
C TRP E 36 5.26 42.54 -4.69
N TYR E 37 6.19 43.45 -4.46
CA TYR E 37 6.54 43.98 -3.13
C TYR E 37 6.32 45.50 -3.17
N GLN E 38 5.97 46.10 -2.02
CA GLN E 38 5.81 47.54 -1.88
C GLN E 38 6.96 47.98 -0.99
N GLN E 39 7.62 49.10 -1.31
CA GLN E 39 8.71 49.61 -0.48
C GLN E 39 8.54 51.10 -0.30
N HIS E 40 8.15 51.51 0.91
CA HIS E 40 8.06 52.93 1.20
C HIS E 40 9.46 53.48 1.40
N ALA E 41 9.71 54.73 0.96
CA ALA E 41 11.01 55.41 1.07
C ALA E 41 11.57 55.27 2.48
N GLY E 42 12.76 54.67 2.56
CA GLY E 42 13.50 54.47 3.79
C GLY E 42 13.02 53.31 4.65
N GLU E 43 12.16 52.45 4.06
CA GLU E 43 11.58 51.30 4.75
C GLU E 43 11.94 50.01 4.02
N ALA E 44 11.58 48.88 4.63
CA ALA E 44 11.84 47.56 4.07
C ALA E 44 10.77 47.20 3.04
N PRO E 45 11.11 46.35 2.03
CA PRO E 45 10.07 45.89 1.10
C PRO E 45 9.10 44.95 1.83
N THR E 46 7.79 45.03 1.51
CA THR E 46 6.79 44.13 2.10
C THR E 46 5.99 43.52 0.99
N PHE E 47 5.64 42.25 1.15
CA PHE E 47 4.90 41.45 0.19
C PHE E 47 3.53 42.01 -0.12
N LEU E 48 3.21 42.08 -1.40
CA LEU E 48 1.88 42.47 -1.85
C LEU E 48 1.17 41.23 -2.45
N SER E 49 1.85 40.53 -3.38
CA SER E 49 1.26 39.39 -4.06
C SER E 49 2.27 38.42 -4.62
N TYR E 50 1.77 37.21 -4.98
CA TYR E 50 2.49 36.13 -5.65
C TYR E 50 1.56 35.53 -6.68
N ASN E 51 2.02 35.49 -7.94
CA ASN E 51 1.27 34.96 -9.09
C ASN E 51 2.14 33.93 -9.79
N VAL E 52 1.54 32.78 -10.15
CA VAL E 52 2.25 31.68 -10.82
C VAL E 52 1.39 31.08 -11.95
N LEU E 53 0.06 31.11 -11.81
CA LEU E 53 -0.89 30.69 -12.85
C LEU E 53 -1.49 31.97 -13.45
N ASP E 54 -2.12 31.84 -14.61
CA ASP E 54 -2.72 32.96 -15.36
C ASP E 54 -4.05 33.49 -14.77
N GLY E 55 -4.23 34.80 -14.86
CA GLY E 55 -5.41 35.42 -14.32
C GLY E 55 -5.09 36.55 -13.36
N LEU E 56 -6.15 37.17 -12.88
CA LEU E 56 -6.16 38.33 -12.00
C LEU E 56 -6.61 37.96 -10.59
N GLU E 57 -5.82 38.35 -9.58
CA GLU E 57 -6.08 38.18 -8.14
C GLU E 57 -6.42 39.59 -7.56
N GLU E 58 -7.57 39.73 -6.91
CA GLU E 58 -7.96 41.01 -6.36
C GLU E 58 -7.91 40.99 -4.85
N LYS E 59 -6.98 41.76 -4.27
CA LYS E 59 -6.72 41.92 -2.83
C LYS E 59 -7.00 43.40 -2.43
N GLY E 60 -8.28 43.71 -2.19
CA GLY E 60 -8.71 45.05 -1.82
C GLY E 60 -8.72 45.97 -3.01
N ARG E 61 -8.04 47.12 -2.88
CA ARG E 61 -7.88 48.12 -3.94
C ARG E 61 -6.78 47.68 -4.93
N PHE E 62 -5.99 46.66 -4.56
CA PHE E 62 -4.89 46.16 -5.36
C PHE E 62 -5.29 44.86 -6.07
N SER E 63 -4.78 44.70 -7.29
CA SER E 63 -5.01 43.53 -8.14
C SER E 63 -3.69 43.19 -8.77
N SER E 64 -3.42 41.89 -8.94
CA SER E 64 -2.21 41.37 -9.58
C SER E 64 -2.63 40.42 -10.69
N PHE E 65 -2.16 40.69 -11.91
CA PHE E 65 -2.42 39.87 -13.07
C PHE E 65 -1.15 39.21 -13.57
N LEU E 66 -1.27 37.99 -14.10
CA LEU E 66 -0.16 37.28 -14.71
C LEU E 66 -0.59 36.64 -16.00
N SER E 67 0.28 36.70 -17.02
CA SER E 67 0.15 36.01 -18.31
C SER E 67 1.47 35.34 -18.58
N ARG E 68 1.55 34.01 -18.36
CA ARG E 68 2.80 33.28 -18.57
C ARG E 68 3.25 33.28 -20.03
N SER E 69 2.34 33.08 -20.98
CA SER E 69 2.68 33.05 -22.43
C SER E 69 3.24 34.41 -22.90
N LYS E 70 2.70 35.51 -22.34
CA LYS E 70 3.17 36.85 -22.65
C LYS E 70 4.38 37.28 -21.80
N GLY E 71 4.73 36.51 -20.76
CA GLY E 71 5.83 36.83 -19.85
C GLY E 71 5.67 38.23 -19.29
N TYR E 72 4.49 38.48 -18.71
CA TYR E 72 4.10 39.79 -18.25
C TYR E 72 3.14 39.72 -17.06
N SER E 73 3.24 40.72 -16.20
CA SER E 73 2.38 40.91 -15.05
C SER E 73 2.12 42.39 -14.85
N TYR E 74 1.05 42.71 -14.12
CA TYR E 74 0.77 44.07 -13.73
C TYR E 74 0.22 44.11 -12.33
N LEU E 75 0.49 45.21 -11.64
CA LEU E 75 -0.06 45.52 -10.34
C LEU E 75 -0.99 46.74 -10.60
N LEU E 76 -2.27 46.54 -10.31
CA LEU E 76 -3.30 47.56 -10.48
C LEU E 76 -3.69 48.11 -9.12
N LEU E 77 -3.67 49.43 -8.97
CA LEU E 77 -4.05 50.13 -7.74
C LEU E 77 -5.25 50.99 -8.08
N LYS E 78 -6.35 50.76 -7.38
CA LYS E 78 -7.58 51.48 -7.62
C LYS E 78 -7.80 52.44 -6.45
N GLU E 79 -8.56 53.52 -6.70
CA GLU E 79 -8.94 54.57 -5.75
C GLU E 79 -7.70 55.10 -5.07
N LEU E 80 -6.73 55.52 -5.89
CA LEU E 80 -5.40 55.97 -5.46
C LEU E 80 -5.36 56.94 -4.31
N GLN E 81 -4.52 56.62 -3.34
CA GLN E 81 -4.35 57.42 -2.14
C GLN E 81 -2.92 57.94 -2.01
N MET E 82 -2.73 59.05 -1.27
CA MET E 82 -1.40 59.62 -1.09
C MET E 82 -0.45 58.60 -0.47
N LYS E 83 -0.95 57.73 0.45
CA LYS E 83 -0.17 56.68 1.14
C LYS E 83 0.38 55.60 0.19
N ASP E 84 -0.18 55.54 -1.05
CA ASP E 84 0.22 54.61 -2.10
C ASP E 84 1.55 55.01 -2.79
N SER E 85 2.05 56.25 -2.51
CA SER E 85 3.33 56.74 -2.98
C SER E 85 4.38 55.86 -2.27
N ALA E 86 5.01 55.01 -3.06
CA ALA E 86 6.02 54.06 -2.63
C ALA E 86 6.67 53.62 -3.92
N SER E 87 7.64 52.68 -3.80
CA SER E 87 8.31 51.99 -4.88
C SER E 87 7.73 50.56 -4.91
N TYR E 88 7.34 50.08 -6.09
CA TYR E 88 6.76 48.75 -6.27
C TYR E 88 7.75 47.87 -6.97
N LEU E 89 8.15 46.79 -6.29
CA LEU E 89 9.18 45.89 -6.78
C LEU E 89 8.63 44.64 -7.36
N CYS E 90 9.07 44.33 -8.57
CA CYS E 90 8.69 43.13 -9.29
C CYS E 90 9.85 42.14 -9.14
N ALA E 91 9.56 40.86 -8.78
CA ALA E 91 10.56 39.79 -8.62
C ALA E 91 10.06 38.48 -9.19
N VAL E 92 10.94 37.68 -9.80
CA VAL E 92 10.61 36.41 -10.44
C VAL E 92 11.55 35.33 -9.97
N ARG E 93 11.03 34.12 -9.66
CA ARG E 93 11.84 32.94 -9.36
C ARG E 93 12.01 32.24 -10.74
N ASP E 94 13.26 32.03 -11.18
CA ASP E 94 13.51 31.39 -12.47
C ASP E 94 13.50 29.85 -12.34
N SER E 95 13.94 29.11 -13.38
CA SER E 95 13.94 27.64 -13.34
C SER E 95 14.81 27.05 -12.21
N ASN E 96 15.80 27.81 -11.74
CA ASN E 96 16.72 27.42 -10.68
C ASN E 96 16.40 28.06 -9.34
N TYR E 97 15.19 28.65 -9.24
CA TYR E 97 14.62 29.32 -8.05
C TYR E 97 15.36 30.57 -7.64
N GLN E 98 16.14 31.16 -8.56
CA GLN E 98 16.83 32.40 -8.29
C GLN E 98 15.83 33.52 -8.39
N LEU E 99 15.77 34.30 -7.31
CA LEU E 99 14.85 35.41 -7.19
C LEU E 99 15.53 36.58 -7.84
N ILE E 100 15.05 36.97 -9.02
CA ILE E 100 15.57 38.09 -9.81
C ILE E 100 14.65 39.28 -9.53
N TRP E 101 15.23 40.40 -9.07
CA TRP E 101 14.53 41.60 -8.70
C TRP E 101 14.64 42.66 -9.75
N GLY E 102 13.50 43.28 -10.07
CA GLY E 102 13.44 44.41 -10.98
C GLY E 102 13.93 45.66 -10.26
N ALA E 103 14.34 46.68 -11.04
CA ALA E 103 14.83 47.95 -10.51
C ALA E 103 13.77 48.71 -9.68
N GLY E 104 12.50 48.38 -9.87
CA GLY E 104 11.39 48.99 -9.15
C GLY E 104 10.78 50.18 -9.85
N THR E 105 9.52 50.46 -9.51
CA THR E 105 8.78 51.59 -10.05
C THR E 105 8.40 52.52 -8.91
N LYS E 106 8.84 53.78 -8.99
CA LYS E 106 8.47 54.81 -8.02
C LYS E 106 7.13 55.36 -8.44
N LEU E 107 6.13 55.26 -7.54
CA LEU E 107 4.81 55.76 -7.81
C LEU E 107 4.58 57.03 -7.07
N ILE E 108 4.38 58.14 -7.82
CA ILE E 108 4.08 59.48 -7.30
C ILE E 108 2.59 59.72 -7.53
N ILE E 109 1.90 60.13 -6.47
CA ILE E 109 0.47 60.42 -6.52
C ILE E 109 0.31 61.95 -6.51
N LYS E 110 -0.45 62.52 -7.46
CA LYS E 110 -0.71 63.94 -7.53
C LYS E 110 -1.96 64.19 -6.68
N PRO E 111 -1.89 65.08 -5.68
CA PRO E 111 -3.11 65.36 -4.91
C PRO E 111 -4.15 66.09 -5.77
N ASP E 112 -5.42 65.85 -5.52
CA ASP E 112 -6.44 66.56 -6.26
C ASP E 112 -6.61 67.95 -5.61
N ILE E 113 -5.98 69.01 -6.20
CA ILE E 113 -6.02 70.37 -5.64
C ILE E 113 -7.32 71.12 -5.94
N GLN E 114 -8.25 71.07 -4.96
CA GLN E 114 -9.60 71.64 -5.02
C GLN E 114 -9.62 73.16 -5.24
N ASN E 115 -9.01 73.93 -4.34
CA ASN E 115 -9.01 75.38 -4.46
C ASN E 115 -7.57 75.92 -4.48
N PRO E 116 -6.90 76.00 -5.65
CA PRO E 116 -5.52 76.54 -5.67
C PRO E 116 -5.47 78.02 -5.27
N ASP E 117 -4.45 78.39 -4.50
CA ASP E 117 -4.22 79.74 -4.01
C ASP E 117 -2.68 80.01 -4.06
N PRO E 118 -2.02 79.97 -5.25
CA PRO E 118 -0.55 80.21 -5.29
C PRO E 118 -0.08 81.47 -4.56
N ALA E 119 0.98 81.31 -3.76
CA ALA E 119 1.57 82.36 -2.93
C ALA E 119 3.03 82.06 -2.54
N VAL E 120 3.86 83.12 -2.39
CA VAL E 120 5.25 83.06 -1.95
C VAL E 120 5.33 83.87 -0.65
N TYR E 121 5.64 83.18 0.44
CA TYR E 121 5.69 83.77 1.78
C TYR E 121 7.11 83.80 2.33
N GLN E 122 7.47 84.87 3.05
CA GLN E 122 8.77 84.95 3.72
C GLN E 122 8.56 84.59 5.18
N LEU E 123 9.22 83.55 5.67
CA LEU E 123 9.13 83.10 7.07
C LEU E 123 10.23 83.78 7.94
N ARG E 124 10.34 83.47 9.28
CA ARG E 124 11.38 84.01 10.18
C ARG E 124 11.82 83.03 11.30
N ASP E 125 13.13 83.00 11.68
CA ASP E 125 13.68 82.09 12.70
C ASP E 125 13.16 82.32 14.14
N SER E 132 17.33 83.31 6.26
CA SER E 132 15.87 83.35 6.05
C SER E 132 15.38 82.44 4.91
N VAL E 133 14.12 81.97 5.05
CA VAL E 133 13.39 81.05 4.14
C VAL E 133 12.12 81.59 3.44
N CYS E 134 11.95 81.19 2.16
CA CYS E 134 10.82 81.48 1.29
C CYS E 134 9.97 80.23 1.17
N LEU E 135 8.65 80.35 1.29
CA LEU E 135 7.72 79.24 1.12
C LEU E 135 6.82 79.49 -0.07
N PHE E 136 6.91 78.63 -1.10
CA PHE E 136 6.02 78.68 -2.25
C PHE E 136 5.03 77.57 -2.01
N THR E 137 3.79 77.94 -1.69
CA THR E 137 2.73 76.98 -1.34
C THR E 137 1.40 77.22 -2.08
N ASP E 138 0.45 76.27 -1.86
CA ASP E 138 -0.94 76.29 -2.32
C ASP E 138 -1.18 76.29 -3.82
N PHE E 139 -0.14 75.91 -4.58
CA PHE E 139 -0.23 75.79 -6.04
C PHE E 139 -0.80 74.43 -6.44
N ASP E 140 -1.38 74.37 -7.66
CA ASP E 140 -1.98 73.20 -8.30
C ASP E 140 -0.84 72.22 -8.62
N SER E 141 -1.18 70.92 -8.69
CA SER E 141 -0.28 69.80 -8.98
C SER E 141 0.42 69.83 -10.37
N GLN E 142 -0.09 70.66 -11.30
CA GLN E 142 0.50 70.79 -12.64
C GLN E 142 1.79 71.64 -12.63
N THR E 143 1.97 72.48 -11.58
CA THR E 143 3.12 73.35 -11.38
C THR E 143 4.35 72.55 -10.99
N ASN E 144 5.47 72.84 -11.65
CA ASN E 144 6.75 72.18 -11.45
C ASN E 144 7.75 73.20 -10.90
N VAL E 145 8.46 72.81 -9.83
CA VAL E 145 9.48 73.63 -9.17
C VAL E 145 10.87 73.22 -9.64
N SER E 146 11.55 74.17 -10.29
CA SER E 146 12.89 73.99 -10.85
C SER E 146 13.98 74.23 -9.82
N GLN E 147 15.11 73.52 -9.98
CA GLN E 147 16.31 73.56 -9.13
C GLN E 147 17.01 74.90 -9.24
N SER E 148 17.75 75.32 -8.18
CA SER E 148 18.44 76.61 -8.19
C SER E 148 19.61 76.75 -9.19
N LYS E 149 19.73 77.95 -9.78
CA LYS E 149 20.81 78.30 -10.71
C LYS E 149 22.06 78.63 -9.87
N ASP E 150 21.91 79.51 -8.84
CA ASP E 150 22.98 79.93 -7.92
C ASP E 150 23.30 78.81 -6.93
N SER E 151 24.61 78.60 -6.65
CA SER E 151 25.16 77.58 -5.73
C SER E 151 24.94 77.92 -4.24
N ASP E 152 24.71 79.21 -3.94
CA ASP E 152 24.46 79.75 -2.59
C ASP E 152 22.95 79.90 -2.30
N VAL E 153 22.07 79.41 -3.23
CA VAL E 153 20.61 79.40 -3.12
C VAL E 153 20.16 77.93 -3.15
N TYR E 154 19.29 77.55 -2.22
CA TYR E 154 18.82 76.19 -2.07
C TYR E 154 17.33 76.10 -2.23
N ILE E 155 16.88 75.33 -3.23
CA ILE E 155 15.45 75.14 -3.54
C ILE E 155 15.11 73.65 -3.47
N THR E 156 14.16 73.29 -2.61
CA THR E 156 13.70 71.90 -2.49
C THR E 156 12.60 71.63 -3.52
N ASP E 157 12.33 70.35 -3.83
CA ASP E 157 11.24 70.04 -4.75
C ASP E 157 9.88 70.14 -4.03
N LYS E 158 8.78 70.03 -4.78
CA LYS E 158 7.44 70.07 -4.19
C LYS E 158 7.14 68.90 -3.30
N CYS E 159 6.45 69.19 -2.22
CA CYS E 159 6.10 68.27 -1.16
C CYS E 159 4.60 68.41 -0.92
N VAL E 160 3.90 67.28 -0.66
CA VAL E 160 2.47 67.28 -0.40
C VAL E 160 2.24 67.03 1.09
N LEU E 161 1.51 67.92 1.76
CA LEU E 161 1.15 67.70 3.16
C LEU E 161 -0.36 67.46 3.25
N ASP E 162 -0.78 66.67 4.23
CA ASP E 162 -2.19 66.38 4.41
C ASP E 162 -2.66 66.73 5.81
N MET E 163 -3.52 67.74 5.89
CA MET E 163 -4.10 68.18 7.14
C MET E 163 -5.39 67.38 7.27
N ARG E 164 -5.25 66.13 7.77
CA ARG E 164 -6.30 65.12 7.89
C ARG E 164 -7.60 65.61 8.53
N SER E 165 -7.49 66.32 9.69
CA SER E 165 -8.61 66.87 10.47
C SER E 165 -9.49 67.84 9.66
N MET E 166 -8.89 68.52 8.66
CA MET E 166 -9.49 69.52 7.79
C MET E 166 -9.82 69.01 6.38
N ASP E 167 -9.48 67.73 6.06
CA ASP E 167 -9.67 67.10 4.73
C ASP E 167 -9.02 67.99 3.63
N PHE E 168 -7.84 68.54 3.96
CA PHE E 168 -7.09 69.47 3.13
C PHE E 168 -5.70 68.96 2.83
N LYS E 169 -5.28 69.12 1.56
CA LYS E 169 -3.96 68.74 1.03
C LYS E 169 -3.34 69.93 0.29
N SER E 170 -2.03 70.13 0.41
CA SER E 170 -1.36 71.24 -0.29
C SER E 170 0.07 70.93 -0.69
N ASN E 171 0.54 71.56 -1.79
CA ASN E 171 1.91 71.44 -2.31
C ASN E 171 2.72 72.62 -1.83
N SER E 172 4.05 72.42 -1.68
CA SER E 172 4.94 73.52 -1.31
C SER E 172 6.38 73.22 -1.68
N ALA E 173 7.17 74.26 -1.88
CA ALA E 173 8.60 74.18 -2.11
C ALA E 173 9.22 75.29 -1.22
N VAL E 174 10.40 75.01 -0.67
CA VAL E 174 11.10 75.92 0.23
C VAL E 174 12.37 76.39 -0.49
N ALA E 175 12.77 77.65 -0.26
CA ALA E 175 13.98 78.25 -0.79
C ALA E 175 14.64 79.10 0.28
N TRP E 176 15.98 79.15 0.29
CA TRP E 176 16.76 79.93 1.26
C TRP E 176 18.16 80.22 0.74
N SER E 177 18.82 81.27 1.30
CA SER E 177 20.18 81.69 0.90
C SER E 177 20.80 82.62 1.96
N ASN E 178 21.94 83.28 1.58
CA ASN E 178 22.73 84.25 2.36
C ASN E 178 22.90 85.56 1.56
N PHE E 182 19.40 88.15 -2.16
CA PHE E 182 18.30 87.18 -2.15
C PHE E 182 17.00 87.68 -1.50
N ALA E 183 15.89 87.51 -2.21
CA ALA E 183 14.55 87.90 -1.77
C ALA E 183 13.54 86.92 -2.30
N CYS E 184 12.37 86.82 -1.63
CA CYS E 184 11.29 85.91 -1.99
C CYS E 184 10.61 86.23 -3.33
N ALA E 185 10.64 87.51 -3.72
CA ALA E 185 10.10 88.00 -4.98
C ALA E 185 10.86 87.42 -6.19
N ASN E 186 12.17 87.18 -6.03
CA ASN E 186 13.06 86.65 -7.07
C ASN E 186 13.55 85.22 -6.79
N ALA E 187 13.15 84.64 -5.65
CA ALA E 187 13.55 83.30 -5.20
C ALA E 187 13.23 82.15 -6.16
N PHE E 188 12.02 82.15 -6.76
CA PHE E 188 11.52 81.11 -7.67
C PHE E 188 11.46 81.53 -9.15
N ASN E 189 12.32 82.50 -9.54
CA ASN E 189 12.43 83.02 -10.90
C ASN E 189 12.74 81.97 -11.99
N ASN E 190 13.41 80.87 -11.60
CA ASN E 190 13.79 79.79 -12.51
C ASN E 190 12.65 78.76 -12.70
N SER E 191 11.54 78.91 -11.96
CA SER E 191 10.38 78.01 -12.06
C SER E 191 9.24 78.76 -12.72
N ILE E 192 8.36 78.05 -13.46
CA ILE E 192 7.18 78.65 -14.09
C ILE E 192 6.06 78.70 -13.04
N ILE E 193 5.97 79.84 -12.36
CA ILE E 193 5.04 80.14 -11.27
C ILE E 193 3.73 80.69 -11.85
N PRO E 194 2.56 80.40 -11.23
CA PRO E 194 1.28 80.89 -11.79
C PRO E 194 1.15 82.42 -11.82
N GLU E 195 0.44 82.95 -12.83
CA GLU E 195 0.17 84.38 -13.02
C GLU E 195 -0.56 84.99 -11.81
N ASP E 196 -1.43 84.19 -11.17
CA ASP E 196 -2.23 84.57 -10.02
C ASP E 196 -1.44 84.53 -8.68
N THR E 197 -0.13 84.14 -8.70
CA THR E 197 0.71 84.05 -7.49
C THR E 197 0.73 85.32 -6.65
N PHE E 198 0.34 85.16 -5.38
CA PHE E 198 0.30 86.20 -4.39
C PHE E 198 1.67 86.47 -3.78
N PHE E 199 2.13 87.73 -3.86
CA PHE E 199 3.40 88.14 -3.28
C PHE E 199 3.17 89.25 -2.27
N PRO E 200 3.08 88.91 -0.96
CA PRO E 200 2.85 89.94 0.06
C PRO E 200 3.96 90.99 0.15
N GLY F 5 9.68 39.59 13.03
CA GLY F 5 10.05 38.76 11.89
C GLY F 5 11.56 38.67 11.70
N VAL F 6 12.10 39.51 10.78
CA VAL F 6 13.54 39.61 10.46
C VAL F 6 14.14 40.85 11.16
N THR F 7 15.00 40.63 12.15
CA THR F 7 15.66 41.68 12.92
C THR F 7 17.08 41.83 12.44
N GLN F 8 17.43 43.04 11.99
CA GLN F 8 18.81 43.33 11.63
C GLN F 8 19.36 44.58 12.27
N THR F 9 20.65 44.55 12.58
CA THR F 9 21.39 45.64 13.18
C THR F 9 22.74 45.84 12.49
N PRO F 10 23.30 47.07 12.46
CA PRO F 10 22.74 48.36 12.94
C PRO F 10 21.89 49.02 11.85
N LYS F 11 21.04 50.01 12.20
CA LYS F 11 20.24 50.77 11.22
C LYS F 11 21.17 51.67 10.36
N PHE F 12 22.22 52.24 10.98
CA PHE F 12 23.20 53.12 10.31
C PHE F 12 24.63 52.88 10.79
N GLN F 13 25.59 53.07 9.87
CA GLN F 13 27.01 52.93 10.15
C GLN F 13 27.86 53.76 9.23
N VAL F 14 28.84 54.43 9.83
CA VAL F 14 29.90 55.20 9.19
C VAL F 14 31.14 54.35 9.44
N LEU F 15 31.89 54.05 8.38
CA LEU F 15 33.13 53.28 8.46
C LEU F 15 34.19 54.03 7.72
N LYS F 16 35.47 53.86 8.16
CA LYS F 16 36.63 54.44 7.49
C LYS F 16 37.11 53.33 6.52
N THR F 17 37.64 53.69 5.32
CA THR F 17 38.17 52.75 4.31
C THR F 17 39.18 51.81 5.01
N GLY F 18 38.95 50.50 4.88
CA GLY F 18 39.80 49.48 5.48
C GLY F 18 39.28 48.88 6.78
N GLN F 19 38.25 49.49 7.40
CA GLN F 19 37.68 48.96 8.63
C GLN F 19 36.83 47.72 8.35
N SER F 20 36.82 46.79 9.32
CA SER F 20 36.00 45.60 9.21
C SER F 20 34.67 45.90 9.88
N MET F 21 33.62 45.25 9.40
CA MET F 21 32.28 45.50 9.88
C MET F 21 31.48 44.20 9.86
N THR F 22 30.57 44.03 10.85
CA THR F 22 29.64 42.91 10.91
C THR F 22 28.21 43.40 11.07
N LEU F 23 27.35 42.94 10.16
CA LEU F 23 25.93 43.23 10.19
C LEU F 23 25.29 41.95 10.69
N GLN F 24 24.44 42.07 11.70
CA GLN F 24 23.77 40.91 12.25
C GLN F 24 22.35 40.82 11.81
N CYS F 25 21.88 39.59 11.60
CA CYS F 25 20.51 39.33 11.23
C CYS F 25 19.94 38.11 11.95
N ALA F 26 18.72 38.23 12.46
CA ALA F 26 18.06 37.11 13.13
C ALA F 26 16.58 37.02 12.72
N GLN F 27 16.09 35.82 12.52
CA GLN F 27 14.69 35.59 12.23
C GLN F 27 14.14 34.56 13.22
N ASP F 28 12.94 34.78 13.74
CA ASP F 28 12.36 33.76 14.61
C ASP F 28 11.13 33.07 13.97
N MET F 29 11.17 32.88 12.62
CA MET F 29 10.07 32.31 11.83
C MET F 29 10.32 30.87 11.46
N ASN F 30 11.41 30.30 12.01
CA ASN F 30 11.85 28.92 11.82
C ASN F 30 12.14 28.66 10.35
N HIS F 31 12.66 29.69 9.68
CA HIS F 31 12.93 29.68 8.23
C HIS F 31 14.22 28.99 7.90
N ASN F 32 14.28 28.35 6.75
CA ASN F 32 15.48 27.67 6.29
C ASN F 32 16.35 28.59 5.50
N SER F 33 15.76 29.24 4.46
CA SER F 33 16.38 30.15 3.51
C SER F 33 16.64 31.52 4.16
N MET F 34 17.85 32.09 3.93
CA MET F 34 18.26 33.42 4.42
C MET F 34 19.14 34.10 3.42
N TYR F 35 18.96 35.41 3.29
CA TYR F 35 19.60 36.18 2.23
C TYR F 35 20.17 37.51 2.71
N TRP F 36 21.27 37.93 2.11
CA TRP F 36 21.83 39.28 2.30
C TRP F 36 21.87 39.96 0.94
N TYR F 37 21.11 41.05 0.80
CA TYR F 37 21.01 41.88 -0.39
C TYR F 37 21.59 43.27 -0.15
N ARG F 38 21.97 43.95 -1.25
CA ARG F 38 22.35 45.36 -1.23
C ARG F 38 21.46 46.07 -2.21
N GLN F 39 20.96 47.24 -1.80
CA GLN F 39 20.07 48.02 -2.62
C GLN F 39 20.74 49.33 -2.94
N ASP F 40 20.92 49.57 -4.24
CA ASP F 40 21.58 50.74 -4.75
C ASP F 40 20.66 51.48 -5.71
N PRO F 41 20.83 52.82 -5.85
CA PRO F 41 19.97 53.57 -6.78
C PRO F 41 20.13 53.11 -8.22
N GLY F 42 19.01 53.17 -8.94
CA GLY F 42 18.92 52.77 -10.33
C GLY F 42 18.85 51.28 -10.60
N MET F 43 19.04 50.46 -9.56
CA MET F 43 19.02 49.01 -9.78
C MET F 43 18.25 48.20 -8.75
N GLY F 44 17.86 47.00 -9.16
CA GLY F 44 17.16 46.05 -8.31
C GLY F 44 18.09 45.51 -7.24
N LEU F 45 17.52 44.87 -6.22
CA LEU F 45 18.28 44.28 -5.11
C LEU F 45 19.30 43.31 -5.67
N ARG F 46 20.54 43.33 -5.17
CA ARG F 46 21.56 42.39 -5.63
C ARG F 46 21.95 41.51 -4.51
N LEU F 47 21.81 40.20 -4.73
CA LEU F 47 22.11 39.21 -3.72
C LEU F 47 23.61 39.12 -3.55
N ILE F 48 24.08 39.28 -2.31
CA ILE F 48 25.50 39.21 -1.99
C ILE F 48 25.83 37.73 -1.72
N TYR F 49 25.14 37.15 -0.72
CA TYR F 49 25.27 35.76 -0.26
C TYR F 49 23.94 35.25 0.19
N TYR F 50 23.79 33.93 0.20
CA TYR F 50 22.57 33.32 0.65
C TYR F 50 22.94 32.05 1.39
N SER F 51 22.02 31.54 2.19
CA SER F 51 22.16 30.34 3.01
C SER F 51 20.83 29.57 2.86
N ALA F 52 20.84 28.46 2.11
CA ALA F 52 19.66 27.62 1.85
C ALA F 52 19.07 26.88 3.10
N SER F 53 19.91 26.62 4.14
CA SER F 53 19.51 25.99 5.40
C SER F 53 20.62 26.22 6.40
N GLU F 54 20.46 25.78 7.66
CA GLU F 54 21.58 25.92 8.58
C GLU F 54 22.61 24.88 8.11
N GLY F 55 23.88 25.24 8.19
CA GLY F 55 24.96 24.36 7.75
C GLY F 55 25.44 24.55 6.33
N THR F 56 24.86 25.56 5.62
CA THR F 56 25.24 25.86 4.24
C THR F 56 25.10 27.30 3.86
N THR F 57 26.08 27.82 3.08
CA THR F 57 26.07 29.18 2.50
C THR F 57 26.65 29.15 1.08
N ASP F 58 26.24 30.07 0.24
CA ASP F 58 26.82 30.18 -1.09
C ASP F 58 26.79 31.62 -1.54
N LYS F 59 27.65 31.95 -2.54
CA LYS F 59 27.77 33.28 -3.14
C LYS F 59 26.51 33.63 -3.89
N GLY F 60 26.23 34.92 -3.96
CA GLY F 60 25.15 35.47 -4.76
C GLY F 60 25.75 36.09 -6.01
N GLU F 61 25.21 37.21 -6.45
CA GLU F 61 25.64 37.94 -7.64
C GLU F 61 26.90 38.79 -7.39
N VAL F 62 26.96 39.45 -6.22
CA VAL F 62 28.01 40.39 -5.86
C VAL F 62 28.74 39.97 -4.56
N PRO F 63 29.43 38.80 -4.50
CA PRO F 63 30.05 38.39 -3.24
C PRO F 63 31.39 39.04 -2.89
N ASN F 64 32.07 39.65 -3.87
CA ASN F 64 33.41 40.22 -3.65
C ASN F 64 33.50 41.38 -2.68
N GLY F 65 34.26 41.17 -1.62
CA GLY F 65 34.47 42.12 -0.53
C GLY F 65 33.64 41.80 0.70
N TYR F 66 32.90 40.69 0.64
CA TYR F 66 32.02 40.21 1.68
C TYR F 66 32.22 38.71 1.99
N ASN F 67 31.76 38.30 3.19
CA ASN F 67 31.74 36.92 3.67
C ASN F 67 30.53 36.79 4.59
N VAL F 68 30.07 35.56 4.85
CA VAL F 68 28.91 35.30 5.68
C VAL F 68 29.10 34.15 6.60
N SER F 69 28.28 34.08 7.65
CA SER F 69 28.26 32.95 8.54
C SER F 69 26.81 32.66 8.89
N ARG F 70 26.32 31.46 8.54
CA ARG F 70 25.02 31.02 9.01
C ARG F 70 25.42 30.43 10.38
N LEU F 71 25.26 31.25 11.43
CA LEU F 71 25.72 30.86 12.77
C LEU F 71 24.92 29.69 13.32
N ASN F 72 23.61 29.68 13.06
CA ASN F 72 22.64 28.67 13.47
C ASN F 72 21.43 28.86 12.56
N LYS F 73 20.30 28.21 12.84
CA LYS F 73 19.14 28.35 11.99
C LYS F 73 18.52 29.76 12.02
N ARG F 74 18.67 30.47 13.14
CA ARG F 74 18.13 31.83 13.31
C ARG F 74 19.00 32.96 12.74
N GLU F 75 20.34 32.85 12.86
CA GLU F 75 21.28 33.92 12.53
C GLU F 75 22.18 33.75 11.31
N PHE F 76 22.26 34.84 10.55
CA PHE F 76 23.03 34.98 9.32
C PHE F 76 23.75 36.34 9.32
N SER F 77 25.05 36.29 9.60
CA SER F 77 25.90 37.47 9.66
C SER F 77 26.51 37.80 8.33
N LEU F 78 26.70 39.10 8.06
CA LEU F 78 27.37 39.61 6.86
C LEU F 78 28.59 40.37 7.34
N ARG F 79 29.77 40.02 6.82
CA ARG F 79 30.99 40.71 7.21
C ARG F 79 31.65 41.40 6.03
N LEU F 80 32.13 42.63 6.26
CA LEU F 80 32.89 43.47 5.33
C LEU F 80 34.28 43.40 5.94
N GLU F 81 35.22 42.68 5.29
CA GLU F 81 36.56 42.46 5.85
C GLU F 81 37.42 43.70 5.83
N SER F 82 37.32 44.48 4.74
CA SER F 82 38.06 45.73 4.56
C SER F 82 37.19 46.67 3.77
N ALA F 83 36.37 47.43 4.50
CA ALA F 83 35.43 48.38 3.94
C ALA F 83 36.04 49.24 2.85
N ALA F 84 35.32 49.33 1.73
CA ALA F 84 35.71 50.16 0.60
C ALA F 84 34.55 51.13 0.29
N PRO F 85 34.82 52.34 -0.24
CA PRO F 85 33.71 53.29 -0.52
C PRO F 85 32.59 52.77 -1.42
N SER F 86 32.87 51.80 -2.31
CA SER F 86 31.85 51.19 -3.19
C SER F 86 30.81 50.36 -2.40
N GLN F 87 31.11 50.06 -1.12
CA GLN F 87 30.25 49.33 -0.21
C GLN F 87 29.27 50.25 0.56
N THR F 88 29.29 51.55 0.23
CA THR F 88 28.31 52.50 0.71
C THR F 88 27.02 52.04 0.04
N SER F 89 26.04 51.59 0.86
CA SER F 89 24.75 51.03 0.35
C SER F 89 23.73 50.84 1.48
N VAL F 90 22.54 50.40 1.12
CA VAL F 90 21.48 49.98 2.04
C VAL F 90 21.42 48.44 1.94
N TYR F 91 21.68 47.76 3.07
CA TYR F 91 21.73 46.29 3.12
C TYR F 91 20.50 45.70 3.76
N PHE F 92 19.95 44.70 3.07
CA PHE F 92 18.75 44.02 3.54
C PHE F 92 18.98 42.55 3.79
N CYS F 93 18.57 42.13 4.97
CA CYS F 93 18.55 40.73 5.31
C CYS F 93 17.13 40.26 5.00
N ALA F 94 17.01 39.05 4.45
CA ALA F 94 15.71 38.48 4.14
C ALA F 94 15.68 36.99 4.50
N SER F 95 14.48 36.44 4.67
CA SER F 95 14.27 35.03 4.95
C SER F 95 12.99 34.46 4.30
N SER F 96 12.97 33.13 4.08
CA SER F 96 11.83 32.37 3.58
C SER F 96 11.95 30.93 4.05
N ALA F 97 10.81 30.24 4.16
CA ALA F 97 10.73 28.87 4.59
C ALA F 97 11.44 27.91 3.67
N ALA F 98 11.39 28.19 2.36
CA ALA F 98 11.90 27.43 1.24
C ALA F 98 11.93 28.33 -0.01
N VAL F 99 12.49 27.81 -1.10
CA VAL F 99 12.66 28.53 -2.37
C VAL F 99 11.46 28.40 -3.28
N GLU F 100 10.71 27.30 -3.16
CA GLU F 100 9.53 27.07 -4.02
C GLU F 100 8.46 28.11 -3.75
N GLY F 101 7.48 28.21 -4.65
CA GLY F 101 6.33 29.07 -4.50
C GLY F 101 5.56 28.59 -3.31
N GLY F 102 4.85 29.51 -2.67
CA GLY F 102 4.08 29.22 -1.48
C GLY F 102 4.81 29.59 -0.20
N ASN F 103 5.97 30.28 -0.35
CA ASN F 103 6.88 30.74 0.71
C ASN F 103 7.30 32.20 0.47
N THR F 104 6.65 33.12 1.18
CA THR F 104 6.87 34.55 1.13
C THR F 104 8.22 34.91 1.70
N ILE F 105 8.91 35.89 1.08
CA ILE F 105 10.19 36.42 1.51
C ILE F 105 9.89 37.60 2.46
N TYR F 106 10.54 37.58 3.61
CA TYR F 106 10.43 38.57 4.68
C TYR F 106 11.72 39.31 4.77
N PHE F 107 11.66 40.65 4.83
CA PHE F 107 12.81 41.54 4.92
C PHE F 107 13.01 42.14 6.28
N GLY F 108 14.29 42.41 6.57
CA GLY F 108 14.72 43.12 7.76
C GLY F 108 14.42 44.60 7.52
N GLU F 109 14.72 45.45 8.50
CA GLU F 109 14.39 46.89 8.40
C GLU F 109 15.37 47.70 7.53
N GLY F 110 16.53 47.12 7.23
CA GLY F 110 17.57 47.76 6.43
C GLY F 110 18.71 48.29 7.26
N SER F 111 19.92 48.33 6.66
CA SER F 111 21.16 48.86 7.23
C SER F 111 21.89 49.75 6.21
N ARG F 112 21.93 51.07 6.47
CA ARG F 112 22.64 52.02 5.64
C ARG F 112 24.09 52.14 6.11
N LEU F 113 25.02 51.81 5.20
CA LEU F 113 26.46 51.87 5.46
C LEU F 113 27.07 52.91 4.56
N THR F 114 27.85 53.84 5.16
CA THR F 114 28.61 54.89 4.47
C THR F 114 30.08 54.63 4.77
N VAL F 115 30.85 54.38 3.73
CA VAL F 115 32.27 54.13 3.81
C VAL F 115 33.01 55.34 3.24
N LEU F 116 33.85 55.96 4.09
CA LEU F 116 34.60 57.18 3.81
C LEU F 116 36.09 56.96 3.87
N GLU F 117 36.88 57.70 3.06
CA GLU F 117 38.34 57.68 3.08
C GLU F 117 38.87 58.18 4.45
N ASP F 118 38.16 59.15 5.07
CA ASP F 118 38.42 59.72 6.40
C ASP F 118 37.14 60.31 7.02
N LEU F 119 37.12 60.48 8.34
CA LEU F 119 35.96 60.95 9.10
C LEU F 119 35.94 62.47 9.35
N LYS F 120 36.97 63.18 8.86
CA LYS F 120 37.18 64.62 9.00
C LYS F 120 36.05 65.50 8.34
N ASN F 121 35.17 64.90 7.49
CA ASN F 121 34.05 65.63 6.91
C ASN F 121 32.72 65.25 7.56
N VAL F 122 32.68 64.26 8.50
CA VAL F 122 31.44 63.89 9.24
C VAL F 122 31.00 65.11 10.07
N PHE F 123 29.78 65.57 9.83
CA PHE F 123 29.20 66.72 10.52
C PHE F 123 27.73 66.47 10.92
N PRO F 124 27.34 66.78 12.17
CA PRO F 124 25.91 66.68 12.54
C PRO F 124 25.13 67.86 11.93
N PRO F 125 23.78 67.88 11.86
CA PRO F 125 23.12 69.04 11.25
C PRO F 125 22.96 70.20 12.21
N GLU F 126 22.73 71.37 11.63
CA GLU F 126 22.40 72.63 12.30
C GLU F 126 20.88 72.67 12.04
N VAL F 127 20.06 72.64 13.11
CA VAL F 127 18.60 72.61 12.97
C VAL F 127 18.01 73.94 13.35
N ALA F 128 17.17 74.52 12.47
CA ALA F 128 16.50 75.81 12.71
C ALA F 128 15.00 75.69 12.39
N VAL F 129 14.17 76.46 13.12
CA VAL F 129 12.72 76.50 12.94
C VAL F 129 12.28 77.89 12.46
N PHE F 130 11.45 77.96 11.42
CA PHE F 130 10.97 79.21 10.84
C PHE F 130 9.49 79.35 11.07
N GLU F 131 9.12 80.39 11.82
CA GLU F 131 7.75 80.68 12.24
C GLU F 131 6.87 81.07 11.06
N PRO F 132 5.55 80.74 11.13
CA PRO F 132 4.65 81.08 10.01
C PRO F 132 4.56 82.57 9.67
N SER F 133 4.41 82.86 8.37
CA SER F 133 4.25 84.20 7.81
C SER F 133 2.88 84.72 8.22
N GLU F 134 2.82 85.96 8.73
CA GLU F 134 1.58 86.64 9.14
C GLU F 134 0.64 86.85 7.94
N ALA F 135 1.23 87.03 6.72
CA ALA F 135 0.48 87.19 5.47
C ALA F 135 -0.26 85.89 5.09
N GLU F 136 0.33 84.72 5.42
CA GLU F 136 -0.27 83.40 5.18
C GLU F 136 -1.47 83.21 6.09
N ILE F 137 -1.34 83.58 7.38
CA ILE F 137 -2.39 83.43 8.38
C ILE F 137 -3.60 84.30 8.01
N SER F 138 -3.34 85.50 7.48
CA SER F 138 -4.41 86.40 7.05
C SER F 138 -5.08 85.87 5.76
N HIS F 139 -4.25 85.46 4.78
CA HIS F 139 -4.71 84.99 3.48
C HIS F 139 -5.43 83.65 3.50
N THR F 140 -4.97 82.69 4.32
CA THR F 140 -5.47 81.32 4.30
C THR F 140 -6.13 80.78 5.56
N GLN F 141 -5.88 81.41 6.73
CA GLN F 141 -6.36 80.93 8.03
C GLN F 141 -5.61 79.64 8.44
N LYS F 142 -4.42 79.43 7.86
CA LYS F 142 -3.53 78.30 8.07
C LYS F 142 -2.14 78.86 8.33
N ALA F 143 -1.32 78.10 9.09
CA ALA F 143 0.04 78.50 9.49
C ALA F 143 1.04 77.38 9.21
N THR F 144 2.08 77.65 8.39
CA THR F 144 3.11 76.67 8.04
C THR F 144 4.42 77.01 8.73
N LEU F 145 4.92 76.06 9.56
CA LEU F 145 6.20 76.16 10.23
C LEU F 145 7.15 75.40 9.33
N VAL F 146 8.36 75.93 9.13
CA VAL F 146 9.37 75.26 8.31
C VAL F 146 10.58 74.93 9.14
N CYS F 147 11.07 73.70 9.01
CA CYS F 147 12.27 73.24 9.68
C CYS F 147 13.39 72.94 8.68
N LEU F 148 14.59 73.48 8.96
CA LEU F 148 15.78 73.23 8.17
C LEU F 148 16.85 72.51 8.98
N ALA F 149 17.40 71.41 8.41
CA ALA F 149 18.54 70.63 8.94
C ALA F 149 19.66 70.88 7.92
N THR F 150 20.63 71.70 8.26
CA THR F 150 21.67 72.06 7.29
C THR F 150 23.07 71.63 7.71
N GLY F 151 23.92 71.44 6.70
CA GLY F 151 25.34 71.11 6.81
C GLY F 151 25.71 69.76 7.37
N PHE F 152 24.84 68.78 7.26
CA PHE F 152 25.18 67.45 7.79
C PHE F 152 25.89 66.54 6.79
N TYR F 153 26.72 65.62 7.32
CA TYR F 153 27.43 64.63 6.52
C TYR F 153 27.83 63.40 7.36
N PRO F 154 27.57 62.16 6.89
CA PRO F 154 26.86 61.80 5.66
C PRO F 154 25.35 61.99 5.79
N ASP F 155 24.61 61.64 4.74
CA ASP F 155 23.17 61.69 4.70
C ASP F 155 22.56 60.52 5.57
N HIS F 156 22.66 60.65 6.92
CA HIS F 156 22.15 59.69 7.91
C HIS F 156 21.29 60.47 8.93
N VAL F 157 20.13 60.98 8.50
CA VAL F 157 19.22 61.75 9.33
C VAL F 157 17.78 61.25 9.28
N GLU F 158 17.01 61.52 10.34
CA GLU F 158 15.61 61.17 10.48
C GLU F 158 14.96 62.34 11.14
N LEU F 159 14.11 63.05 10.41
CA LEU F 159 13.44 64.25 10.92
C LEU F 159 12.04 63.91 11.43
N SER F 160 11.66 64.49 12.58
CA SER F 160 10.33 64.30 13.16
C SER F 160 9.79 65.59 13.75
N TRP F 161 8.46 65.70 13.81
CA TRP F 161 7.78 66.87 14.38
C TRP F 161 7.02 66.48 15.63
N TRP F 162 7.15 67.29 16.69
CA TRP F 162 6.52 67.05 18.00
C TRP F 162 5.72 68.29 18.40
N VAL F 163 4.41 68.13 18.48
CA VAL F 163 3.50 69.19 18.89
C VAL F 163 3.04 68.80 20.28
N ASN F 164 3.42 69.62 21.29
CA ASN F 164 3.10 69.42 22.71
C ASN F 164 3.59 68.04 23.21
N GLY F 165 4.84 67.74 22.88
CA GLY F 165 5.52 66.51 23.27
C GLY F 165 5.09 65.23 22.60
N LYS F 166 4.14 65.32 21.67
CA LYS F 166 3.63 64.16 20.93
C LYS F 166 4.00 64.27 19.45
N GLU F 167 4.58 63.20 18.88
CA GLU F 167 4.94 63.16 17.46
C GLU F 167 3.70 63.28 16.58
N VAL F 168 3.81 64.09 15.51
CA VAL F 168 2.75 64.34 14.55
C VAL F 168 3.17 63.90 13.15
N HIS F 169 2.17 63.44 12.37
CA HIS F 169 2.34 63.02 11.00
C HIS F 169 1.41 63.82 10.11
N SER F 170 0.24 64.21 10.65
CA SER F 170 -0.75 65.01 9.92
C SER F 170 -0.26 66.45 9.76
N GLY F 171 -0.35 66.93 8.51
CA GLY F 171 0.04 68.27 8.10
C GLY F 171 1.54 68.46 8.02
N VAL F 172 2.30 67.35 7.98
CA VAL F 172 3.77 67.32 7.93
C VAL F 172 4.25 66.89 6.54
N CYS F 173 5.30 67.58 6.04
CA CYS F 173 6.00 67.22 4.81
C CYS F 173 7.51 67.38 4.85
N THR F 174 8.22 66.26 4.79
CA THR F 174 9.68 66.22 4.80
C THR F 174 10.14 65.82 3.40
N ASP F 175 11.20 66.48 2.92
CA ASP F 175 11.80 66.17 1.62
C ASP F 175 12.19 64.68 1.56
N PRO F 176 11.88 63.99 0.45
CA PRO F 176 12.24 62.57 0.36
C PRO F 176 13.75 62.33 0.24
N GLN F 177 14.47 63.27 -0.39
CA GLN F 177 15.92 63.18 -0.53
C GLN F 177 16.53 64.51 -0.08
N PRO F 178 17.71 64.53 0.57
CA PRO F 178 18.30 65.82 0.91
C PRO F 178 18.91 66.46 -0.34
N LEU F 179 19.29 67.68 -0.20
CA LEU F 179 19.85 68.55 -1.21
C LEU F 179 21.37 68.71 -0.95
N LYS F 180 22.21 68.51 -1.98
CA LYS F 180 23.66 68.73 -1.92
C LYS F 180 23.94 70.26 -1.80
N GLU F 181 24.52 70.74 -0.67
CA GLU F 181 24.86 72.16 -0.46
C GLU F 181 26.02 72.62 -1.37
N GLN F 182 26.90 71.67 -1.73
CA GLN F 182 28.04 71.94 -2.60
C GLN F 182 27.95 70.95 -3.76
N PRO F 183 27.04 71.18 -4.76
CA PRO F 183 26.84 70.16 -5.82
C PRO F 183 28.06 69.66 -6.61
N ALA F 184 29.09 70.51 -6.79
CA ALA F 184 30.31 70.21 -7.53
C ALA F 184 31.28 69.32 -6.74
N LEU F 185 31.30 69.44 -5.40
CA LEU F 185 32.18 68.67 -4.51
C LEU F 185 31.71 67.23 -4.34
N ASN F 186 32.65 66.26 -4.34
CA ASN F 186 32.35 64.82 -4.16
C ASN F 186 31.75 64.52 -2.79
N ASP F 187 32.26 65.23 -1.78
CA ASP F 187 31.88 65.12 -0.38
C ASP F 187 30.98 66.28 0.04
N SER F 188 30.07 66.70 -0.86
CA SER F 188 29.11 67.76 -0.56
C SER F 188 28.34 67.39 0.71
N ARG F 189 28.04 68.40 1.52
CA ARG F 189 27.25 68.23 2.74
C ARG F 189 25.78 68.44 2.36
N TYR F 190 24.88 68.06 3.26
CA TYR F 190 23.45 68.06 2.95
C TYR F 190 22.61 69.00 3.76
N ALA F 191 21.45 69.36 3.16
CA ALA F 191 20.40 70.21 3.70
C ALA F 191 19.09 69.49 3.42
N LEU F 192 18.23 69.44 4.43
CA LEU F 192 16.91 68.79 4.36
C LEU F 192 15.84 69.72 4.98
N SER F 193 14.68 69.85 4.30
CA SER F 193 13.62 70.71 4.81
C SER F 193 12.35 69.94 5.11
N SER F 194 11.55 70.46 6.06
CA SER F 194 10.25 69.91 6.43
C SER F 194 9.24 71.00 6.77
N ARG F 195 7.98 70.80 6.39
CA ARG F 195 6.92 71.75 6.71
C ARG F 195 5.92 71.07 7.62
N LEU F 196 5.34 71.84 8.55
CA LEU F 196 4.27 71.42 9.46
C LEU F 196 3.22 72.51 9.41
N ARG F 197 2.08 72.20 8.80
CA ARG F 197 0.98 73.13 8.63
C ARG F 197 -0.14 72.85 9.60
N VAL F 198 -0.53 73.90 10.34
CA VAL F 198 -1.58 73.87 11.34
C VAL F 198 -2.59 74.99 11.01
N SER F 199 -3.73 75.03 11.71
CA SER F 199 -4.69 76.11 11.54
C SER F 199 -4.11 77.35 12.25
N ALA F 200 -4.45 78.56 11.75
CA ALA F 200 -3.97 79.84 12.29
C ALA F 200 -4.26 79.96 13.78
N THR F 201 -5.50 79.62 14.20
CA THR F 201 -5.93 79.65 15.61
C THR F 201 -5.10 78.70 16.47
N PHE F 202 -4.73 77.49 15.93
CA PHE F 202 -3.87 76.53 16.64
C PHE F 202 -2.49 77.15 16.89
N TRP F 203 -1.89 77.79 15.85
CA TRP F 203 -0.59 78.46 15.97
C TRP F 203 -0.66 79.73 16.85
N GLN F 204 -1.83 80.41 16.86
CA GLN F 204 -2.02 81.62 17.65
C GLN F 204 -2.12 81.37 19.16
N ASN F 205 -2.38 80.11 19.57
CA ASN F 205 -2.50 79.77 20.98
C ASN F 205 -1.11 79.65 21.62
N PRO F 206 -0.79 80.49 22.64
CA PRO F 206 0.49 80.29 23.36
C PRO F 206 0.26 79.15 24.37
N ARG F 207 1.10 78.12 24.40
CA ARG F 207 0.99 76.91 25.25
C ARG F 207 1.13 75.71 24.32
N ASN F 208 1.06 76.01 23.00
CA ASN F 208 1.26 75.07 21.91
C ASN F 208 2.73 75.12 21.54
N HIS F 209 3.42 74.02 21.85
CA HIS F 209 4.84 73.88 21.65
C HIS F 209 5.15 72.99 20.47
N PHE F 210 5.93 73.54 19.53
CA PHE F 210 6.32 72.89 18.28
C PHE F 210 7.81 72.64 18.28
N ARG F 211 8.21 71.36 18.14
CA ARG F 211 9.61 70.98 18.12
C ARG F 211 9.92 70.17 16.87
N CYS F 212 10.97 70.58 16.14
CA CYS F 212 11.48 69.85 14.99
C CYS F 212 12.69 69.12 15.49
N GLN F 213 12.66 67.80 15.46
CA GLN F 213 13.73 66.96 15.99
C GLN F 213 14.47 66.30 14.85
N VAL F 214 15.80 66.38 14.82
CA VAL F 214 16.60 65.70 13.77
C VAL F 214 17.58 64.72 14.38
N GLN F 215 17.32 63.43 14.21
CA GLN F 215 18.22 62.41 14.71
C GLN F 215 19.34 62.22 13.67
N PHE F 216 20.59 62.48 14.08
CA PHE F 216 21.78 62.29 13.25
C PHE F 216 22.47 60.99 13.66
N TYR F 217 22.92 60.19 12.68
CA TYR F 217 23.64 58.94 12.92
C TYR F 217 25.05 59.16 12.44
N GLY F 218 25.97 59.30 13.38
CA GLY F 218 27.36 59.58 13.04
C GLY F 218 28.32 58.58 13.60
N LEU F 219 29.33 59.10 14.35
CA LEU F 219 30.37 58.27 14.95
C LEU F 219 29.90 57.64 16.26
N SER F 220 30.55 56.54 16.67
CA SER F 220 30.25 55.86 17.94
C SER F 220 31.37 56.20 18.91
N GLU F 221 31.19 55.85 20.19
CA GLU F 221 32.19 56.09 21.22
C GLU F 221 33.52 55.38 20.89
N ASN F 222 33.46 54.24 20.16
CA ASN F 222 34.63 53.44 19.78
C ASN F 222 35.50 54.04 18.65
N ASP F 223 34.98 55.01 17.87
CA ASP F 223 35.71 55.65 16.76
C ASP F 223 36.72 56.65 17.29
N GLU F 224 37.92 56.70 16.68
CA GLU F 224 38.94 57.67 17.07
C GLU F 224 38.56 59.05 16.50
N TRP F 225 38.92 60.11 17.26
CA TRP F 225 38.65 61.48 16.87
C TRP F 225 39.85 62.33 17.23
N THR F 226 40.51 62.88 16.20
CA THR F 226 41.72 63.70 16.37
C THR F 226 41.57 65.17 15.89
N GLN F 227 40.33 65.61 15.55
CA GLN F 227 40.08 66.99 15.09
C GLN F 227 39.82 67.95 16.28
N ASP F 228 40.05 69.26 16.08
CA ASP F 228 39.85 70.28 17.14
C ASP F 228 38.39 70.50 17.51
N ARG F 229 37.47 70.29 16.56
CA ARG F 229 36.03 70.43 16.81
C ARG F 229 35.48 69.23 17.61
N ALA F 230 34.22 69.29 18.03
CA ALA F 230 33.56 68.23 18.76
C ALA F 230 33.35 66.97 17.88
N LYS F 231 33.47 65.78 18.49
CA LYS F 231 33.27 64.49 17.85
C LYS F 231 31.82 64.41 17.31
N PRO F 232 31.64 64.20 15.98
CA PRO F 232 30.27 64.18 15.39
C PRO F 232 29.54 62.86 15.58
N VAL F 233 29.22 62.57 16.85
CA VAL F 233 28.56 61.38 17.32
C VAL F 233 27.07 61.39 16.98
N THR F 234 26.45 60.20 17.03
CA THR F 234 25.02 60.01 16.94
C THR F 234 24.42 60.92 18.04
N GLN F 235 23.48 61.78 17.64
CA GLN F 235 22.87 62.75 18.53
C GLN F 235 21.55 63.24 17.95
N ILE F 236 20.75 63.87 18.80
CA ILE F 236 19.53 64.52 18.40
C ILE F 236 19.76 66.03 18.43
N VAL F 237 19.58 66.69 17.26
CA VAL F 237 19.67 68.15 17.11
C VAL F 237 18.22 68.65 16.90
N SER F 238 17.81 69.69 17.64
CA SER F 238 16.46 70.20 17.49
C SER F 238 16.32 71.70 17.66
N ALA F 239 15.25 72.27 17.09
CA ALA F 239 14.83 73.65 17.19
C ALA F 239 13.34 73.65 17.56
N GLU F 240 12.91 74.55 18.49
CA GLU F 240 11.55 74.68 19.02
C GLU F 240 10.89 76.05 18.69
N ALA F 241 9.53 76.14 18.78
CA ALA F 241 8.71 77.34 18.56
C ALA F 241 7.47 77.32 19.45
N TRP F 242 6.91 78.51 19.76
CA TRP F 242 5.68 78.72 20.54
C TRP F 242 4.78 79.72 19.78
N GLY F 243 3.49 79.75 20.09
CA GLY F 243 2.52 80.65 19.48
C GLY F 243 2.80 82.13 19.60
N GLN G 4 -17.28 -36.26 17.41
CA GLN G 4 -18.41 -36.79 18.17
C GLN G 4 -19.63 -35.88 18.12
N ASN G 5 -19.51 -34.62 18.56
CA ASN G 5 -20.67 -33.71 18.59
C ASN G 5 -20.41 -32.28 18.16
N ILE G 6 -21.41 -31.70 17.44
CA ILE G 6 -21.50 -30.29 17.04
C ILE G 6 -22.87 -29.82 17.52
N ASP G 7 -22.91 -28.75 18.30
CA ASP G 7 -24.18 -28.23 18.81
C ASP G 7 -24.39 -26.78 18.50
N GLN G 8 -25.59 -26.47 18.03
CA GLN G 8 -26.02 -25.11 17.71
C GLN G 8 -27.52 -24.90 17.96
N PRO G 9 -28.02 -23.66 18.28
CA PRO G 9 -29.48 -23.52 18.52
C PRO G 9 -30.31 -23.88 17.29
N THR G 10 -31.51 -24.45 17.49
CA THR G 10 -32.36 -24.87 16.40
C THR G 10 -32.83 -23.68 15.58
N GLU G 11 -33.22 -22.62 16.28
CA GLU G 11 -33.82 -21.44 15.69
C GLU G 11 -33.47 -20.20 16.49
N MET G 12 -33.38 -19.06 15.78
CA MET G 12 -33.15 -17.73 16.36
C MET G 12 -33.95 -16.69 15.60
N THR G 13 -34.53 -15.74 16.33
CA THR G 13 -35.36 -14.67 15.75
C THR G 13 -34.80 -13.34 16.25
N ALA G 14 -34.59 -12.40 15.34
CA ALA G 14 -34.09 -11.06 15.64
C ALA G 14 -34.76 -10.05 14.69
N THR G 15 -34.63 -8.75 14.98
CA THR G 15 -35.25 -7.67 14.24
C THR G 15 -34.30 -7.09 13.22
N GLU G 16 -34.85 -6.65 12.03
CA GLU G 16 -34.01 -6.01 11.02
C GLU G 16 -33.36 -4.74 11.57
N GLY G 17 -32.07 -4.56 11.29
CA GLY G 17 -31.27 -3.44 11.78
C GLY G 17 -30.51 -3.76 13.03
N ALA G 18 -30.86 -4.89 13.67
CA ALA G 18 -30.26 -5.35 14.89
C ALA G 18 -29.09 -6.33 14.60
N ILE G 19 -28.53 -6.93 15.65
CA ILE G 19 -27.40 -7.85 15.66
C ILE G 19 -27.86 -9.20 16.19
N VAL G 20 -27.27 -10.29 15.69
CA VAL G 20 -27.56 -11.65 16.12
C VAL G 20 -26.23 -12.44 16.20
N GLN G 21 -26.07 -13.25 17.24
CA GLN G 21 -24.89 -14.09 17.41
C GLN G 21 -25.31 -15.55 17.42
N ILE G 22 -24.90 -16.30 16.39
CA ILE G 22 -25.25 -17.72 16.25
C ILE G 22 -24.11 -18.54 16.79
N ASN G 23 -24.35 -19.22 17.89
CA ASN G 23 -23.36 -20.03 18.60
C ASN G 23 -23.19 -21.43 18.04
N CYS G 24 -21.98 -21.96 18.21
CA CYS G 24 -21.64 -23.31 17.82
C CYS G 24 -20.59 -23.88 18.71
N THR G 25 -20.92 -24.93 19.46
CA THR G 25 -19.94 -25.62 20.30
C THR G 25 -19.66 -27.00 19.74
N TYR G 26 -18.39 -27.37 19.66
CA TYR G 26 -17.98 -28.67 19.11
C TYR G 26 -17.20 -29.47 20.16
N GLN G 27 -17.38 -30.79 20.16
CA GLN G 27 -16.71 -31.72 21.05
C GLN G 27 -16.23 -32.82 20.10
N THR G 28 -15.04 -32.61 19.53
CA THR G 28 -14.42 -33.49 18.53
C THR G 28 -13.07 -34.07 18.97
N SER G 29 -12.66 -35.17 18.32
CA SER G 29 -11.35 -35.80 18.56
C SER G 29 -10.41 -35.09 17.58
N GLY G 30 -9.72 -34.06 18.09
CA GLY G 30 -8.85 -33.22 17.28
C GLY G 30 -9.60 -32.10 16.58
N PHE G 31 -8.83 -31.11 16.09
CA PHE G 31 -9.41 -29.95 15.45
C PHE G 31 -8.59 -29.43 14.27
N ASN G 32 -9.20 -29.33 13.10
CA ASN G 32 -8.52 -28.81 11.90
C ASN G 32 -9.24 -27.62 11.25
N GLY G 33 -10.07 -26.93 12.03
CA GLY G 33 -10.82 -25.78 11.55
C GLY G 33 -12.31 -25.92 11.58
N LEU G 34 -12.97 -24.79 11.68
CA LEU G 34 -14.42 -24.65 11.75
C LEU G 34 -14.92 -23.77 10.60
N PHE G 35 -15.98 -24.23 9.94
CA PHE G 35 -16.65 -23.54 8.84
C PHE G 35 -18.04 -23.07 9.25
N TRP G 36 -18.43 -21.95 8.66
CA TRP G 36 -19.78 -21.42 8.72
C TRP G 36 -20.27 -21.34 7.27
N TYR G 37 -21.44 -21.93 7.04
CA TYR G 37 -22.11 -21.95 5.74
C TYR G 37 -23.49 -21.32 5.93
N GLN G 38 -24.02 -20.69 4.85
CA GLN G 38 -25.36 -20.10 4.87
C GLN G 38 -26.16 -20.96 3.88
N GLN G 39 -27.40 -21.32 4.23
CA GLN G 39 -28.25 -22.09 3.35
C GLN G 39 -29.62 -21.49 3.30
N HIS G 40 -29.97 -20.89 2.18
CA HIS G 40 -31.32 -20.33 2.00
C HIS G 40 -32.28 -21.48 1.73
N ALA G 41 -33.51 -21.38 2.23
CA ALA G 41 -34.54 -22.41 2.05
C ALA G 41 -34.66 -22.82 0.59
N GLY G 42 -34.47 -24.12 0.35
CA GLY G 42 -34.55 -24.72 -0.97
C GLY G 42 -33.35 -24.53 -1.86
N GLU G 43 -32.23 -24.02 -1.26
CA GLU G 43 -30.98 -23.74 -1.97
C GLU G 43 -29.83 -24.51 -1.38
N ALA G 44 -28.68 -24.45 -2.04
CA ALA G 44 -27.45 -25.11 -1.62
C ALA G 44 -26.75 -24.32 -0.51
N PRO G 45 -26.00 -24.99 0.39
CA PRO G 45 -25.19 -24.25 1.35
C PRO G 45 -24.03 -23.51 0.64
N THR G 46 -23.71 -22.29 1.09
CA THR G 46 -22.59 -21.51 0.52
C THR G 46 -21.72 -21.05 1.68
N PHE G 47 -20.40 -21.03 1.43
CA PHE G 47 -19.37 -20.68 2.38
C PHE G 47 -19.50 -19.27 2.88
N LEU G 48 -19.38 -19.11 4.20
CA LEU G 48 -19.37 -17.79 4.84
C LEU G 48 -17.96 -17.53 5.42
N SER G 49 -17.44 -18.48 6.20
CA SER G 49 -16.13 -18.34 6.86
C SER G 49 -15.48 -19.63 7.21
N TYR G 50 -14.16 -19.54 7.52
CA TYR G 50 -13.30 -20.62 8.02
C TYR G 50 -12.42 -20.04 9.13
N ASN G 51 -12.47 -20.64 10.32
CA ASN G 51 -11.68 -20.26 11.49
C ASN G 51 -10.91 -21.48 12.00
N VAL G 52 -9.63 -21.29 12.33
CA VAL G 52 -8.76 -22.34 12.82
C VAL G 52 -7.87 -21.85 14.00
N LEU G 53 -7.55 -20.55 14.04
CA LEU G 53 -6.83 -19.93 15.15
C LEU G 53 -7.85 -19.11 15.95
N ASP G 54 -7.48 -18.70 17.16
CA ASP G 54 -8.31 -17.94 18.08
C ASP G 54 -8.48 -16.44 17.73
N GLY G 55 -9.65 -15.92 18.00
CA GLY G 55 -9.94 -14.54 17.68
C GLY G 55 -11.11 -14.36 16.76
N LEU G 56 -11.43 -13.08 16.49
CA LEU G 56 -12.54 -12.62 15.69
C LEU G 56 -12.08 -12.10 14.33
N GLU G 57 -12.77 -12.53 13.28
CA GLU G 57 -12.46 -12.12 11.93
C GLU G 57 -13.68 -11.47 11.35
N GLU G 58 -13.53 -10.26 10.86
CA GLU G 58 -14.64 -9.51 10.31
C GLU G 58 -14.60 -9.55 8.81
N LYS G 59 -15.71 -9.99 8.19
CA LYS G 59 -15.94 -10.10 6.74
C LYS G 59 -17.28 -9.37 6.41
N GLY G 60 -17.21 -8.05 6.25
CA GLY G 60 -18.36 -7.21 5.99
C GLY G 60 -19.23 -7.03 7.22
N ARG G 61 -20.53 -7.33 7.10
CA ARG G 61 -21.53 -7.26 8.19
C ARG G 61 -21.49 -8.51 9.04
N PHE G 62 -20.65 -9.50 8.65
CA PHE G 62 -20.49 -10.79 9.29
C PHE G 62 -19.13 -10.88 9.97
N SER G 63 -19.10 -11.51 11.13
CA SER G 63 -17.90 -11.74 11.93
C SER G 63 -17.97 -13.16 12.42
N SER G 64 -16.81 -13.82 12.48
CA SER G 64 -16.67 -15.20 12.93
C SER G 64 -15.61 -15.22 13.99
N PHE G 65 -15.97 -15.76 15.18
CA PHE G 65 -15.07 -15.90 16.32
C PHE G 65 -14.80 -17.35 16.60
N LEU G 66 -13.59 -17.68 17.05
CA LEU G 66 -13.21 -19.02 17.46
C LEU G 66 -12.43 -18.98 18.76
N SER G 67 -12.70 -19.95 19.64
CA SER G 67 -11.94 -20.20 20.89
C SER G 67 -11.67 -21.69 20.94
N ARG G 68 -10.44 -22.12 20.58
CA ARG G 68 -10.11 -23.54 20.56
C ARG G 68 -10.17 -24.20 21.95
N SER G 69 -9.69 -23.51 22.99
CA SER G 69 -9.70 -24.07 24.37
C SER G 69 -11.14 -24.29 24.88
N LYS G 70 -12.06 -23.37 24.50
CA LYS G 70 -13.46 -23.45 24.87
C LYS G 70 -14.28 -24.33 23.91
N GLY G 71 -13.69 -24.74 22.78
CA GLY G 71 -14.35 -25.53 21.76
C GLY G 71 -15.67 -24.89 21.35
N TYR G 72 -15.58 -23.62 20.95
CA TYR G 72 -16.73 -22.81 20.65
C TYR G 72 -16.44 -21.74 19.59
N SER G 73 -17.46 -21.44 18.79
CA SER G 73 -17.42 -20.43 17.77
C SER G 73 -18.76 -19.71 17.72
N TYR G 74 -18.78 -18.52 17.15
CA TYR G 74 -20.00 -17.80 16.88
C TYR G 74 -19.91 -17.08 15.56
N LEU G 75 -21.07 -16.91 14.92
CA LEU G 75 -21.23 -16.12 13.72
C LEU G 75 -22.09 -14.92 14.16
N LEU G 76 -21.53 -13.72 13.98
CA LEU G 76 -22.17 -12.47 14.34
C LEU G 76 -22.63 -11.76 13.07
N LEU G 77 -23.95 -11.54 12.96
CA LEU G 77 -24.55 -10.85 11.80
C LEU G 77 -25.01 -9.52 12.30
N LYS G 78 -24.43 -8.44 11.75
CA LYS G 78 -24.72 -7.06 12.13
C LYS G 78 -25.65 -6.48 11.09
N GLU G 79 -26.32 -5.34 11.41
CA GLU G 79 -27.23 -4.58 10.56
C GLU G 79 -28.15 -5.51 9.79
N LEU G 80 -28.84 -6.36 10.54
CA LEU G 80 -29.71 -7.42 10.02
C LEU G 80 -30.66 -7.03 8.93
N GLN G 81 -30.66 -7.82 7.85
CA GLN G 81 -31.53 -7.60 6.69
C GLN G 81 -32.45 -8.78 6.46
N MET G 82 -33.58 -8.56 5.77
CA MET G 82 -34.54 -9.63 5.48
C MET G 82 -33.91 -10.78 4.75
N LYS G 83 -32.96 -10.48 3.83
CA LYS G 83 -32.22 -11.46 3.02
C LYS G 83 -31.35 -12.39 3.86
N ASP G 84 -31.09 -12.03 5.14
CA ASP G 84 -30.31 -12.80 6.11
C ASP G 84 -31.09 -13.99 6.70
N SER G 85 -32.42 -14.06 6.44
CA SER G 85 -33.28 -15.18 6.82
C SER G 85 -32.80 -16.38 5.99
N ALA G 86 -32.14 -17.31 6.65
CA ALA G 86 -31.54 -18.49 6.08
C ALA G 86 -31.26 -19.38 7.26
N SER G 87 -30.69 -20.56 7.01
CA SER G 87 -30.19 -21.46 8.05
C SER G 87 -28.66 -21.34 7.99
N TYR G 88 -28.00 -21.29 9.13
CA TYR G 88 -26.56 -21.15 9.25
C TYR G 88 -25.96 -22.44 9.78
N LEU G 89 -25.10 -23.05 8.98
CA LEU G 89 -24.53 -24.36 9.25
C LEU G 89 -23.12 -24.27 9.76
N CYS G 90 -22.89 -24.92 10.89
CA CYS G 90 -21.59 -24.99 11.52
C CYS G 90 -20.99 -26.35 11.18
N ALA G 91 -19.72 -26.40 10.74
CA ALA G 91 -19.00 -27.63 10.38
C ALA G 91 -17.57 -27.62 10.89
N VAL G 92 -17.06 -28.77 11.35
CA VAL G 92 -15.70 -28.89 11.88
C VAL G 92 -14.97 -30.04 11.21
N ARG G 93 -13.67 -29.84 10.88
CA ARG G 93 -12.80 -30.91 10.39
C ARG G 93 -12.10 -31.44 11.65
N ASP G 94 -12.23 -32.75 11.93
CA ASP G 94 -11.63 -33.35 13.12
C ASP G 94 -10.15 -33.73 12.86
N SER G 95 -9.50 -34.49 13.77
CA SER G 95 -8.10 -34.89 13.61
C SER G 95 -7.83 -35.70 12.33
N ASN G 96 -8.87 -36.39 11.83
CA ASN G 96 -8.81 -37.23 10.63
C ASN G 96 -9.42 -36.59 9.41
N TYR G 97 -9.65 -35.25 9.49
CA TYR G 97 -10.20 -34.37 8.44
C TYR G 97 -11.63 -34.67 8.07
N GLN G 98 -12.35 -35.37 8.95
CA GLN G 98 -13.77 -35.66 8.71
C GLN G 98 -14.55 -34.41 9.01
N LEU G 99 -15.34 -34.00 8.03
CA LEU G 99 -16.14 -32.79 8.12
C LEU G 99 -17.45 -33.19 8.79
N ILE G 100 -17.60 -32.77 10.04
CA ILE G 100 -18.79 -33.04 10.87
C ILE G 100 -19.69 -31.80 10.80
N TRP G 101 -20.94 -31.97 10.39
CA TRP G 101 -21.91 -30.91 10.19
C TRP G 101 -22.89 -30.82 11.32
N GLY G 102 -23.13 -29.60 11.79
CA GLY G 102 -24.14 -29.33 12.79
C GLY G 102 -25.51 -29.33 12.15
N ALA G 103 -26.57 -29.51 12.97
CA ALA G 103 -27.94 -29.55 12.51
C ALA G 103 -28.40 -28.25 11.85
N GLY G 104 -27.70 -27.16 12.13
CA GLY G 104 -28.03 -25.83 11.61
C GLY G 104 -28.94 -24.99 12.48
N THR G 105 -28.88 -23.66 12.29
CA THR G 105 -29.71 -22.68 13.02
C THR G 105 -30.49 -21.91 11.98
N LYS G 106 -31.83 -21.97 12.06
CA LYS G 106 -32.73 -21.22 11.20
C LYS G 106 -32.84 -19.81 11.77
N LEU G 107 -32.46 -18.80 10.99
CA LEU G 107 -32.55 -17.38 11.35
C LEU G 107 -33.79 -16.76 10.75
N ILE G 108 -34.71 -16.30 11.60
CA ILE G 108 -35.93 -15.58 11.19
C ILE G 108 -35.70 -14.09 11.55
N ILE G 109 -35.88 -13.19 10.59
CA ILE G 109 -35.74 -11.75 10.78
C ILE G 109 -37.12 -11.14 10.80
N LYS G 110 -37.36 -10.28 11.80
CA LYS G 110 -38.61 -9.56 11.93
C LYS G 110 -38.45 -8.21 11.21
N PRO G 111 -39.36 -7.86 10.26
CA PRO G 111 -39.23 -6.55 9.58
C PRO G 111 -39.56 -5.42 10.54
N ASP G 112 -38.94 -4.26 10.35
CA ASP G 112 -39.26 -3.13 11.20
C ASP G 112 -40.50 -2.45 10.59
N ILE G 113 -41.70 -2.73 11.15
CA ILE G 113 -42.95 -2.19 10.62
C ILE G 113 -43.12 -0.72 11.01
N GLN G 114 -42.87 0.16 10.02
CA GLN G 114 -42.92 1.63 10.15
C GLN G 114 -44.29 2.17 10.57
N ASN G 115 -45.33 1.92 9.77
CA ASN G 115 -46.68 2.39 10.05
C ASN G 115 -47.66 1.21 10.09
N PRO G 116 -47.81 0.49 11.23
CA PRO G 116 -48.76 -0.65 11.25
C PRO G 116 -50.21 -0.22 10.99
N ASP G 117 -50.94 -1.02 10.19
CA ASP G 117 -52.31 -0.77 9.81
C ASP G 117 -53.03 -2.13 9.80
N PRO G 118 -53.10 -2.86 10.96
CA PRO G 118 -53.67 -4.23 10.94
C PRO G 118 -55.05 -4.32 10.34
N ALA G 119 -55.27 -5.32 9.47
CA ALA G 119 -56.54 -5.46 8.77
C ALA G 119 -56.79 -6.84 8.26
N VAL G 120 -58.07 -7.25 8.27
CA VAL G 120 -58.50 -8.53 7.71
C VAL G 120 -59.39 -8.24 6.53
N TYR G 121 -58.91 -8.63 5.34
CA TYR G 121 -59.60 -8.37 4.07
C TYR G 121 -60.12 -9.63 3.44
N GLN G 122 -61.30 -9.55 2.82
CA GLN G 122 -61.84 -10.67 2.06
C GLN G 122 -61.51 -10.47 0.60
N LEU G 123 -60.79 -11.42 0.00
CA LEU G 123 -60.43 -11.40 -1.41
C LEU G 123 -61.56 -11.91 -2.25
N ARG G 124 -61.61 -11.41 -3.48
CA ARG G 124 -62.64 -11.79 -4.41
C ARG G 124 -62.58 -13.29 -4.65
N ASP G 125 -63.76 -13.90 -4.70
CA ASP G 125 -63.93 -15.33 -4.99
C ASP G 125 -63.44 -15.58 -6.43
N SER G 126 -62.87 -16.77 -6.67
CA SER G 126 -62.46 -17.25 -7.99
C SER G 126 -63.68 -18.05 -8.51
N LYS G 127 -64.05 -17.89 -9.80
CA LYS G 127 -65.16 -18.66 -10.35
C LYS G 127 -64.84 -20.14 -10.52
N SER G 128 -63.55 -20.43 -10.47
CA SER G 128 -62.91 -21.71 -10.61
C SER G 128 -62.51 -22.32 -9.25
N SER G 129 -63.05 -21.79 -8.13
CA SER G 129 -62.70 -22.27 -6.79
C SER G 129 -63.83 -22.08 -5.80
N ASP G 130 -64.05 -23.04 -4.92
CA ASP G 130 -65.10 -23.00 -3.87
C ASP G 130 -64.65 -22.38 -2.55
N LYS G 131 -63.39 -21.92 -2.47
CA LYS G 131 -62.78 -21.32 -1.29
C LYS G 131 -63.14 -19.86 -1.17
N SER G 132 -63.23 -19.36 0.10
CA SER G 132 -63.37 -17.95 0.48
C SER G 132 -61.97 -17.66 1.04
N VAL G 133 -61.26 -16.58 0.58
CA VAL G 133 -59.94 -16.30 1.12
C VAL G 133 -59.82 -14.98 1.88
N CYS G 134 -59.28 -15.05 3.09
CA CYS G 134 -59.08 -13.91 4.00
C CYS G 134 -57.61 -13.59 4.11
N LEU G 135 -57.29 -12.31 4.00
CA LEU G 135 -55.93 -11.82 4.13
C LEU G 135 -55.80 -10.99 5.39
N PHE G 136 -54.95 -11.45 6.33
CA PHE G 136 -54.67 -10.64 7.51
C PHE G 136 -53.37 -9.93 7.18
N THR G 137 -53.39 -8.60 7.07
CA THR G 137 -52.16 -7.93 6.63
C THR G 137 -51.84 -6.68 7.42
N ASP G 138 -50.65 -6.11 7.16
CA ASP G 138 -50.17 -4.84 7.68
C ASP G 138 -49.99 -4.72 9.19
N PHE G 139 -49.91 -5.88 9.87
CA PHE G 139 -49.70 -5.95 11.31
C PHE G 139 -48.20 -5.85 11.64
N ASP G 140 -47.92 -5.41 12.88
CA ASP G 140 -46.61 -5.27 13.49
C ASP G 140 -46.04 -6.67 13.69
N SER G 141 -44.72 -6.77 13.68
CA SER G 141 -43.98 -8.02 13.84
C SER G 141 -44.13 -8.74 15.19
N GLN G 142 -44.67 -8.07 16.20
CA GLN G 142 -44.90 -8.70 17.50
C GLN G 142 -46.09 -9.68 17.48
N THR G 143 -46.99 -9.54 16.48
CA THR G 143 -48.16 -10.36 16.24
C THR G 143 -47.74 -11.74 15.73
N ASN G 144 -48.29 -12.78 16.37
CA ASN G 144 -48.04 -14.17 16.02
C ASN G 144 -49.34 -14.76 15.50
N VAL G 145 -49.25 -15.45 14.35
CA VAL G 145 -50.40 -16.09 13.70
C VAL G 145 -50.42 -17.58 14.05
N SER G 146 -51.47 -17.98 14.75
CA SER G 146 -51.71 -19.32 15.21
C SER G 146 -52.42 -20.12 14.12
N GLN G 147 -52.08 -21.42 14.02
CA GLN G 147 -52.70 -22.34 13.07
C GLN G 147 -54.20 -22.48 13.41
N SER G 148 -54.94 -23.10 12.52
CA SER G 148 -56.39 -23.24 12.68
C SER G 148 -56.87 -24.31 13.69
N LYS G 149 -58.02 -24.03 14.34
CA LYS G 149 -58.66 -24.97 15.26
C LYS G 149 -59.46 -25.99 14.41
N ASP G 150 -60.26 -25.50 13.43
CA ASP G 150 -61.08 -26.31 12.51
C ASP G 150 -60.18 -26.97 11.45
N SER G 151 -60.45 -28.26 11.13
CA SER G 151 -59.72 -29.09 10.16
C SER G 151 -60.01 -28.70 8.68
N ASP G 152 -61.17 -28.03 8.45
CA ASP G 152 -61.64 -27.55 7.15
C ASP G 152 -61.28 -26.07 6.90
N VAL G 153 -60.48 -25.46 7.81
CA VAL G 153 -59.97 -24.08 7.74
C VAL G 153 -58.44 -24.19 7.70
N TYR G 154 -57.81 -23.45 6.77
CA TYR G 154 -56.37 -23.47 6.55
C TYR G 154 -55.79 -22.11 6.72
N ILE G 155 -54.85 -22.00 7.66
CA ILE G 155 -54.16 -20.74 7.99
C ILE G 155 -52.64 -20.88 7.78
N THR G 156 -52.08 -20.06 6.89
CA THR G 156 -50.62 -20.05 6.65
C THR G 156 -49.92 -19.17 7.70
N ASP G 157 -48.60 -19.34 7.88
CA ASP G 157 -47.89 -18.49 8.83
C ASP G 157 -47.60 -17.13 8.19
N LYS G 158 -47.09 -16.16 9.00
CA LYS G 158 -46.75 -14.84 8.51
C LYS G 158 -45.60 -14.86 7.51
N CYS G 159 -45.76 -14.06 6.50
CA CYS G 159 -44.86 -13.94 5.37
C CYS G 159 -44.60 -12.44 5.21
N VAL G 160 -43.39 -12.06 4.86
CA VAL G 160 -43.00 -10.67 4.71
C VAL G 160 -42.80 -10.38 3.23
N LEU G 161 -43.52 -9.41 2.70
CA LEU G 161 -43.32 -9.00 1.31
C LEU G 161 -42.64 -7.63 1.26
N ASP G 162 -41.83 -7.41 0.25
CA ASP G 162 -41.13 -6.14 0.11
C ASP G 162 -41.46 -5.51 -1.27
N MET G 163 -42.15 -4.38 -1.22
CA MET G 163 -42.49 -3.62 -2.40
C MET G 163 -41.34 -2.65 -2.58
N ARG G 164 -40.26 -3.16 -3.22
CA ARG G 164 -38.97 -2.50 -3.43
C ARG G 164 -39.09 -1.08 -3.98
N SER G 165 -39.89 -0.88 -5.06
CA SER G 165 -40.15 0.40 -5.73
C SER G 165 -40.67 1.50 -4.78
N MET G 166 -41.40 1.10 -3.73
CA MET G 166 -42.04 1.94 -2.73
C MET G 166 -41.31 1.99 -1.37
N ASP G 167 -40.20 1.21 -1.21
CA ASP G 167 -39.43 1.10 0.05
C ASP G 167 -40.39 0.72 1.22
N PHE G 168 -41.32 -0.20 0.92
CA PHE G 168 -42.36 -0.65 1.83
C PHE G 168 -42.31 -2.15 2.05
N LYS G 169 -42.47 -2.57 3.32
CA LYS G 169 -42.50 -3.97 3.77
C LYS G 169 -43.78 -4.23 4.55
N SER G 170 -44.37 -5.40 4.34
CA SER G 170 -45.58 -5.76 5.09
C SER G 170 -45.67 -7.25 5.39
N ASN G 171 -46.22 -7.57 6.58
CA ASN G 171 -46.48 -8.95 7.00
C ASN G 171 -47.91 -9.29 6.57
N SER G 172 -48.19 -10.56 6.33
CA SER G 172 -49.52 -11.11 6.02
C SER G 172 -49.56 -12.60 6.30
N ALA G 173 -50.76 -13.10 6.60
CA ALA G 173 -51.14 -14.50 6.74
C ALA G 173 -52.44 -14.65 5.95
N VAL G 174 -52.61 -15.80 5.30
CA VAL G 174 -53.77 -16.11 4.49
C VAL G 174 -54.58 -17.20 5.18
N ALA G 175 -55.92 -17.06 5.16
CA ALA G 175 -56.84 -18.05 5.72
C ALA G 175 -57.89 -18.37 4.68
N TRP G 176 -58.18 -19.67 4.51
CA TRP G 176 -59.21 -20.09 3.57
C TRP G 176 -59.96 -21.29 4.06
N SER G 177 -61.12 -21.51 3.48
CA SER G 177 -61.99 -22.61 3.81
C SER G 177 -63.05 -22.72 2.72
N ASN G 178 -63.65 -23.93 2.62
CA ASN G 178 -64.76 -24.38 1.77
C ASN G 178 -66.06 -24.16 2.54
N LYS G 179 -65.98 -24.28 3.90
CA LYS G 179 -67.09 -24.26 4.87
C LYS G 179 -68.00 -23.09 4.71
N SER G 180 -69.32 -23.34 4.64
CA SER G 180 -70.35 -22.31 4.50
C SER G 180 -70.27 -21.30 5.65
N ASP G 181 -70.14 -21.79 6.89
CA ASP G 181 -70.04 -21.01 8.11
C ASP G 181 -68.79 -20.10 8.21
N PHE G 182 -67.80 -20.26 7.31
CA PHE G 182 -66.54 -19.50 7.29
C PHE G 182 -66.68 -18.03 6.85
N ALA G 183 -66.09 -17.12 7.66
CA ALA G 183 -66.08 -15.69 7.41
C ALA G 183 -64.78 -15.10 7.90
N CYS G 184 -64.39 -13.96 7.32
CA CYS G 184 -63.16 -13.27 7.65
C CYS G 184 -63.12 -12.67 9.05
N ALA G 185 -64.31 -12.33 9.59
CA ALA G 185 -64.50 -11.80 10.93
C ALA G 185 -64.10 -12.82 12.00
N ASN G 186 -64.29 -14.11 11.73
CA ASN G 186 -63.97 -15.20 12.65
C ASN G 186 -62.74 -16.06 12.20
N ALA G 187 -62.08 -15.72 11.06
CA ALA G 187 -60.97 -16.50 10.50
C ALA G 187 -59.76 -16.63 11.38
N PHE G 188 -59.37 -15.50 12.03
CA PHE G 188 -58.18 -15.43 12.87
C PHE G 188 -58.48 -15.35 14.39
N ASN G 189 -59.63 -15.91 14.81
CA ASN G 189 -60.07 -15.97 16.21
C ASN G 189 -59.11 -16.69 17.17
N ASN G 190 -58.29 -17.63 16.65
CA ASN G 190 -57.34 -18.41 17.45
C ASN G 190 -55.98 -17.70 17.57
N SER G 191 -55.82 -16.54 16.90
CA SER G 191 -54.58 -15.76 16.99
C SER G 191 -54.88 -14.53 17.81
N ILE G 192 -53.86 -14.00 18.54
CA ILE G 192 -54.04 -12.75 19.30
C ILE G 192 -53.79 -11.60 18.31
N ILE G 193 -54.89 -11.06 17.78
CA ILE G 193 -54.98 -10.01 16.79
C ILE G 193 -54.88 -8.61 17.50
N PRO G 194 -54.23 -7.56 16.94
CA PRO G 194 -54.27 -6.24 17.63
C PRO G 194 -55.73 -5.75 17.83
N GLU G 195 -55.94 -4.86 18.81
CA GLU G 195 -57.26 -4.28 19.14
C GLU G 195 -57.74 -3.33 18.06
N ASP G 196 -56.78 -2.66 17.39
CA ASP G 196 -57.06 -1.68 16.34
C ASP G 196 -57.31 -2.33 14.96
N THR G 197 -57.32 -3.68 14.88
CA THR G 197 -57.53 -4.41 13.61
C THR G 197 -58.79 -3.97 12.89
N PHE G 198 -58.62 -3.58 11.64
CA PHE G 198 -59.67 -3.11 10.75
C PHE G 198 -60.41 -4.26 10.12
N PHE G 199 -61.73 -4.30 10.29
CA PHE G 199 -62.59 -5.32 9.69
C PHE G 199 -63.63 -4.65 8.82
N PRO G 200 -63.40 -4.55 7.50
CA PRO G 200 -64.39 -3.92 6.60
C PRO G 200 -65.74 -4.62 6.56
N GLY H 5 -19.80 -24.49 -11.34
CA GLY H 5 -19.18 -25.09 -10.16
C GLY H 5 -19.58 -26.54 -10.05
N VAL H 6 -20.44 -26.89 -9.05
CA VAL H 6 -20.99 -28.23 -8.88
C VAL H 6 -22.36 -28.31 -9.57
N THR H 7 -22.52 -29.28 -10.50
CA THR H 7 -23.77 -29.54 -11.25
C THR H 7 -24.29 -30.90 -10.89
N GLN H 8 -25.48 -30.97 -10.26
CA GLN H 8 -26.09 -32.27 -9.98
C GLN H 8 -27.52 -32.38 -10.60
N THR H 9 -27.90 -33.56 -11.03
CA THR H 9 -29.20 -33.84 -11.63
C THR H 9 -29.72 -35.14 -11.02
N PRO H 10 -31.06 -35.37 -10.97
CA PRO H 10 -32.15 -34.43 -11.29
C PRO H 10 -32.47 -33.52 -10.11
N LYS H 11 -33.15 -32.38 -10.33
CA LYS H 11 -33.55 -31.51 -9.20
C LYS H 11 -34.67 -32.20 -8.38
N PHE H 12 -35.57 -32.98 -9.08
CA PHE H 12 -36.70 -33.69 -8.48
C PHE H 12 -36.90 -35.11 -8.99
N GLN H 13 -37.35 -36.02 -8.10
CA GLN H 13 -37.64 -37.41 -8.44
C GLN H 13 -38.61 -38.05 -7.48
N VAL H 14 -39.58 -38.77 -8.06
CA VAL H 14 -40.58 -39.59 -7.38
C VAL H 14 -40.20 -41.01 -7.81
N LEU H 15 -40.04 -41.91 -6.85
CA LEU H 15 -39.71 -43.32 -7.08
C LEU H 15 -40.68 -44.19 -6.32
N LYS H 16 -40.93 -45.42 -6.84
CA LYS H 16 -41.75 -46.43 -6.15
C LYS H 16 -40.73 -47.31 -5.41
N THR H 17 -41.12 -47.83 -4.21
CA THR H 17 -40.26 -48.72 -3.38
C THR H 17 -39.74 -49.86 -4.27
N GLY H 18 -38.42 -50.02 -4.30
CA GLY H 18 -37.76 -51.07 -5.08
C GLY H 18 -37.18 -50.64 -6.41
N GLN H 19 -37.51 -49.43 -6.85
CA GLN H 19 -36.94 -48.89 -8.09
C GLN H 19 -35.46 -48.47 -7.88
N SER H 20 -34.65 -48.61 -8.94
CA SER H 20 -33.26 -48.20 -8.90
C SER H 20 -33.20 -46.77 -9.44
N MET H 21 -32.20 -46.01 -8.98
CA MET H 21 -32.07 -44.60 -9.30
C MET H 21 -30.62 -44.13 -9.26
N THR H 22 -30.21 -43.29 -10.24
CA THR H 22 -28.87 -42.70 -10.31
C THR H 22 -28.93 -41.19 -10.29
N LEU H 23 -28.17 -40.59 -9.37
CA LEU H 23 -28.04 -39.16 -9.23
C LEU H 23 -26.67 -38.84 -9.79
N GLN H 24 -26.60 -37.90 -10.70
CA GLN H 24 -25.34 -37.53 -11.35
C GLN H 24 -24.79 -36.25 -10.79
N CYS H 25 -23.48 -36.18 -10.68
CA CYS H 25 -22.81 -34.98 -10.20
C CYS H 25 -21.54 -34.70 -10.97
N ALA H 26 -21.32 -33.43 -11.35
CA ALA H 26 -20.11 -33.02 -12.07
C ALA H 26 -19.56 -31.72 -11.54
N GLN H 27 -18.23 -31.62 -11.48
CA GLN H 27 -17.56 -30.38 -11.09
C GLN H 27 -16.46 -29.98 -12.10
N ASP H 28 -16.43 -28.69 -12.52
CA ASP H 28 -15.47 -28.14 -13.49
C ASP H 28 -14.35 -27.35 -12.80
N MET H 29 -14.16 -27.55 -11.48
CA MET H 29 -13.18 -26.83 -10.63
C MET H 29 -11.86 -27.55 -10.46
N ASN H 30 -11.70 -28.71 -11.14
CA ASN H 30 -10.52 -29.58 -11.12
C ASN H 30 -10.23 -30.02 -9.70
N HIS H 31 -11.31 -30.27 -8.93
CA HIS H 31 -11.26 -30.66 -7.53
C HIS H 31 -10.98 -32.12 -7.37
N ASN H 32 -10.31 -32.49 -6.28
CA ASN H 32 -9.99 -33.89 -6.03
C ASN H 32 -11.06 -34.58 -5.24
N SER H 33 -11.45 -33.97 -4.09
CA SER H 33 -12.43 -34.50 -3.14
C SER H 33 -13.84 -34.25 -3.58
N MET H 34 -14.65 -35.30 -3.57
CA MET H 34 -16.07 -35.25 -3.92
C MET H 34 -16.86 -35.97 -2.85
N TYR H 35 -18.08 -35.46 -2.60
CA TYR H 35 -18.93 -35.96 -1.53
C TYR H 35 -20.37 -36.06 -1.90
N TRP H 36 -21.06 -37.01 -1.30
CA TRP H 36 -22.52 -37.16 -1.43
C TRP H 36 -23.07 -37.16 -0.02
N TYR H 37 -23.89 -36.15 0.24
CA TYR H 37 -24.56 -35.97 1.51
C TYR H 37 -26.07 -36.13 1.35
N ARG H 38 -26.76 -36.43 2.47
CA ARG H 38 -28.21 -36.39 2.57
C ARG H 38 -28.56 -35.43 3.68
N GLN H 39 -29.54 -34.59 3.43
CA GLN H 39 -29.98 -33.59 4.40
C GLN H 39 -31.41 -33.89 4.79
N ASP H 40 -31.61 -34.13 6.07
CA ASP H 40 -32.90 -34.50 6.61
C ASP H 40 -33.29 -33.52 7.71
N PRO H 41 -34.62 -33.34 7.95
CA PRO H 41 -35.04 -32.42 9.01
C PRO H 41 -34.55 -32.82 10.39
N GLY H 42 -34.22 -31.81 11.18
CA GLY H 42 -33.73 -32.00 12.54
C GLY H 42 -32.28 -32.35 12.67
N MET H 43 -31.60 -32.70 11.57
CA MET H 43 -30.20 -33.12 11.66
C MET H 43 -29.27 -32.49 10.63
N GLY H 44 -27.97 -32.54 10.94
CA GLY H 44 -26.93 -32.03 10.05
C GLY H 44 -26.75 -32.94 8.86
N LEU H 45 -26.01 -32.47 7.85
CA LEU H 45 -25.72 -33.23 6.66
C LEU H 45 -25.03 -34.54 7.04
N ARG H 46 -25.45 -35.68 6.41
CA ARG H 46 -24.83 -36.96 6.68
C ARG H 46 -24.18 -37.47 5.46
N LEU H 47 -22.88 -37.75 5.56
CA LEU H 47 -22.09 -38.19 4.44
C LEU H 47 -22.44 -39.63 4.13
N ILE H 48 -22.83 -39.88 2.87
CA ILE H 48 -23.21 -41.22 2.43
C ILE H 48 -21.90 -41.94 1.98
N TYR H 49 -21.21 -41.33 0.99
CA TYR H 49 -19.96 -41.80 0.39
C TYR H 49 -19.13 -40.61 0.01
N TYR H 50 -17.83 -40.83 -0.10
CA TYR H 50 -16.93 -39.77 -0.52
C TYR H 50 -15.87 -40.41 -1.41
N SER H 51 -15.18 -39.59 -2.18
CA SER H 51 -14.15 -39.98 -3.13
C SER H 51 -13.04 -38.94 -2.95
N ALA H 52 -11.90 -39.37 -2.35
CA ALA H 52 -10.73 -38.52 -2.06
C ALA H 52 -9.98 -37.98 -3.31
N SER H 53 -10.06 -38.71 -4.44
CA SER H 53 -9.44 -38.32 -5.71
C SER H 53 -10.06 -39.21 -6.79
N GLU H 54 -9.67 -39.02 -8.07
CA GLU H 54 -10.17 -39.95 -9.07
C GLU H 54 -9.44 -41.27 -8.81
N GLY H 55 -10.16 -42.37 -8.97
CA GLY H 55 -9.60 -43.69 -8.75
C GLY H 55 -9.83 -44.28 -7.37
N THR H 56 -10.56 -43.55 -6.50
CA THR H 56 -10.86 -44.01 -5.15
C THR H 56 -12.18 -43.52 -4.60
N THR H 57 -12.87 -44.39 -3.81
CA THR H 57 -14.11 -44.07 -3.09
C THR H 57 -14.14 -44.80 -1.75
N ASP H 58 -14.83 -44.24 -0.77
CA ASP H 58 -15.02 -44.90 0.52
C ASP H 58 -16.36 -44.52 1.12
N LYS H 59 -16.84 -45.36 2.07
CA LYS H 59 -18.11 -45.19 2.79
C LYS H 59 -18.02 -43.97 3.67
N GLY H 60 -19.17 -43.35 3.90
CA GLY H 60 -19.34 -42.24 4.82
C GLY H 60 -20.00 -42.79 6.08
N GLU H 61 -20.87 -41.99 6.69
CA GLU H 61 -21.62 -42.32 7.91
C GLU H 61 -22.81 -43.26 7.65
N VAL H 62 -23.55 -42.99 6.54
CA VAL H 62 -24.78 -43.69 6.18
C VAL H 62 -24.69 -44.36 4.80
N PRO H 63 -23.77 -45.34 4.56
CA PRO H 63 -23.66 -45.90 3.20
C PRO H 63 -24.69 -46.95 2.80
N ASN H 64 -25.41 -47.54 3.78
CA ASN H 64 -26.37 -48.63 3.53
C ASN H 64 -27.55 -48.27 2.66
N GLY H 65 -27.65 -48.96 1.52
CA GLY H 65 -28.71 -48.75 0.52
C GLY H 65 -28.25 -47.92 -0.66
N TYR H 66 -26.96 -47.52 -0.66
CA TYR H 66 -26.31 -46.71 -1.68
C TYR H 66 -24.97 -47.30 -2.14
N ASN H 67 -24.52 -46.85 -3.33
CA ASN H 67 -23.22 -47.17 -3.95
C ASN H 67 -22.81 -45.97 -4.78
N VAL H 68 -21.51 -45.86 -5.12
CA VAL H 68 -21.00 -44.71 -5.87
C VAL H 68 -20.01 -45.11 -6.94
N SER H 69 -19.80 -44.22 -7.90
CA SER H 69 -18.78 -44.41 -8.91
C SER H 69 -18.12 -43.08 -9.18
N ARG H 70 -16.80 -43.00 -8.90
CA ARG H 70 -16.02 -41.82 -9.29
C ARG H 70 -15.69 -42.18 -10.74
N LEU H 71 -16.50 -41.69 -11.68
CA LEU H 71 -16.36 -42.06 -13.09
C LEU H 71 -15.04 -41.57 -13.70
N ASN H 72 -14.63 -40.36 -13.30
CA ASN H 72 -13.42 -39.67 -13.71
C ASN H 72 -13.19 -38.56 -12.67
N LYS H 73 -12.24 -37.61 -12.89
CA LYS H 73 -11.96 -36.52 -11.94
C LYS H 73 -13.11 -35.53 -11.77
N ARG H 74 -13.98 -35.42 -12.78
CA ARG H 74 -15.11 -34.52 -12.76
C ARG H 74 -16.40 -35.09 -12.18
N GLU H 75 -16.69 -36.39 -12.46
CA GLU H 75 -17.97 -37.04 -12.12
C GLU H 75 -17.99 -38.08 -11.02
N PHE H 76 -19.00 -37.98 -10.16
CA PHE H 76 -19.26 -38.81 -8.99
C PHE H 76 -20.76 -39.12 -8.92
N SER H 77 -21.12 -40.32 -9.33
CA SER H 77 -22.49 -40.79 -9.34
C SER H 77 -22.89 -41.45 -8.03
N LEU H 78 -24.15 -41.32 -7.65
CA LEU H 78 -24.75 -41.93 -6.47
C LEU H 78 -25.86 -42.83 -6.95
N ARG H 79 -25.80 -44.11 -6.59
CA ARG H 79 -26.87 -45.03 -7.00
C ARG H 79 -27.66 -45.58 -5.82
N LEU H 80 -28.98 -45.63 -5.96
CA LEU H 80 -29.96 -46.23 -5.04
C LEU H 80 -30.38 -47.51 -5.77
N GLU H 81 -29.90 -48.66 -5.29
CA GLU H 81 -30.13 -49.95 -5.97
C GLU H 81 -31.57 -50.44 -5.89
N SER H 82 -32.21 -50.22 -4.73
CA SER H 82 -33.60 -50.60 -4.49
C SER H 82 -34.16 -49.60 -3.53
N ALA H 83 -34.70 -48.52 -4.09
CA ALA H 83 -35.27 -47.41 -3.34
C ALA H 83 -36.17 -47.86 -2.20
N ALA H 84 -35.96 -47.28 -1.04
CA ALA H 84 -36.76 -47.52 0.15
C ALA H 84 -37.33 -46.17 0.65
N PRO H 85 -38.53 -46.12 1.28
CA PRO H 85 -39.08 -44.83 1.74
C PRO H 85 -38.20 -44.01 2.67
N SER H 86 -37.28 -44.64 3.42
CA SER H 86 -36.34 -43.95 4.32
C SER H 86 -35.32 -43.11 3.53
N GLN H 87 -35.25 -43.34 2.20
CA GLN H 87 -34.35 -42.64 1.28
C GLN H 87 -35.00 -41.37 0.71
N THR H 88 -36.23 -41.04 1.17
CA THR H 88 -36.87 -39.79 0.87
C THR H 88 -35.98 -38.77 1.61
N SER H 89 -35.32 -37.88 0.83
CA SER H 89 -34.41 -36.88 1.38
C SER H 89 -34.03 -35.84 0.32
N VAL H 90 -33.24 -34.84 0.73
CA VAL H 90 -32.60 -33.87 -0.13
C VAL H 90 -31.12 -34.27 -0.18
N TYR H 91 -30.61 -34.59 -1.38
CA TYR H 91 -29.22 -35.03 -1.60
C TYR H 91 -28.36 -33.93 -2.18
N PHE H 92 -27.21 -33.67 -1.56
CA PHE H 92 -26.28 -32.65 -2.04
C PHE H 92 -24.97 -33.29 -2.36
N CYS H 93 -24.47 -33.00 -3.55
CA CYS H 93 -23.14 -33.34 -4.00
C CYS H 93 -22.27 -32.17 -3.55
N ALA H 94 -21.03 -32.44 -3.21
CA ALA H 94 -20.10 -31.39 -2.85
C ALA H 94 -18.71 -31.74 -3.35
N SER H 95 -17.84 -30.72 -3.40
CA SER H 95 -16.43 -30.89 -3.78
C SER H 95 -15.50 -29.85 -3.17
N SER H 96 -14.22 -30.22 -2.96
CA SER H 96 -13.13 -29.38 -2.50
C SER H 96 -11.83 -29.86 -3.17
N ALA H 97 -10.83 -28.98 -3.21
CA ALA H 97 -9.53 -29.24 -3.79
C ALA H 97 -8.75 -30.33 -3.03
N ALA H 98 -8.91 -30.36 -1.69
CA ALA H 98 -8.26 -31.21 -0.70
C ALA H 98 -9.06 -31.13 0.62
N VAL H 99 -8.66 -31.95 1.61
CA VAL H 99 -9.34 -32.06 2.90
C VAL H 99 -8.88 -31.04 3.91
N GLU H 100 -7.60 -30.64 3.81
CA GLU H 100 -7.02 -29.70 4.77
C GLU H 100 -7.70 -28.35 4.72
N GLY H 101 -7.42 -27.51 5.71
CA GLY H 101 -7.90 -26.13 5.74
C GLY H 101 -7.25 -25.39 4.60
N GLY H 102 -7.92 -24.36 4.11
CA GLY H 102 -7.46 -23.61 2.95
C GLY H 102 -8.12 -24.04 1.66
N ASN H 103 -9.14 -24.93 1.75
CA ASN H 103 -9.91 -25.53 0.65
C ASN H 103 -11.42 -25.52 1.00
N THR H 104 -12.15 -24.56 0.40
CA THR H 104 -13.59 -24.40 0.59
C THR H 104 -14.36 -25.55 -0.08
N ILE H 105 -15.46 -26.00 0.58
CA ILE H 105 -16.37 -27.01 0.07
C ILE H 105 -17.47 -26.28 -0.74
N TYR H 106 -17.70 -26.78 -1.97
CA TYR H 106 -18.69 -26.26 -2.90
C TYR H 106 -19.78 -27.27 -3.07
N PHE H 107 -21.05 -26.82 -2.98
CA PHE H 107 -22.24 -27.68 -3.10
C PHE H 107 -22.96 -27.56 -4.40
N GLY H 108 -23.62 -28.65 -4.77
CA GLY H 108 -24.50 -28.77 -5.92
C GLY H 108 -25.80 -28.11 -5.53
N GLU H 109 -26.77 -28.12 -6.42
CA GLU H 109 -28.04 -27.40 -6.15
C GLU H 109 -29.04 -28.16 -5.28
N GLY H 110 -28.81 -29.46 -5.12
CA GLY H 110 -29.71 -30.32 -4.36
C GLY H 110 -30.64 -31.15 -5.23
N SER H 111 -31.04 -32.34 -4.73
CA SER H 111 -31.90 -33.29 -5.43
C SER H 111 -32.92 -33.83 -4.45
N ARG H 112 -34.16 -33.38 -4.59
CA ARG H 112 -35.28 -33.81 -3.74
C ARG H 112 -35.81 -35.12 -4.27
N LEU H 113 -35.68 -36.17 -3.44
CA LEU H 113 -36.17 -37.51 -3.76
C LEU H 113 -37.28 -37.88 -2.84
N THR H 114 -38.34 -38.45 -3.41
CA THR H 114 -39.48 -38.94 -2.66
C THR H 114 -39.73 -40.38 -3.08
N VAL H 115 -39.61 -41.30 -2.13
CA VAL H 115 -39.78 -42.74 -2.34
C VAL H 115 -41.09 -43.17 -1.68
N LEU H 116 -42.03 -43.69 -2.49
CA LEU H 116 -43.35 -44.10 -2.03
C LEU H 116 -43.58 -45.58 -2.21
N GLU H 117 -44.40 -46.20 -1.31
CA GLU H 117 -44.82 -47.62 -1.42
C GLU H 117 -45.64 -47.83 -2.71
N ASP H 118 -46.46 -46.84 -3.06
CA ASP H 118 -47.28 -46.73 -4.26
C ASP H 118 -47.53 -45.27 -4.61
N LEU H 119 -47.81 -45.01 -5.90
CA LEU H 119 -47.97 -43.69 -6.48
C LEU H 119 -49.39 -43.15 -6.43
N LYS H 120 -50.32 -43.92 -5.82
CA LYS H 120 -51.75 -43.57 -5.62
C LYS H 120 -51.94 -42.29 -4.77
N ASN H 121 -50.84 -41.83 -4.14
CA ASN H 121 -50.71 -40.69 -3.25
C ASN H 121 -50.22 -39.40 -3.96
N VAL H 122 -49.66 -39.52 -5.18
CA VAL H 122 -49.13 -38.41 -5.99
C VAL H 122 -50.27 -37.56 -6.57
N PHE H 123 -50.28 -36.26 -6.27
CA PHE H 123 -51.29 -35.33 -6.74
C PHE H 123 -50.68 -34.03 -7.25
N PRO H 124 -51.10 -33.53 -8.44
CA PRO H 124 -50.60 -32.19 -8.87
C PRO H 124 -51.35 -31.12 -8.09
N PRO H 125 -50.97 -29.82 -8.08
CA PRO H 125 -51.76 -28.86 -7.31
C PRO H 125 -52.99 -28.35 -8.07
N GLU H 126 -53.96 -27.82 -7.33
CA GLU H 126 -55.09 -27.12 -7.90
C GLU H 126 -54.65 -25.67 -7.65
N VAL H 127 -54.57 -24.85 -8.72
CA VAL H 127 -54.15 -23.46 -8.67
C VAL H 127 -55.31 -22.46 -8.92
N ALA H 128 -55.51 -21.53 -7.98
CA ALA H 128 -56.54 -20.47 -8.06
C ALA H 128 -55.94 -19.14 -7.55
N VAL H 129 -56.25 -18.03 -8.27
CA VAL H 129 -55.86 -16.64 -8.03
C VAL H 129 -57.09 -15.91 -7.49
N PHE H 130 -56.88 -15.10 -6.41
CA PHE H 130 -57.89 -14.34 -5.71
C PHE H 130 -57.60 -12.88 -5.82
N GLU H 131 -58.55 -12.16 -6.45
CA GLU H 131 -58.42 -10.74 -6.75
C GLU H 131 -58.40 -9.86 -5.53
N PRO H 132 -57.69 -8.70 -5.59
CA PRO H 132 -57.62 -7.82 -4.42
C PRO H 132 -58.96 -7.33 -3.87
N SER H 133 -59.02 -7.16 -2.53
CA SER H 133 -60.16 -6.64 -1.80
C SER H 133 -60.27 -5.17 -2.11
N GLU H 134 -61.48 -4.70 -2.50
CA GLU H 134 -61.73 -3.29 -2.81
C GLU H 134 -61.55 -2.39 -1.54
N ALA H 135 -61.80 -2.96 -0.35
CA ALA H 135 -61.64 -2.30 0.94
C ALA H 135 -60.16 -2.01 1.24
N GLU H 136 -59.24 -2.91 0.80
CA GLU H 136 -57.78 -2.75 0.95
C GLU H 136 -57.27 -1.65 0.04
N ILE H 137 -57.79 -1.61 -1.19
CA ILE H 137 -57.49 -0.59 -2.21
C ILE H 137 -57.86 0.81 -1.69
N SER H 138 -59.05 0.95 -1.06
CA SER H 138 -59.52 2.21 -0.51
C SER H 138 -58.70 2.62 0.74
N HIS H 139 -58.50 1.67 1.65
CA HIS H 139 -57.79 1.87 2.90
C HIS H 139 -56.30 2.11 2.75
N THR H 140 -55.62 1.41 1.82
CA THR H 140 -54.15 1.47 1.74
C THR H 140 -53.55 2.01 0.45
N GLN H 141 -54.34 2.04 -0.64
CA GLN H 141 -53.87 2.42 -1.97
C GLN H 141 -52.92 1.36 -2.55
N LYS H 142 -53.09 0.12 -2.05
CA LYS H 142 -52.32 -1.06 -2.39
C LYS H 142 -53.29 -2.18 -2.63
N ALA H 143 -52.92 -3.12 -3.52
CA ALA H 143 -53.76 -4.25 -3.93
C ALA H 143 -52.97 -5.56 -3.83
N THR H 144 -53.46 -6.53 -3.03
CA THR H 144 -52.81 -7.85 -2.83
C THR H 144 -53.61 -8.93 -3.54
N LEU H 145 -52.95 -9.61 -4.49
CA LEU H 145 -53.50 -10.75 -5.19
C LEU H 145 -52.99 -11.96 -4.42
N VAL H 146 -53.85 -12.97 -4.22
CA VAL H 146 -53.45 -14.18 -3.51
C VAL H 146 -53.56 -15.37 -4.41
N CYS H 147 -52.51 -16.19 -4.44
CA CYS H 147 -52.50 -17.43 -5.17
C CYS H 147 -52.43 -18.64 -4.22
N LEU H 148 -53.33 -19.61 -4.43
CA LEU H 148 -53.38 -20.84 -3.67
C LEU H 148 -53.14 -22.01 -4.57
N ALA H 149 -52.16 -22.83 -4.18
CA ALA H 149 -51.77 -24.10 -4.80
C ALA H 149 -52.09 -25.09 -3.68
N THR H 150 -53.07 -25.93 -3.89
CA THR H 150 -53.58 -26.88 -2.88
C THR H 150 -53.70 -28.30 -3.42
N GLY H 151 -53.64 -29.25 -2.51
CA GLY H 151 -53.85 -30.66 -2.78
C GLY H 151 -52.78 -31.39 -3.53
N PHE H 152 -51.55 -30.87 -3.51
CA PHE H 152 -50.42 -31.52 -4.20
C PHE H 152 -49.64 -32.46 -3.28
N TYR H 153 -49.03 -33.47 -3.88
CA TYR H 153 -48.19 -34.48 -3.23
C TYR H 153 -47.29 -35.21 -4.25
N PRO H 154 -45.98 -35.32 -4.01
CA PRO H 154 -45.25 -34.78 -2.85
C PRO H 154 -45.02 -33.27 -2.96
N ASP H 155 -44.33 -32.71 -1.97
CA ASP H 155 -43.99 -31.29 -1.95
C ASP H 155 -42.85 -31.02 -2.99
N HIS H 156 -43.19 -31.06 -4.31
CA HIS H 156 -42.29 -30.85 -5.45
C HIS H 156 -42.90 -29.77 -6.35
N VAL H 157 -42.97 -28.51 -5.86
CA VAL H 157 -43.56 -27.39 -6.60
C VAL H 157 -42.67 -26.17 -6.62
N GLU H 158 -42.85 -25.32 -7.64
CA GLU H 158 -42.13 -24.05 -7.82
C GLU H 158 -43.16 -23.06 -8.30
N LEU H 159 -43.54 -22.13 -7.42
CA LEU H 159 -44.55 -21.11 -7.65
C LEU H 159 -43.86 -19.82 -8.12
N SER H 160 -44.34 -19.24 -9.23
CA SER H 160 -43.84 -18.00 -9.80
C SER H 160 -45.04 -17.09 -10.20
N TRP H 161 -44.82 -15.77 -10.21
CA TRP H 161 -45.82 -14.76 -10.58
C TRP H 161 -45.35 -14.08 -11.86
N TRP H 162 -46.26 -13.90 -12.80
CA TRP H 162 -46.00 -13.32 -14.11
C TRP H 162 -46.95 -12.16 -14.32
N VAL H 163 -46.38 -10.96 -14.47
CA VAL H 163 -47.12 -9.73 -14.69
C VAL H 163 -46.76 -9.29 -16.11
N ASN H 164 -47.78 -9.30 -17.02
CA ASN H 164 -47.63 -8.93 -18.43
C ASN H 164 -46.54 -9.81 -19.13
N GLY H 165 -46.64 -11.12 -18.91
CA GLY H 165 -45.74 -12.12 -19.47
C GLY H 165 -44.33 -12.19 -18.93
N LYS H 166 -43.99 -11.33 -17.97
CA LYS H 166 -42.65 -11.28 -17.37
C LYS H 166 -42.71 -11.66 -15.89
N GLU H 167 -41.82 -12.54 -15.46
CA GLU H 167 -41.74 -12.98 -14.06
C GLU H 167 -41.39 -11.81 -13.11
N VAL H 168 -42.04 -11.76 -11.93
CA VAL H 168 -41.81 -10.72 -10.93
C VAL H 168 -41.45 -11.33 -9.57
N HIS H 169 -40.62 -10.62 -8.82
CA HIS H 169 -40.15 -11.03 -7.51
C HIS H 169 -40.43 -9.93 -6.49
N SER H 170 -40.49 -8.66 -6.96
CA SER H 170 -40.79 -7.52 -6.11
C SER H 170 -42.28 -7.51 -5.73
N GLY H 171 -42.56 -7.37 -4.43
CA GLY H 171 -43.89 -7.35 -3.85
C GLY H 171 -44.53 -8.72 -3.76
N VAL H 172 -43.72 -9.78 -3.89
CA VAL H 172 -44.15 -11.20 -3.85
C VAL H 172 -43.64 -11.87 -2.53
N CYS H 173 -44.53 -12.62 -1.84
CA CYS H 173 -44.22 -13.49 -0.72
C CYS H 173 -44.86 -14.85 -0.91
N THR H 174 -44.06 -15.90 -1.03
CA THR H 174 -44.53 -17.28 -1.15
C THR H 174 -44.12 -17.94 0.12
N ASP H 175 -45.00 -18.78 0.69
CA ASP H 175 -44.71 -19.52 1.92
C ASP H 175 -43.41 -20.31 1.78
N PRO H 176 -42.49 -20.22 2.79
CA PRO H 176 -41.22 -20.97 2.69
C PRO H 176 -41.37 -22.49 2.78
N GLN H 177 -42.39 -22.95 3.52
CA GLN H 177 -42.70 -24.37 3.66
C GLN H 177 -44.19 -24.55 3.38
N PRO H 178 -44.63 -25.64 2.73
CA PRO H 178 -46.07 -25.78 2.51
C PRO H 178 -46.74 -26.19 3.80
N LEU H 179 -48.05 -26.20 3.77
CA LEU H 179 -48.94 -26.52 4.85
C LEU H 179 -49.53 -27.92 4.60
N LYS H 180 -49.45 -28.82 5.61
CA LYS H 180 -50.07 -30.15 5.52
C LYS H 180 -51.58 -29.99 5.73
N GLU H 181 -52.38 -30.41 4.74
CA GLU H 181 -53.84 -30.31 4.84
C GLU H 181 -54.48 -31.24 5.88
N GLN H 182 -53.81 -32.38 6.20
CA GLN H 182 -54.20 -33.37 7.23
C GLN H 182 -52.97 -33.56 8.12
N PRO H 183 -52.67 -32.60 9.06
CA PRO H 183 -51.42 -32.70 9.86
C PRO H 183 -51.12 -33.99 10.62
N ALA H 184 -52.13 -34.76 11.02
CA ALA H 184 -51.96 -36.02 11.74
C ALA H 184 -51.54 -37.19 10.84
N LEU H 185 -51.96 -37.17 9.55
CA LEU H 185 -51.65 -38.19 8.55
C LEU H 185 -50.23 -38.08 8.01
N ASN H 186 -49.53 -39.23 7.88
CA ASN H 186 -48.16 -39.31 7.41
C ASN H 186 -47.95 -38.85 5.97
N ASP H 187 -48.84 -39.25 5.05
CA ASP H 187 -48.73 -38.94 3.63
C ASP H 187 -49.67 -37.79 3.16
N SER H 188 -49.96 -36.81 4.05
CA SER H 188 -50.87 -35.70 3.78
C SER H 188 -50.55 -34.89 2.54
N ARG H 189 -51.59 -34.48 1.79
CA ARG H 189 -51.38 -33.59 0.65
C ARG H 189 -51.04 -32.18 1.20
N TYR H 190 -50.48 -31.30 0.34
CA TYR H 190 -50.03 -29.96 0.74
C TYR H 190 -50.79 -28.79 0.18
N ALA H 191 -50.56 -27.63 0.78
CA ALA H 191 -51.12 -26.36 0.32
C ALA H 191 -50.05 -25.26 0.53
N LEU H 192 -49.92 -24.40 -0.47
CA LEU H 192 -48.95 -23.33 -0.52
C LEU H 192 -49.68 -22.07 -0.94
N SER H 193 -49.39 -20.96 -0.27
CA SER H 193 -49.97 -19.70 -0.64
C SER H 193 -48.88 -18.69 -1.00
N SER H 194 -49.22 -17.82 -1.91
CA SER H 194 -48.31 -16.77 -2.30
C SER H 194 -49.15 -15.54 -2.47
N ARG H 195 -48.49 -14.38 -2.31
CA ARG H 195 -49.11 -13.07 -2.48
C ARG H 195 -48.25 -12.22 -3.39
N LEU H 196 -48.92 -11.40 -4.21
CA LEU H 196 -48.31 -10.38 -5.03
C LEU H 196 -49.05 -9.08 -4.66
N ARG H 197 -48.32 -8.13 -4.08
CA ARG H 197 -48.90 -6.84 -3.75
C ARG H 197 -48.39 -5.80 -4.73
N VAL H 198 -49.32 -5.06 -5.32
CA VAL H 198 -49.07 -3.99 -6.28
C VAL H 198 -49.77 -2.72 -5.77
N SER H 199 -49.48 -1.55 -6.39
CA SER H 199 -50.14 -0.27 -6.03
C SER H 199 -51.58 -0.33 -6.59
N ALA H 200 -52.47 0.54 -6.09
CA ALA H 200 -53.83 0.57 -6.62
C ALA H 200 -53.75 1.01 -8.07
N THR H 201 -52.91 2.04 -8.36
CA THR H 201 -52.67 2.57 -9.72
C THR H 201 -52.41 1.46 -10.76
N PHE H 202 -51.52 0.55 -10.40
CA PHE H 202 -51.09 -0.58 -11.20
C PHE H 202 -52.21 -1.59 -11.41
N TRP H 203 -52.89 -2.03 -10.33
CA TRP H 203 -54.02 -2.97 -10.39
C TRP H 203 -55.18 -2.37 -11.19
N GLN H 204 -55.42 -1.05 -11.04
CA GLN H 204 -56.55 -0.37 -11.67
C GLN H 204 -56.42 -0.14 -13.19
N ASN H 205 -55.25 -0.50 -13.76
CA ASN H 205 -55.07 -0.46 -15.21
C ASN H 205 -55.69 -1.76 -15.81
N PRO H 206 -56.72 -1.64 -16.69
CA PRO H 206 -57.38 -2.84 -17.20
C PRO H 206 -56.60 -3.78 -18.10
N ARG H 207 -55.44 -3.33 -18.63
CA ARG H 207 -54.60 -4.15 -19.50
C ARG H 207 -53.32 -4.68 -18.84
N ASN H 208 -53.38 -4.77 -17.49
CA ASN H 208 -52.31 -5.34 -16.68
C ASN H 208 -52.73 -6.77 -16.41
N HIS H 209 -51.91 -7.76 -16.86
CA HIS H 209 -52.17 -9.21 -16.73
C HIS H 209 -51.31 -9.88 -15.62
N PHE H 210 -51.96 -10.56 -14.69
CA PHE H 210 -51.37 -11.24 -13.55
C PHE H 210 -51.58 -12.73 -13.71
N ARG H 211 -50.52 -13.52 -13.55
CA ARG H 211 -50.60 -14.97 -13.69
C ARG H 211 -49.78 -15.61 -12.63
N CYS H 212 -50.41 -16.51 -11.88
CA CYS H 212 -49.74 -17.31 -10.87
C CYS H 212 -49.50 -18.65 -11.54
N GLN H 213 -48.27 -19.11 -11.48
CA GLN H 213 -47.87 -20.32 -12.16
C GLN H 213 -47.25 -21.34 -11.21
N VAL H 214 -47.67 -22.60 -11.30
CA VAL H 214 -47.11 -23.62 -10.44
C VAL H 214 -46.56 -24.78 -11.23
N GLN H 215 -45.25 -24.94 -11.16
CA GLN H 215 -44.61 -26.08 -11.80
C GLN H 215 -44.61 -27.24 -10.82
N PHE H 216 -45.29 -28.36 -11.18
CA PHE H 216 -45.33 -29.57 -10.38
C PHE H 216 -44.37 -30.61 -10.95
N TYR H 217 -43.61 -31.30 -10.10
CA TYR H 217 -42.68 -32.35 -10.51
C TYR H 217 -43.24 -33.65 -10.01
N GLY H 218 -43.77 -34.44 -10.93
CA GLY H 218 -44.40 -35.69 -10.55
C GLY H 218 -43.85 -36.86 -11.30
N LEU H 219 -44.74 -37.61 -11.92
CA LEU H 219 -44.45 -38.82 -12.69
C LEU H 219 -43.98 -38.56 -14.13
N SER H 220 -43.28 -39.55 -14.67
CA SER H 220 -42.78 -39.53 -16.03
C SER H 220 -43.65 -40.47 -16.86
N GLU H 221 -43.47 -40.46 -18.18
CA GLU H 221 -44.20 -41.33 -19.08
C GLU H 221 -43.92 -42.80 -18.78
N ASN H 222 -42.69 -43.11 -18.25
CA ASN H 222 -42.27 -44.49 -17.92
C ASN H 222 -42.93 -45.10 -16.66
N ASP H 223 -43.52 -44.29 -15.78
CA ASP H 223 -44.18 -44.77 -14.56
C ASP H 223 -45.54 -45.37 -14.86
N GLU H 224 -45.88 -46.48 -14.17
CA GLU H 224 -47.17 -47.16 -14.33
C GLU H 224 -48.27 -46.34 -13.66
N TRP H 225 -49.48 -46.33 -14.22
CA TRP H 225 -50.62 -45.61 -13.64
C TRP H 225 -51.86 -46.48 -13.77
N THR H 226 -52.42 -46.91 -12.62
CA THR H 226 -53.59 -47.78 -12.57
C THR H 226 -54.85 -47.15 -11.92
N GLN H 227 -54.83 -45.84 -11.59
CA GLN H 227 -55.94 -45.14 -10.94
C GLN H 227 -56.93 -44.51 -11.93
N ASP H 228 -58.20 -44.30 -11.48
CA ASP H 228 -59.25 -43.73 -12.33
C ASP H 228 -59.05 -42.25 -12.66
N ARG H 229 -58.35 -41.51 -11.84
CA ARG H 229 -58.04 -40.10 -12.08
C ARG H 229 -56.88 -39.97 -13.09
N ALA H 230 -56.56 -38.73 -13.50
CA ALA H 230 -55.50 -38.47 -14.46
C ALA H 230 -54.11 -38.73 -13.85
N LYS H 231 -53.17 -39.25 -14.69
CA LYS H 231 -51.78 -39.52 -14.32
C LYS H 231 -51.10 -38.21 -13.85
N PRO H 232 -50.60 -38.17 -12.57
CA PRO H 232 -50.02 -36.93 -12.02
C PRO H 232 -48.58 -36.66 -12.46
N VAL H 233 -48.43 -36.41 -13.76
CA VAL H 233 -47.17 -36.13 -14.45
C VAL H 233 -46.67 -34.72 -14.14
N THR H 234 -45.37 -34.49 -14.40
CA THR H 234 -44.74 -33.17 -14.34
C THR H 234 -45.58 -32.29 -15.28
N GLN H 235 -46.02 -31.16 -14.77
CA GLN H 235 -46.89 -30.22 -15.49
C GLN H 235 -46.85 -28.86 -14.85
N ILE H 236 -47.33 -27.87 -15.61
CA ILE H 236 -47.50 -26.51 -15.14
C ILE H 236 -49.01 -26.25 -14.95
N VAL H 237 -49.43 -25.88 -13.72
CA VAL H 237 -50.82 -25.51 -13.43
C VAL H 237 -50.83 -23.99 -13.20
N SER H 238 -51.77 -23.23 -13.84
CA SER H 238 -51.80 -21.78 -13.63
C SER H 238 -53.18 -21.12 -13.52
N ALA H 239 -53.22 -19.93 -12.87
CA ALA H 239 -54.43 -19.13 -12.69
C ALA H 239 -54.12 -17.69 -13.08
N GLU H 240 -55.04 -17.02 -13.70
CA GLU H 240 -54.78 -15.65 -14.14
C GLU H 240 -55.78 -14.61 -13.60
N ALA H 241 -55.48 -13.33 -13.88
CA ALA H 241 -56.32 -12.18 -13.56
C ALA H 241 -55.87 -11.00 -14.37
N TRP H 242 -56.82 -10.08 -14.60
CA TRP H 242 -56.65 -8.81 -15.28
C TRP H 242 -56.96 -7.71 -14.26
N GLY H 243 -56.34 -6.53 -14.43
CA GLY H 243 -56.57 -5.41 -13.53
C GLY H 243 -57.96 -4.88 -13.76
N ARG H 244 -58.63 -4.38 -12.72
CA ARG H 244 -60.00 -3.88 -12.86
C ARG H 244 -60.08 -2.36 -12.87
#